data_8TUB
#
_entry.id   8TUB
#
_cell.length_a   49.211
_cell.length_b   90.668
_cell.length_c   104.563
_cell.angle_alpha   97.540
_cell.angle_beta   93.830
_cell.angle_gamma   90.230
#
_symmetry.space_group_name_H-M   'P 1'
#
loop_
_entity.id
_entity.type
_entity.pdbx_description
1 polymer Beta-2-microglobulin
2 polymer 'HLA class I histocompatibility antigen, B-7 alpha chain'
3 polymer HIS-PRO-ASN-GLY-TYR-LYS-SER-LEU-SER-THR-LEU
4 non-polymer 1,2-ETHANEDIOL
5 non-polymer DI(HYDROXYETHYL)ETHER
6 water water
#
loop_
_entity_poly.entity_id
_entity_poly.type
_entity_poly.pdbx_seq_one_letter_code
_entity_poly.pdbx_strand_id
1 'polypeptide(L)'
;IQRTPKIQVYSRHPAENGKSNFLNCYVSGFHPSDIEVDLLKNGERIEKVEHSDLSFSKDWSFYLLYYTEFTPTEKDEYAC
RVNHVTLSQPKIVKWDRDM
;
A,B,E,I
2 'polypeptide(L)'
;GSHSMRYFYTSVSRPGRGEPRFISVGYVDDTQFVRFDSDAASPREEPRAPWIEQEGPEYWDRNTQIYKAQAQTDRESLRN
LRGYYNQSEAGSHTLQSMYGCDVGPDGRLLRGHDQYAYDGKDYIALNEDLRSWTAADTAAQITQRKWEAAREAEQRRAYL
EGECVEWLRRYLENGKDKLERADPPKTHVTHHPISDHEATLRCWALGFYPAEITLTWQRDGEDQTQDTELVETRPAGDRT
FQKWAAVVVPSGEEQRYTCHVQHEGLPKPLTLRWE
;
F,C,G,J
3 'polypeptide(L)' HPNGYKSLSTL Q,D,H,K
#
loop_
_chem_comp.id
_chem_comp.type
_chem_comp.name
_chem_comp.formula
EDO non-polymer 1,2-ETHANEDIOL 'C2 H6 O2'
PEG non-polymer DI(HYDROXYETHYL)ETHER 'C4 H10 O3'
#
# COMPACT_ATOMS: atom_id res chain seq x y z
N ILE A 1 -4.62 -12.95 11.62
CA ILE A 1 -5.82 -13.30 12.37
C ILE A 1 -7.02 -13.59 11.50
N GLN A 2 -7.87 -14.49 11.96
CA GLN A 2 -9.08 -14.85 11.26
C GLN A 2 -10.32 -14.70 12.08
N ARG A 3 -11.32 -14.05 11.51
CA ARG A 3 -12.57 -13.88 12.19
C ARG A 3 -13.78 -14.31 11.39
N THR A 4 -14.65 -15.06 12.04
CA THR A 4 -15.87 -15.61 11.39
C THR A 4 -16.92 -14.52 11.19
N PRO A 5 -17.61 -14.50 10.04
CA PRO A 5 -18.71 -13.57 9.84
C PRO A 5 -20.00 -13.74 10.64
N LYS A 6 -20.52 -12.65 11.21
CA LYS A 6 -21.82 -12.64 11.82
C LYS A 6 -22.78 -12.37 10.65
N ILE A 7 -23.98 -12.93 10.69
CA ILE A 7 -24.91 -12.85 9.56
C ILE A 7 -26.30 -12.49 10.07
N GLN A 8 -26.93 -11.49 9.45
CA GLN A 8 -28.33 -11.19 9.69
C GLN A 8 -29.04 -11.03 8.36
N VAL A 9 -30.21 -11.66 8.24
CA VAL A 9 -31.05 -11.56 7.06
C VAL A 9 -32.35 -10.86 7.45
N TYR A 10 -32.73 -9.81 6.70
CA TYR A 10 -33.84 -8.96 7.13
C TYR A 10 -34.27 -8.05 6.00
N SER A 11 -35.45 -7.45 6.17
CA SER A 11 -36.02 -6.55 5.19
C SER A 11 -35.81 -5.10 5.63
N ARG A 12 -35.74 -4.19 4.65
CA ARG A 12 -35.62 -2.76 4.95
C ARG A 12 -36.87 -2.25 5.68
N HIS A 13 -38.05 -2.61 5.19
CA HIS A 13 -39.32 -2.24 5.78
C HIS A 13 -40.06 -3.45 6.33
N PRO A 14 -40.99 -3.23 7.27
CA PRO A 14 -41.85 -4.33 7.72
C PRO A 14 -42.44 -5.08 6.55
N ALA A 15 -42.27 -6.41 6.56
CA ALA A 15 -42.78 -7.24 5.47
C ALA A 15 -44.28 -7.07 5.32
N GLU A 16 -44.72 -6.83 4.08
CA GLU A 16 -46.13 -6.88 3.69
C GLU A 16 -46.21 -7.69 2.41
N ASN A 17 -46.97 -8.79 2.45
CA ASN A 17 -47.14 -9.61 1.27
C ASN A 17 -47.74 -8.77 0.14
N GLY A 18 -47.12 -8.81 -1.03
CA GLY A 18 -47.54 -8.02 -2.16
C GLY A 18 -46.89 -6.65 -2.26
N LYS A 19 -46.24 -6.17 -1.20
CA LYS A 19 -45.53 -4.90 -1.21
C LYS A 19 -44.05 -5.11 -1.52
N SER A 20 -43.53 -4.32 -2.44
CA SER A 20 -42.11 -4.38 -2.78
C SER A 20 -41.27 -3.89 -1.61
N ASN A 21 -40.15 -4.57 -1.36
CA ASN A 21 -39.29 -4.31 -0.22
C ASN A 21 -37.84 -4.53 -0.67
N PHE A 22 -36.92 -4.51 0.29
CA PHE A 22 -35.53 -4.89 0.06
C PHE A 22 -35.15 -5.99 1.04
N LEU A 23 -34.59 -7.08 0.52
CA LEU A 23 -34.03 -8.16 1.33
C LEU A 23 -32.55 -7.87 1.56
N ASN A 24 -32.13 -7.87 2.82
CA ASN A 24 -30.76 -7.53 3.20
C ASN A 24 -30.07 -8.74 3.83
N CYS A 25 -28.79 -8.88 3.52
CA CYS A 25 -27.90 -9.81 4.23
C CYS A 25 -26.71 -8.99 4.71
N TYR A 26 -26.60 -8.83 6.03
CA TYR A 26 -25.57 -8.02 6.66
C TYR A 26 -24.52 -8.95 7.25
N VAL A 27 -23.32 -8.93 6.65
CA VAL A 27 -22.21 -9.75 7.11
C VAL A 27 -21.20 -8.83 7.77
N SER A 28 -20.72 -9.22 8.95
CA SER A 28 -19.92 -8.34 9.78
C SER A 28 -18.99 -9.17 10.65
N GLY A 29 -18.02 -8.49 11.25
CA GLY A 29 -17.09 -9.06 12.21
C GLY A 29 -16.05 -10.00 11.64
N PHE A 30 -15.82 -10.01 10.33
CA PHE A 30 -14.98 -11.02 9.70
C PHE A 30 -13.64 -10.45 9.24
N HIS A 31 -12.68 -11.37 9.04
CA HIS A 31 -11.31 -11.08 8.59
C HIS A 31 -10.69 -12.42 8.16
N PRO A 32 -10.04 -12.49 7.01
CA PRO A 32 -9.77 -11.43 6.03
C PRO A 32 -11.03 -11.03 5.25
N SER A 33 -10.92 -10.15 4.25
CA SER A 33 -12.09 -9.49 3.67
C SER A 33 -12.77 -10.28 2.55
N ASP A 34 -12.08 -11.25 1.93
CA ASP A 34 -12.73 -12.08 0.90
C ASP A 34 -13.94 -12.77 1.50
N ILE A 35 -15.07 -12.72 0.82
CA ILE A 35 -16.29 -13.33 1.33
C ILE A 35 -17.25 -13.55 0.16
N GLU A 36 -17.97 -14.67 0.19
CA GLU A 36 -18.97 -14.98 -0.82
C GLU A 36 -20.36 -14.91 -0.22
N VAL A 37 -21.24 -14.13 -0.85
CA VAL A 37 -22.57 -13.92 -0.31
C VAL A 37 -23.56 -14.03 -1.46
N ASP A 38 -24.48 -14.98 -1.34
CA ASP A 38 -25.61 -15.11 -2.23
C ASP A 38 -26.90 -14.91 -1.44
N LEU A 39 -27.90 -14.35 -2.10
CA LEU A 39 -29.26 -14.35 -1.62
C LEU A 39 -30.03 -15.42 -2.39
N LEU A 40 -30.87 -16.18 -1.69
CA LEU A 40 -31.57 -17.32 -2.27
C LEU A 40 -33.07 -17.12 -2.18
N LYS A 41 -33.78 -17.46 -3.26
CA LYS A 41 -35.24 -17.48 -3.32
C LYS A 41 -35.67 -18.93 -3.54
N ASN A 42 -36.21 -19.55 -2.50
CA ASN A 42 -36.55 -20.98 -2.53
C ASN A 42 -35.34 -21.83 -2.94
N GLY A 43 -34.17 -21.45 -2.45
CA GLY A 43 -32.95 -22.20 -2.63
C GLY A 43 -32.16 -21.91 -3.88
N GLU A 44 -32.69 -21.11 -4.78
CA GLU A 44 -32.02 -20.75 -6.00
C GLU A 44 -31.46 -19.31 -5.85
N ARG A 45 -30.23 -19.07 -6.28
CA ARG A 45 -29.59 -17.77 -6.04
C ARG A 45 -30.18 -16.67 -6.92
N ILE A 46 -30.43 -15.51 -6.31
CA ILE A 46 -31.00 -14.36 -7.00
C ILE A 46 -29.91 -13.65 -7.80
N GLU A 47 -30.23 -13.36 -9.03
CA GLU A 47 -29.26 -12.78 -9.93
C GLU A 47 -28.79 -11.38 -9.68
N LYS A 48 -29.71 -10.47 -9.48
CA LYS A 48 -29.39 -9.06 -9.31
C LYS A 48 -29.25 -8.66 -7.88
N VAL A 49 -28.07 -8.91 -7.34
CA VAL A 49 -27.78 -8.59 -5.94
C VAL A 49 -26.61 -7.62 -5.92
N GLU A 50 -26.85 -6.45 -5.34
CA GLU A 50 -25.84 -5.44 -5.15
C GLU A 50 -25.27 -5.55 -3.74
N HIS A 51 -24.13 -4.89 -3.52
CA HIS A 51 -23.53 -4.82 -2.20
C HIS A 51 -22.90 -3.45 -1.97
N SER A 52 -22.66 -3.16 -0.69
CA SER A 52 -22.08 -1.89 -0.29
C SER A 52 -20.55 -1.92 -0.48
N ASP A 53 -19.93 -0.75 -0.34
CA ASP A 53 -18.49 -0.62 -0.45
C ASP A 53 -17.83 -1.11 0.85
N LEU A 54 -16.80 -1.93 0.70
CA LEU A 54 -16.11 -2.54 1.84
C LEU A 54 -15.63 -1.50 2.83
N SER A 55 -16.04 -1.67 4.09
CA SER A 55 -15.60 -0.86 5.20
C SER A 55 -15.31 -1.79 6.37
N PHE A 56 -14.82 -1.21 7.47
CA PHE A 56 -14.49 -2.02 8.61
C PHE A 56 -14.72 -1.21 9.87
N SER A 57 -14.86 -1.94 10.95
CA SER A 57 -15.12 -1.46 12.26
C SER A 57 -13.90 -1.06 13.01
N LYS A 58 -14.13 -0.65 14.22
CA LYS A 58 -13.11 -0.19 15.11
C LYS A 58 -12.14 -1.31 15.56
N ASP A 59 -12.58 -2.54 15.59
CA ASP A 59 -11.68 -3.66 15.86
C ASP A 59 -11.01 -4.20 14.60
N TRP A 60 -11.17 -3.52 13.46
CA TRP A 60 -10.61 -3.73 12.12
C TRP A 60 -11.39 -4.77 11.32
N SER A 61 -12.39 -5.42 11.91
CA SER A 61 -13.16 -6.40 11.16
C SER A 61 -14.04 -5.73 10.13
N PHE A 62 -14.27 -6.42 9.02
CA PHE A 62 -14.99 -5.87 7.89
C PHE A 62 -16.50 -6.08 8.04
N TYR A 63 -17.25 -5.30 7.27
CA TYR A 63 -18.69 -5.49 7.11
C TYR A 63 -19.13 -5.11 5.71
N LEU A 64 -20.25 -5.68 5.30
CA LEU A 64 -20.81 -5.50 3.97
C LEU A 64 -22.31 -5.74 4.07
N LEU A 65 -23.08 -4.99 3.30
CA LEU A 65 -24.50 -5.23 3.17
C LEU A 65 -24.75 -5.68 1.73
N TYR A 66 -25.33 -6.88 1.59
CA TYR A 66 -25.83 -7.39 0.33
C TYR A 66 -27.35 -7.26 0.31
N TYR A 67 -27.89 -6.78 -0.80
CA TYR A 67 -29.31 -6.43 -0.82
C TYR A 67 -29.88 -6.51 -2.24
N THR A 68 -31.17 -6.81 -2.31
CA THR A 68 -31.88 -6.83 -3.58
C THR A 68 -33.32 -6.41 -3.36
N GLU A 69 -33.92 -5.80 -4.37
CA GLU A 69 -35.35 -5.53 -4.36
C GLU A 69 -36.13 -6.85 -4.40
N PHE A 70 -37.19 -6.94 -3.61
CA PHE A 70 -38.02 -8.14 -3.63
C PHE A 70 -39.41 -7.81 -3.12
N THR A 71 -40.36 -8.72 -3.39
CA THR A 71 -41.74 -8.61 -2.91
C THR A 71 -42.12 -9.88 -2.14
N PRO A 72 -42.16 -9.82 -0.81
CA PRO A 72 -42.42 -11.03 -0.01
C PRO A 72 -43.84 -11.55 -0.14
N THR A 73 -44.00 -12.83 0.21
CA THR A 73 -45.25 -13.56 0.05
C THR A 73 -45.37 -14.59 1.17
N GLU A 74 -46.61 -15.00 1.46
CA GLU A 74 -46.84 -16.11 2.38
C GLU A 74 -45.89 -17.29 2.22
N LYS A 75 -45.77 -17.81 1.00
CA LYS A 75 -45.16 -19.11 0.75
C LYS A 75 -43.67 -19.04 0.43
N ASP A 76 -43.22 -17.96 -0.21
CA ASP A 76 -41.85 -17.90 -0.71
C ASP A 76 -40.84 -17.78 0.43
N GLU A 77 -39.85 -18.66 0.43
CA GLU A 77 -38.80 -18.69 1.45
C GLU A 77 -37.52 -18.02 0.95
N TYR A 78 -37.00 -17.09 1.73
CA TYR A 78 -35.77 -16.37 1.39
C TYR A 78 -34.67 -16.69 2.40
N ALA A 79 -33.43 -16.70 1.91
CA ALA A 79 -32.30 -17.03 2.78
C ALA A 79 -31.03 -16.38 2.23
N CYS A 80 -29.98 -16.44 3.07
CA CYS A 80 -28.66 -15.90 2.77
C CYS A 80 -27.63 -17.00 2.96
N ARG A 81 -26.75 -17.18 1.98
CA ARG A 81 -25.68 -18.16 1.99
C ARG A 81 -24.33 -17.44 1.98
N VAL A 82 -23.46 -17.79 2.92
CA VAL A 82 -22.20 -17.10 3.13
C VAL A 82 -21.08 -18.13 3.20
N ASN A 83 -20.01 -17.93 2.43
CA ASN A 83 -18.81 -18.71 2.63
C ASN A 83 -17.63 -17.79 2.89
N HIS A 84 -16.69 -18.28 3.69
CA HIS A 84 -15.56 -17.52 4.19
C HIS A 84 -14.52 -18.53 4.62
N VAL A 85 -13.25 -18.11 4.57
CA VAL A 85 -12.16 -19.06 4.83
C VAL A 85 -12.32 -19.70 6.21
N THR A 86 -12.95 -19.00 7.15
CA THR A 86 -13.18 -19.52 8.50
C THR A 86 -14.34 -20.50 8.58
N LEU A 87 -15.09 -20.72 7.50
CA LEU A 87 -16.25 -21.60 7.45
C LEU A 87 -15.91 -22.87 6.66
N SER A 88 -16.15 -24.03 7.27
CA SER A 88 -15.88 -25.30 6.59
C SER A 88 -16.77 -25.50 5.36
N GLN A 89 -18.06 -25.22 5.51
CA GLN A 89 -19.02 -25.28 4.42
C GLN A 89 -19.81 -23.99 4.40
N PRO A 90 -20.55 -23.72 3.32
CA PRO A 90 -21.41 -22.54 3.28
C PRO A 90 -22.38 -22.54 4.47
N LYS A 91 -22.66 -21.35 4.98
CA LYS A 91 -23.65 -21.15 6.04
C LYS A 91 -24.89 -20.49 5.45
N ILE A 92 -26.05 -21.10 5.66
CA ILE A 92 -27.32 -20.57 5.18
C ILE A 92 -28.15 -20.13 6.38
N VAL A 93 -28.66 -18.90 6.33
CA VAL A 93 -29.53 -18.34 7.36
C VAL A 93 -30.82 -17.89 6.69
N LYS A 94 -31.95 -18.44 7.14
CA LYS A 94 -33.23 -18.16 6.51
C LYS A 94 -33.78 -16.81 6.96
N TRP A 95 -34.57 -16.18 6.09
CA TRP A 95 -35.18 -14.89 6.40
C TRP A 95 -36.45 -15.11 7.21
N ASP A 96 -36.46 -14.60 8.44
CA ASP A 96 -37.64 -14.49 9.28
C ASP A 96 -38.06 -13.03 9.34
N ARG A 97 -39.28 -12.74 8.88
CA ARG A 97 -39.78 -11.37 8.83
C ARG A 97 -40.02 -10.78 10.20
N ASP A 98 -40.05 -11.59 11.26
CA ASP A 98 -40.21 -11.08 12.59
C ASP A 98 -38.87 -10.86 13.28
N MET A 99 -37.78 -10.91 12.53
CA MET A 99 -36.43 -10.80 13.10
C MET A 99 -35.56 -9.88 12.24
N GLY B 1 -23.95 18.93 17.24
CA GLY B 1 -23.04 18.41 18.25
C GLY B 1 -21.62 18.24 17.77
N SER B 2 -21.02 17.13 18.17
CA SER B 2 -19.67 16.75 17.77
C SER B 2 -19.71 15.94 16.47
N HIS B 3 -18.64 16.04 15.65
CA HIS B 3 -18.65 15.39 14.34
C HIS B 3 -17.28 14.83 13.96
N SER B 4 -17.27 13.92 13.00
CA SER B 4 -16.02 13.30 12.58
C SER B 4 -15.98 13.05 11.07
N MET B 5 -14.80 13.13 10.51
CA MET B 5 -14.57 12.67 9.15
C MET B 5 -13.57 11.52 9.22
N ARG B 6 -13.80 10.47 8.44
CA ARG B 6 -12.92 9.33 8.51
C ARG B 6 -12.78 8.70 7.13
N TYR B 7 -11.56 8.26 6.81
CA TYR B 7 -11.31 7.46 5.62
C TYR B 7 -10.75 6.10 6.01
N PHE B 8 -11.24 5.06 5.34
CA PHE B 8 -10.83 3.68 5.58
C PHE B 8 -10.19 3.12 4.30
N TYR B 9 -8.92 2.77 4.36
CA TYR B 9 -8.27 2.09 3.23
C TYR B 9 -8.15 0.62 3.57
N THR B 10 -8.39 -0.25 2.57
CA THR B 10 -8.00 -1.66 2.66
C THR B 10 -7.15 -2.01 1.45
N SER B 11 -5.98 -2.62 1.69
CA SER B 11 -5.15 -3.15 0.62
C SER B 11 -4.93 -4.64 0.83
N VAL B 12 -5.21 -5.44 -0.20
CA VAL B 12 -5.11 -6.89 -0.12
C VAL B 12 -4.18 -7.35 -1.23
N SER B 13 -3.04 -7.91 -0.87
CA SER B 13 -2.14 -8.44 -1.90
C SER B 13 -2.69 -9.72 -2.51
N ARG B 14 -2.40 -9.91 -3.77
CA ARG B 14 -2.80 -11.06 -4.53
C ARG B 14 -1.54 -11.71 -5.08
N PRO B 15 -1.40 -13.00 -4.93
CA PRO B 15 -0.15 -13.64 -5.36
C PRO B 15 0.27 -13.53 -6.80
N GLY B 16 -0.57 -13.77 -7.77
CA GLY B 16 -0.07 -13.63 -9.11
C GLY B 16 -0.62 -12.43 -9.84
N ARG B 17 -1.44 -11.63 -9.17
CA ARG B 17 -2.00 -10.52 -9.88
C ARG B 17 -1.20 -9.46 -9.19
N GLY B 18 -0.26 -8.86 -9.89
CA GLY B 18 0.76 -8.04 -9.29
C GLY B 18 0.39 -6.88 -8.40
N GLU B 19 -0.72 -6.26 -8.67
CA GLU B 19 -1.08 -5.21 -7.82
C GLU B 19 -2.11 -5.66 -6.78
N PRO B 20 -2.05 -5.07 -5.59
CA PRO B 20 -3.07 -5.33 -4.57
C PRO B 20 -4.39 -4.70 -4.98
N ARG B 21 -5.48 -5.23 -4.43
CA ARG B 21 -6.73 -4.51 -4.56
C ARG B 21 -6.70 -3.41 -3.52
N PHE B 22 -7.08 -2.21 -3.94
CA PHE B 22 -7.11 -1.06 -3.05
C PHE B 22 -8.51 -0.48 -3.04
N ILE B 23 -9.11 -0.40 -1.87
CA ILE B 23 -10.44 0.19 -1.68
C ILE B 23 -10.33 1.27 -0.63
N SER B 24 -10.98 2.40 -0.88
CA SER B 24 -11.11 3.47 0.08
C SER B 24 -12.57 3.84 0.20
N VAL B 25 -13.01 4.14 1.41
CA VAL B 25 -14.33 4.73 1.64
C VAL B 25 -14.15 5.91 2.58
N GLY B 26 -14.94 6.95 2.37
CA GLY B 26 -14.89 8.13 3.22
C GLY B 26 -16.23 8.36 3.88
N TYR B 27 -16.20 8.76 5.16
CA TYR B 27 -17.38 8.93 5.98
C TYR B 27 -17.37 10.28 6.67
N VAL B 28 -18.55 10.88 6.79
CA VAL B 28 -18.84 11.90 7.79
C VAL B 28 -19.81 11.29 8.80
N ASP B 29 -19.37 11.16 10.05
CA ASP B 29 -20.10 10.41 11.07
C ASP B 29 -20.44 9.06 10.50
N ASP B 30 -21.71 8.69 10.46
CA ASP B 30 -22.12 7.41 9.90
C ASP B 30 -22.65 7.52 8.48
N THR B 31 -22.28 8.56 7.72
CA THR B 31 -22.73 8.70 6.34
C THR B 31 -21.56 8.50 5.38
N GLN B 32 -21.64 7.44 4.57
CA GLN B 32 -20.64 7.25 3.54
C GLN B 32 -20.89 8.27 2.44
N PHE B 33 -19.84 8.97 2.00
CA PHE B 33 -20.01 9.98 0.94
C PHE B 33 -19.08 9.84 -0.27
N VAL B 34 -17.99 9.06 -0.18
CA VAL B 34 -17.12 8.81 -1.33
C VAL B 34 -16.65 7.36 -1.28
N ARG B 35 -16.14 6.89 -2.41
CA ARG B 35 -15.56 5.56 -2.49
C ARG B 35 -14.54 5.53 -3.62
N PHE B 36 -13.61 4.58 -3.54
CA PHE B 36 -12.68 4.34 -4.65
C PHE B 36 -12.34 2.87 -4.62
N ASP B 37 -12.28 2.25 -5.81
CA ASP B 37 -12.04 0.81 -5.93
C ASP B 37 -11.11 0.61 -7.13
N SER B 38 -9.88 0.17 -6.85
CA SER B 38 -8.86 -0.02 -7.89
C SER B 38 -9.23 -1.13 -8.88
N ASP B 39 -10.22 -1.95 -8.56
CA ASP B 39 -10.67 -3.01 -9.45
C ASP B 39 -11.74 -2.58 -10.42
N ALA B 40 -12.19 -1.33 -10.37
CA ALA B 40 -13.21 -0.88 -11.31
C ALA B 40 -12.61 -0.78 -12.71
N ALA B 41 -13.50 -0.77 -13.70
CA ALA B 41 -13.07 -0.62 -15.08
C ALA B 41 -12.19 0.61 -15.25
N SER B 42 -12.67 1.77 -14.76
CA SER B 42 -11.90 3.02 -14.77
C SER B 42 -11.89 3.62 -13.38
N PRO B 43 -10.92 3.24 -12.54
CA PRO B 43 -10.98 3.61 -11.11
C PRO B 43 -10.98 5.12 -10.89
N ARG B 44 -11.99 5.60 -10.16
CA ARG B 44 -11.99 7.01 -9.80
C ARG B 44 -12.88 7.20 -8.59
N GLU B 45 -12.63 8.28 -7.88
CA GLU B 45 -13.49 8.55 -6.75
C GLU B 45 -14.91 8.78 -7.24
N GLU B 46 -15.88 8.20 -6.53
CA GLU B 46 -17.28 8.34 -6.88
C GLU B 46 -18.09 8.87 -5.70
N PRO B 47 -19.10 9.69 -5.95
CA PRO B 47 -19.93 10.19 -4.86
C PRO B 47 -20.83 9.10 -4.32
N ARG B 48 -21.09 9.15 -3.01
CA ARG B 48 -22.02 8.19 -2.41
C ARG B 48 -23.05 8.82 -1.48
N ALA B 49 -23.07 10.15 -1.39
CA ALA B 49 -24.10 10.87 -0.67
C ALA B 49 -24.49 12.04 -1.55
N PRO B 50 -25.74 12.51 -1.48
CA PRO B 50 -26.16 13.56 -2.43
C PRO B 50 -25.38 14.85 -2.29
N TRP B 51 -25.00 15.22 -1.08
CA TRP B 51 -24.47 16.56 -0.85
C TRP B 51 -23.03 16.72 -1.32
N ILE B 52 -22.38 15.64 -1.71
CA ILE B 52 -21.03 15.75 -2.25
C ILE B 52 -21.02 15.86 -3.77
N GLU B 53 -22.17 15.64 -4.43
CA GLU B 53 -22.20 15.66 -5.90
C GLU B 53 -21.83 17.02 -6.48
N GLN B 54 -22.12 18.11 -5.75
CA GLN B 54 -21.86 19.46 -6.24
C GLN B 54 -20.39 19.79 -6.30
N GLU B 55 -19.50 18.94 -5.78
CA GLU B 55 -18.07 19.20 -5.90
C GLU B 55 -17.67 19.16 -7.37
N GLY B 56 -16.70 20.01 -7.75
CA GLY B 56 -16.31 20.20 -9.13
C GLY B 56 -15.42 19.09 -9.67
N PRO B 57 -15.14 19.16 -10.97
CA PRO B 57 -14.29 18.12 -11.61
C PRO B 57 -12.89 18.09 -11.05
N GLU B 58 -12.38 19.21 -10.53
CA GLU B 58 -11.05 19.17 -9.95
C GLU B 58 -11.04 18.43 -8.62
N TYR B 59 -12.16 18.43 -7.89
CA TYR B 59 -12.24 17.61 -6.68
C TYR B 59 -12.09 16.13 -7.00
N TRP B 60 -12.83 15.64 -8.00
CA TRP B 60 -12.79 14.21 -8.29
C TRP B 60 -11.49 13.80 -8.93
N ASP B 61 -10.94 14.64 -9.81
CA ASP B 61 -9.72 14.29 -10.51
C ASP B 61 -8.55 14.25 -9.56
N ARG B 62 -8.47 15.22 -8.65
CA ARG B 62 -7.38 15.27 -7.69
C ARG B 62 -7.45 14.09 -6.72
N ASN B 63 -8.65 13.81 -6.19
CA ASN B 63 -8.79 12.68 -5.26
C ASN B 63 -8.50 11.35 -5.95
N THR B 64 -8.94 11.21 -7.20
CA THR B 64 -8.62 10.00 -7.96
C THR B 64 -7.12 9.78 -8.03
N GLN B 65 -6.38 10.86 -8.35
CA GLN B 65 -4.93 10.74 -8.39
C GLN B 65 -4.35 10.36 -7.03
N ILE B 66 -4.89 10.93 -5.96
CA ILE B 66 -4.41 10.62 -4.60
C ILE B 66 -4.56 9.13 -4.31
N TYR B 67 -5.75 8.58 -4.58
CA TYR B 67 -5.97 7.16 -4.39
C TYR B 67 -5.04 6.32 -5.28
N LYS B 68 -4.89 6.70 -6.55
CA LYS B 68 -3.99 5.94 -7.43
C LYS B 68 -2.57 5.91 -6.89
N ALA B 69 -2.06 7.03 -6.36
CA ALA B 69 -0.72 6.99 -5.78
C ALA B 69 -0.71 6.20 -4.49
N GLN B 70 -1.77 6.34 -3.67
CA GLN B 70 -1.85 5.59 -2.42
C GLN B 70 -1.90 4.09 -2.67
N ALA B 71 -2.57 3.66 -3.74
CA ALA B 71 -2.58 2.24 -4.06
C ALA B 71 -1.18 1.74 -4.38
N GLN B 72 -0.41 2.48 -5.17
CA GLN B 72 0.95 2.06 -5.45
C GLN B 72 1.81 2.07 -4.18
N THR B 73 1.64 3.08 -3.34
CA THR B 73 2.39 3.11 -2.09
C THR B 73 2.04 1.93 -1.18
N ASP B 74 0.76 1.59 -1.10
CA ASP B 74 0.32 0.49 -0.33
C ASP B 74 0.97 -0.78 -0.85
N ARG B 75 1.05 -0.90 -2.15
CA ARG B 75 1.69 -2.04 -2.77
C ARG B 75 3.11 -2.20 -2.28
N GLU B 76 3.87 -1.14 -2.22
CA GLU B 76 5.19 -1.21 -1.71
C GLU B 76 5.25 -1.39 -0.20
N SER B 77 4.31 -0.82 0.55
CA SER B 77 4.23 -1.07 2.00
C SER B 77 4.02 -2.55 2.27
N LEU B 78 3.12 -3.19 1.52
CA LEU B 78 2.88 -4.62 1.66
C LEU B 78 4.12 -5.49 1.47
N ARG B 79 4.93 -5.19 0.44
CA ARG B 79 6.21 -5.87 0.30
C ARG B 79 7.07 -5.65 1.53
N ASN B 80 7.25 -4.39 1.91
CA ASN B 80 8.10 -4.10 3.06
C ASN B 80 7.58 -4.90 4.26
N LEU B 81 6.26 -4.96 4.44
CA LEU B 81 5.70 -5.71 5.56
C LEU B 81 6.00 -7.20 5.44
N ARG B 82 5.85 -7.78 4.25
CA ARG B 82 6.24 -9.17 4.04
C ARG B 82 7.72 -9.39 4.36
N GLY B 83 8.57 -8.46 3.95
CA GLY B 83 9.98 -8.55 4.30
C GLY B 83 10.21 -8.50 5.79
N TYR B 84 9.51 -7.60 6.51
CA TYR B 84 9.71 -7.48 7.96
C TYR B 84 9.33 -8.73 8.74
N TYR B 85 8.36 -9.51 8.27
CA TYR B 85 7.92 -10.71 8.95
C TYR B 85 8.43 -12.01 8.32
N ASN B 86 9.36 -11.93 7.35
CA ASN B 86 9.84 -13.12 6.61
C ASN B 86 8.72 -14.03 6.15
N GLN B 87 7.72 -13.43 5.48
CA GLN B 87 6.61 -14.14 4.84
C GLN B 87 6.90 -14.28 3.35
N SER B 88 6.42 -15.37 2.75
CA SER B 88 6.72 -15.60 1.35
C SER B 88 5.75 -14.75 0.52
N GLU B 89 6.24 -14.36 -0.67
CA GLU B 89 5.47 -13.57 -1.62
C GLU B 89 4.15 -14.24 -1.99
N ALA B 90 4.07 -15.56 -1.92
CA ALA B 90 2.92 -16.25 -2.46
C ALA B 90 1.71 -16.07 -1.55
N GLY B 91 1.87 -15.38 -0.44
CA GLY B 91 0.78 -15.18 0.47
C GLY B 91 0.00 -13.92 0.19
N SER B 92 -1.28 -13.95 0.57
CA SER B 92 -2.15 -12.79 0.50
C SER B 92 -2.27 -12.16 1.89
N HIS B 93 -1.98 -10.87 1.99
CA HIS B 93 -1.94 -10.14 3.26
C HIS B 93 -2.75 -8.87 3.11
N THR B 94 -3.17 -8.31 4.25
CA THR B 94 -4.09 -7.17 4.32
C THR B 94 -3.43 -6.01 5.08
N LEU B 95 -3.56 -4.81 4.53
CA LEU B 95 -3.15 -3.57 5.19
C LEU B 95 -4.34 -2.62 5.23
N GLN B 96 -4.75 -2.21 6.41
CA GLN B 96 -5.88 -1.30 6.53
C GLN B 96 -5.42 0.00 7.17
N SER B 97 -5.98 1.12 6.72
CA SER B 97 -5.63 2.43 7.24
C SER B 97 -6.91 3.14 7.61
N MET B 98 -6.87 3.87 8.71
N MET B 98 -6.83 3.88 8.70
CA MET B 98 -7.97 4.61 9.24
CA MET B 98 -7.90 4.62 9.29
C MET B 98 -7.49 5.93 9.74
C MET B 98 -7.43 5.95 9.71
N TYR B 99 -8.01 7.01 9.18
CA TYR B 99 -7.59 8.32 9.64
C TYR B 99 -8.73 9.33 9.51
N GLY B 100 -8.56 10.46 10.20
CA GLY B 100 -9.49 11.56 10.11
C GLY B 100 -9.42 12.41 11.37
N CYS B 101 -10.40 13.30 11.49
CA CYS B 101 -10.44 14.31 12.54
C CYS B 101 -11.82 14.38 13.18
N ASP B 102 -11.86 14.76 14.46
CA ASP B 102 -13.10 15.02 15.18
C ASP B 102 -13.20 16.50 15.48
N VAL B 103 -14.37 17.09 15.30
CA VAL B 103 -14.58 18.50 15.65
C VAL B 103 -15.74 18.60 16.65
N GLY B 104 -15.65 19.61 17.54
CA GLY B 104 -16.74 19.94 18.44
C GLY B 104 -17.79 20.80 17.78
N PRO B 105 -18.82 21.15 18.57
CA PRO B 105 -19.92 21.97 18.02
C PRO B 105 -19.49 23.28 17.38
N ASP B 106 -18.37 23.86 17.81
CA ASP B 106 -17.85 25.08 17.20
C ASP B 106 -16.98 24.83 15.97
N GLY B 107 -16.60 23.58 15.70
CA GLY B 107 -15.76 23.28 14.56
C GLY B 107 -14.27 23.29 14.85
N ARG B 108 -13.87 23.39 16.11
CA ARG B 108 -12.47 23.30 16.47
C ARG B 108 -12.06 21.84 16.49
N LEU B 109 -10.81 21.57 16.10
CA LEU B 109 -10.28 20.21 16.14
C LEU B 109 -10.31 19.70 17.58
N LEU B 110 -10.98 18.57 17.80
CA LEU B 110 -10.92 17.86 19.07
C LEU B 110 -9.82 16.81 19.09
N ARG B 111 -9.72 16.04 18.02
CA ARG B 111 -8.75 14.96 17.92
C ARG B 111 -8.48 14.53 16.49
N GLY B 112 -7.24 14.25 16.22
CA GLY B 112 -6.86 13.64 14.95
C GLY B 112 -6.51 12.18 15.15
N HIS B 113 -6.75 11.38 14.12
CA HIS B 113 -6.47 9.94 14.11
C HIS B 113 -5.71 9.59 12.85
N ASP B 114 -4.81 8.61 12.97
CA ASP B 114 -4.08 8.06 11.83
C ASP B 114 -3.38 6.76 12.23
N GLN B 115 -3.94 5.61 11.89
CA GLN B 115 -3.41 4.35 12.41
C GLN B 115 -3.54 3.25 11.37
N TYR B 116 -2.84 2.14 11.61
CA TYR B 116 -2.76 1.07 10.62
C TYR B 116 -2.90 -0.29 11.28
N ALA B 117 -3.45 -1.25 10.54
CA ALA B 117 -3.45 -2.64 10.95
C ALA B 117 -2.89 -3.49 9.82
N TYR B 118 -2.16 -4.54 10.19
CA TYR B 118 -1.60 -5.52 9.26
C TYR B 118 -2.21 -6.88 9.59
N ASP B 119 -2.88 -7.49 8.60
CA ASP B 119 -3.61 -8.73 8.82
C ASP B 119 -4.49 -8.66 10.07
N GLY B 120 -5.16 -7.52 10.28
CA GLY B 120 -6.19 -7.39 11.31
C GLY B 120 -5.75 -7.08 12.73
N LYS B 121 -4.45 -6.90 12.98
CA LYS B 121 -3.91 -6.55 14.29
C LYS B 121 -3.26 -5.18 14.18
N ASP B 122 -3.52 -4.32 15.18
CA ASP B 122 -2.85 -3.03 15.29
C ASP B 122 -1.36 -3.09 14.95
N TYR B 123 -0.92 -2.18 14.08
CA TYR B 123 0.48 -2.14 13.66
C TYR B 123 1.20 -0.88 14.13
N ILE B 124 0.77 0.30 13.69
CA ILE B 124 1.36 1.55 14.17
C ILE B 124 0.24 2.55 14.19
N ALA B 125 0.32 3.50 15.13
CA ALA B 125 -0.70 4.53 15.31
C ALA B 125 -0.04 5.86 15.68
N LEU B 126 -0.56 6.95 15.10
CA LEU B 126 -0.20 8.28 15.54
C LEU B 126 -0.83 8.56 16.90
N ASN B 127 -0.03 9.10 17.83
CA ASN B 127 -0.52 9.43 19.17
C ASN B 127 -1.34 10.72 19.14
N GLU B 128 -2.05 10.94 20.25
CA GLU B 128 -2.94 12.08 20.35
C GLU B 128 -2.20 13.41 20.18
N ASP B 129 -0.92 13.50 20.58
CA ASP B 129 -0.23 14.77 20.37
C ASP B 129 0.16 15.00 18.90
N LEU B 130 -0.17 14.06 18.00
CA LEU B 130 0.10 14.18 16.57
C LEU B 130 1.60 14.45 16.27
N ARG B 131 2.48 14.10 17.20
CA ARG B 131 3.92 14.28 17.02
C ARG B 131 4.70 13.00 17.27
N SER B 132 4.04 11.87 17.49
CA SER B 132 4.75 10.64 17.80
C SER B 132 3.85 9.44 17.51
N TRP B 133 4.49 8.29 17.40
CA TRP B 133 3.81 7.06 17.04
C TRP B 133 3.96 6.03 18.14
N THR B 134 2.95 5.16 18.25
CA THR B 134 3.00 3.96 19.06
C THR B 134 3.12 2.79 18.10
N ALA B 135 4.22 2.07 18.18
CA ALA B 135 4.46 0.91 17.35
C ALA B 135 4.04 -0.32 18.14
N ALA B 136 3.31 -1.22 17.50
CA ALA B 136 2.82 -2.37 18.23
C ALA B 136 3.79 -3.56 18.17
N ASP B 137 4.91 -3.46 17.45
CA ASP B 137 5.66 -4.60 16.90
C ASP B 137 7.14 -4.27 16.78
N THR B 138 7.95 -5.34 16.70
CA THR B 138 9.31 -5.23 16.16
C THR B 138 9.31 -4.76 14.72
N ALA B 139 8.36 -5.26 13.92
CA ALA B 139 8.26 -4.78 12.54
C ALA B 139 7.85 -3.32 12.51
N ALA B 140 6.83 -2.97 13.29
CA ALA B 140 6.37 -1.59 13.31
C ALA B 140 7.42 -0.65 13.87
N GLN B 141 8.37 -1.18 14.66
CA GLN B 141 9.48 -0.34 15.13
C GLN B 141 10.40 0.06 13.99
N ILE B 142 10.52 -0.78 12.95
CA ILE B 142 11.24 -0.39 11.73
C ILE B 142 10.50 0.76 11.04
N THR B 143 9.20 0.60 10.83
CA THR B 143 8.42 1.70 10.26
C THR B 143 8.56 2.98 11.08
N GLN B 144 8.56 2.86 12.41
CA GLN B 144 8.69 4.03 13.28
C GLN B 144 10.02 4.75 13.06
N ARG B 145 11.13 3.99 13.00
CA ARG B 145 12.44 4.60 12.79
C ARG B 145 12.49 5.36 11.48
N LYS B 146 11.94 4.77 10.43
CA LYS B 146 11.88 5.42 9.13
C LYS B 146 11.01 6.67 9.19
N TRP B 147 9.83 6.58 9.81
CA TRP B 147 8.94 7.73 9.89
C TRP B 147 9.45 8.80 10.86
N GLU B 148 10.26 8.43 11.83
CA GLU B 148 10.94 9.42 12.66
C GLU B 148 11.99 10.18 11.86
N ALA B 149 12.75 9.49 11.03
CA ALA B 149 13.77 10.15 10.21
C ALA B 149 13.16 11.02 9.12
N ALA B 150 11.99 10.62 8.60
CA ALA B 150 11.25 11.37 7.57
C ALA B 150 10.41 12.51 8.16
N ARG B 151 10.30 12.59 9.48
CA ARG B 151 9.40 13.54 10.13
C ARG B 151 7.99 13.38 9.58
N GLU B 152 7.56 12.12 9.51
CA GLU B 152 6.24 11.82 8.99
C GLU B 152 5.13 12.46 9.83
N ALA B 153 5.25 12.42 11.16
CA ALA B 153 4.15 12.88 12.00
C ALA B 153 3.79 14.31 11.67
N GLU B 154 4.80 15.13 11.39
CA GLU B 154 4.57 16.53 11.06
C GLU B 154 3.74 16.69 9.80
N GLN B 155 3.87 15.77 8.85
CA GLN B 155 3.04 15.78 7.65
C GLN B 155 1.61 15.36 7.96
N ARG B 156 1.43 14.34 8.81
CA ARG B 156 0.08 13.96 9.19
C ARG B 156 -0.60 15.11 9.92
N ARG B 157 0.12 15.74 10.86
CA ARG B 157 -0.41 16.90 11.56
C ARG B 157 -0.82 18.00 10.59
N ALA B 158 0.00 18.29 9.57
CA ALA B 158 -0.37 19.34 8.63
C ALA B 158 -1.78 19.12 8.08
N TYR B 159 -2.08 17.89 7.66
CA TYR B 159 -3.40 17.55 7.14
C TYR B 159 -4.47 17.57 8.25
N LEU B 160 -4.20 16.90 9.37
CA LEU B 160 -5.23 16.67 10.38
C LEU B 160 -5.67 17.98 11.04
N GLU B 161 -4.73 18.90 11.27
CA GLU B 161 -5.07 20.19 11.85
C GLU B 161 -5.54 21.18 10.80
N GLY B 162 -5.22 20.94 9.52
CA GLY B 162 -5.53 21.89 8.46
C GLY B 162 -6.68 21.44 7.58
N GLU B 163 -6.38 20.81 6.44
CA GLU B 163 -7.44 20.58 5.46
C GLU B 163 -8.50 19.59 5.93
N CYS B 164 -8.14 18.61 6.78
CA CYS B 164 -9.09 17.64 7.31
C CYS B 164 -10.30 18.32 7.96
N VAL B 165 -10.04 19.17 8.96
CA VAL B 165 -11.08 19.92 9.67
C VAL B 165 -11.80 20.90 8.72
N GLU B 166 -11.04 21.50 7.81
CA GLU B 166 -11.57 22.53 6.92
C GLU B 166 -12.61 21.97 5.96
N TRP B 167 -12.33 20.80 5.35
CA TRP B 167 -13.29 20.13 4.48
C TRP B 167 -14.44 19.48 5.26
N LEU B 168 -14.19 18.98 6.48
CA LEU B 168 -15.27 18.47 7.31
C LEU B 168 -16.30 19.56 7.58
N ARG B 169 -15.83 20.74 8.01
CA ARG B 169 -16.76 21.83 8.23
C ARG B 169 -17.54 22.14 6.96
N ARG B 170 -16.88 22.06 5.80
CA ARG B 170 -17.58 22.36 4.56
C ARG B 170 -18.65 21.31 4.28
N TYR B 171 -18.33 20.03 4.50
CA TYR B 171 -19.31 18.96 4.30
C TYR B 171 -20.49 19.09 5.26
N LEU B 172 -20.22 19.31 6.55
CA LEU B 172 -21.30 19.46 7.52
C LEU B 172 -22.24 20.57 7.11
N GLU B 173 -21.69 21.62 6.51
CA GLU B 173 -22.53 22.70 6.07
C GLU B 173 -23.29 22.33 4.78
N ASN B 174 -22.62 21.65 3.84
CA ASN B 174 -23.29 21.26 2.59
C ASN B 174 -24.31 20.14 2.79
N GLY B 175 -24.10 19.27 3.76
CA GLY B 175 -25.09 18.25 4.04
C GLY B 175 -25.77 18.49 5.36
N LYS B 176 -25.88 19.77 5.75
CA LYS B 176 -26.50 20.17 7.00
C LYS B 176 -27.87 19.53 7.15
N ASP B 177 -28.63 19.51 6.07
CA ASP B 177 -29.96 18.90 6.02
C ASP B 177 -29.96 17.50 6.64
N LYS B 178 -28.94 16.70 6.34
CA LYS B 178 -28.88 15.29 6.72
C LYS B 178 -27.79 14.94 7.72
N LEU B 179 -26.86 15.86 8.01
CA LEU B 179 -25.76 15.60 8.94
C LEU B 179 -25.96 16.24 10.31
N GLU B 180 -26.54 17.45 10.40
CA GLU B 180 -26.87 17.98 11.72
C GLU B 180 -28.12 17.29 12.28
N ARG B 181 -28.98 16.82 11.39
CA ARG B 181 -30.04 15.86 11.69
C ARG B 181 -29.55 14.73 12.59
N ALA B 182 -30.30 14.47 13.66
CA ALA B 182 -30.35 13.16 14.26
C ALA B 182 -31.77 12.68 14.06
N ASP B 183 -31.96 11.58 13.33
CA ASP B 183 -33.29 11.00 13.16
C ASP B 183 -33.61 10.04 14.29
N PRO B 184 -34.62 10.33 15.12
CA PRO B 184 -34.90 9.45 16.25
C PRO B 184 -35.56 8.18 15.78
N PRO B 185 -35.37 7.07 16.50
CA PRO B 185 -36.00 5.81 16.10
C PRO B 185 -37.52 5.88 16.24
N LYS B 186 -38.20 5.40 15.21
CA LYS B 186 -39.61 5.09 15.31
C LYS B 186 -39.71 3.67 15.85
N THR B 187 -40.51 3.49 16.91
CA THR B 187 -40.41 2.29 17.73
C THR B 187 -41.77 1.61 17.91
N HIS B 188 -41.72 0.31 18.14
CA HIS B 188 -42.91 -0.48 18.46
C HIS B 188 -42.48 -1.80 19.05
N VAL B 189 -43.39 -2.41 19.79
CA VAL B 189 -43.19 -3.73 20.37
C VAL B 189 -44.12 -4.71 19.68
N THR B 190 -43.61 -5.91 19.42
CA THR B 190 -44.40 -7.00 18.88
C THR B 190 -44.45 -8.15 19.88
N HIS B 191 -45.47 -8.99 19.72
CA HIS B 191 -45.77 -10.08 20.64
C HIS B 191 -45.74 -11.38 19.84
N HIS B 192 -44.93 -12.34 20.29
CA HIS B 192 -44.76 -13.62 19.62
C HIS B 192 -44.88 -14.75 20.63
N PRO B 193 -46.01 -15.46 20.66
CA PRO B 193 -46.16 -16.56 21.61
C PRO B 193 -45.18 -17.67 21.29
N ILE B 194 -44.63 -18.28 22.34
CA ILE B 194 -43.85 -19.50 22.21
C ILE B 194 -44.70 -20.73 22.52
N SER B 195 -45.41 -20.70 23.65
CA SER B 195 -46.24 -21.81 24.11
C SER B 195 -47.53 -21.23 24.68
N ASP B 196 -48.25 -22.05 25.45
CA ASP B 196 -49.47 -21.58 26.10
C ASP B 196 -49.17 -20.55 27.18
N HIS B 197 -47.98 -20.62 27.78
CA HIS B 197 -47.66 -19.78 28.93
C HIS B 197 -46.42 -18.92 28.75
N GLU B 198 -45.77 -18.98 27.58
CA GLU B 198 -44.60 -18.16 27.30
C GLU B 198 -44.85 -17.30 26.06
N ALA B 199 -44.30 -16.09 26.04
CA ALA B 199 -44.35 -15.25 24.86
C ALA B 199 -43.11 -14.39 24.77
N THR B 200 -42.69 -14.10 23.54
CA THR B 200 -41.59 -13.17 23.28
C THR B 200 -42.13 -11.78 23.01
N LEU B 201 -41.62 -10.79 23.75
CA LEU B 201 -41.80 -9.37 23.43
C LEU B 201 -40.53 -8.86 22.76
N ARG B 202 -40.69 -8.23 21.60
CA ARG B 202 -39.57 -7.73 20.80
C ARG B 202 -39.71 -6.22 20.65
N CYS B 203 -38.69 -5.49 21.09
CA CYS B 203 -38.68 -4.03 21.00
C CYS B 203 -37.91 -3.60 19.76
N TRP B 204 -38.58 -2.91 18.84
CA TRP B 204 -38.02 -2.51 17.56
C TRP B 204 -37.70 -1.03 17.53
N ALA B 205 -36.50 -0.70 17.04
CA ALA B 205 -36.13 0.66 16.69
C ALA B 205 -35.79 0.68 15.21
N LEU B 206 -36.47 1.52 14.44
CA LEU B 206 -36.33 1.54 12.99
C LEU B 206 -36.10 2.96 12.52
N GLY B 207 -35.38 3.07 11.40
CA GLY B 207 -35.26 4.35 10.70
C GLY B 207 -34.50 5.43 11.44
N PHE B 208 -33.54 5.06 12.28
CA PHE B 208 -32.80 6.03 13.08
C PHE B 208 -31.39 6.22 12.52
N TYR B 209 -30.82 7.40 12.78
CA TYR B 209 -29.50 7.82 12.40
C TYR B 209 -29.02 8.83 13.44
N PRO B 210 -27.79 8.74 13.95
CA PRO B 210 -26.72 7.76 13.63
C PRO B 210 -26.91 6.39 14.30
N ALA B 211 -25.95 5.48 14.13
CA ALA B 211 -26.13 4.08 14.52
C ALA B 211 -26.20 3.87 16.03
N GLU B 212 -25.51 4.70 16.82
CA GLU B 212 -25.45 4.52 18.27
C GLU B 212 -26.85 4.55 18.88
N ILE B 213 -27.17 3.54 19.68
CA ILE B 213 -28.50 3.42 20.26
C ILE B 213 -28.41 2.40 21.39
N THR B 214 -29.25 2.59 22.40
CA THR B 214 -29.37 1.61 23.48
C THR B 214 -30.84 1.28 23.69
N LEU B 215 -31.13 -0.01 23.65
CA LEU B 215 -32.43 -0.60 23.96
C LEU B 215 -32.27 -1.37 25.25
N THR B 216 -33.17 -1.12 26.20
CA THR B 216 -33.09 -1.85 27.46
C THR B 216 -34.49 -2.22 27.91
N TRP B 217 -34.68 -3.51 28.25
CA TRP B 217 -35.94 -4.01 28.79
C TRP B 217 -35.95 -3.99 30.31
N GLN B 218 -37.08 -3.61 30.90
CA GLN B 218 -37.25 -3.60 32.34
C GLN B 218 -38.57 -4.27 32.73
N ARG B 219 -38.51 -5.15 33.74
CA ARG B 219 -39.69 -5.66 34.42
C ARG B 219 -39.86 -4.91 35.74
N ASP B 220 -40.95 -4.14 35.85
CA ASP B 220 -41.24 -3.34 37.04
C ASP B 220 -40.13 -2.33 37.33
N GLY B 221 -39.51 -1.82 36.28
CA GLY B 221 -38.46 -0.82 36.46
C GLY B 221 -37.09 -1.38 36.72
N GLU B 222 -36.95 -2.71 36.78
CA GLU B 222 -35.67 -3.37 37.01
C GLU B 222 -35.04 -3.80 35.68
N ASP B 223 -33.79 -3.39 35.45
CA ASP B 223 -33.10 -3.70 34.21
C ASP B 223 -32.93 -5.21 34.07
N GLN B 224 -33.15 -5.72 32.86
CA GLN B 224 -32.96 -7.14 32.55
C GLN B 224 -31.59 -7.37 31.92
N THR B 225 -30.52 -7.11 32.67
CA THR B 225 -29.17 -7.20 32.13
C THR B 225 -28.94 -8.55 31.43
N GLN B 226 -29.03 -9.64 32.20
CA GLN B 226 -29.23 -10.94 31.58
C GLN B 226 -30.70 -11.11 31.23
N ASP B 227 -30.99 -12.09 30.39
CA ASP B 227 -32.34 -12.44 29.90
C ASP B 227 -32.79 -11.54 28.74
N THR B 228 -31.94 -10.66 28.21
CA THR B 228 -32.32 -9.83 27.08
C THR B 228 -31.54 -10.29 25.85
N GLU B 229 -32.25 -10.68 24.80
CA GLU B 229 -31.62 -10.98 23.51
C GLU B 229 -31.50 -9.69 22.68
N LEU B 230 -30.30 -9.40 22.20
CA LEU B 230 -29.97 -8.16 21.52
C LEU B 230 -29.30 -8.48 20.19
N VAL B 231 -29.81 -7.93 19.07
CA VAL B 231 -29.08 -8.08 17.83
C VAL B 231 -28.18 -6.87 17.64
N GLU B 232 -27.04 -7.10 16.99
CA GLU B 232 -26.17 -5.99 16.59
C GLU B 232 -26.95 -5.02 15.72
N THR B 233 -26.72 -3.73 15.96
CA THR B 233 -27.30 -2.71 15.10
C THR B 233 -26.91 -2.96 13.65
N ARG B 234 -27.86 -2.78 12.76
CA ARG B 234 -27.70 -3.18 11.38
C ARG B 234 -28.20 -2.10 10.44
N PRO B 235 -27.59 -1.97 9.25
CA PRO B 235 -27.99 -0.92 8.29
C PRO B 235 -29.22 -1.33 7.49
N ALA B 236 -30.16 -0.39 7.35
CA ALA B 236 -31.37 -0.64 6.59
C ALA B 236 -31.17 -0.58 5.08
N GLY B 237 -30.03 -0.04 4.62
CA GLY B 237 -29.78 0.18 3.21
C GLY B 237 -30.21 1.53 2.69
N ASP B 238 -30.74 2.42 3.54
CA ASP B 238 -31.13 3.78 3.16
C ASP B 238 -30.48 4.82 4.06
N ARG B 239 -29.29 4.52 4.58
CA ARG B 239 -28.52 5.36 5.50
C ARG B 239 -29.14 5.44 6.89
N THR B 240 -30.24 4.73 7.16
CA THR B 240 -30.72 4.60 8.54
C THR B 240 -30.40 3.21 9.04
N PHE B 241 -30.68 3.00 10.32
CA PHE B 241 -30.26 1.80 11.02
C PHE B 241 -31.44 1.15 11.72
N GLN B 242 -31.25 -0.12 12.06
CA GLN B 242 -32.26 -0.92 12.73
C GLN B 242 -31.63 -1.65 13.91
N LYS B 243 -32.45 -1.98 14.90
CA LYS B 243 -32.01 -2.77 16.04
C LYS B 243 -33.24 -3.28 16.80
N TRP B 244 -33.11 -4.45 17.39
CA TRP B 244 -34.17 -4.89 18.30
C TRP B 244 -33.58 -5.60 19.52
N ALA B 245 -34.38 -5.63 20.57
CA ALA B 245 -34.12 -6.38 21.79
C ALA B 245 -35.38 -7.17 22.16
N ALA B 246 -35.18 -8.35 22.74
CA ALA B 246 -36.27 -9.25 23.06
C ALA B 246 -36.11 -9.84 24.46
N VAL B 247 -37.24 -10.11 25.09
CA VAL B 247 -37.32 -10.86 26.34
C VAL B 247 -38.41 -11.90 26.20
N VAL B 248 -38.19 -13.05 26.82
CA VAL B 248 -39.23 -14.06 26.96
C VAL B 248 -39.97 -13.80 28.28
N VAL B 249 -41.28 -13.62 28.21
CA VAL B 249 -42.07 -13.22 29.38
C VAL B 249 -43.20 -14.22 29.63
N PRO B 250 -43.61 -14.41 30.90
CA PRO B 250 -44.76 -15.27 31.19
C PRO B 250 -46.06 -14.66 30.69
N SER B 251 -46.85 -15.48 30.01
CA SER B 251 -48.16 -15.03 29.59
C SER B 251 -48.96 -14.56 30.80
N GLY B 252 -49.63 -13.43 30.60
CA GLY B 252 -50.42 -12.79 31.64
C GLY B 252 -49.80 -11.51 32.17
N GLU B 253 -48.50 -11.56 32.45
CA GLU B 253 -47.77 -10.41 33.00
C GLU B 253 -46.91 -9.71 31.95
N GLU B 254 -47.46 -9.31 30.79
CA GLU B 254 -46.69 -8.58 29.78
C GLU B 254 -46.64 -7.08 30.00
N GLN B 255 -47.64 -6.55 30.69
CA GLN B 255 -47.66 -5.13 30.97
C GLN B 255 -46.68 -4.76 32.07
N ARG B 256 -46.08 -5.75 32.73
CA ARG B 256 -45.04 -5.47 33.72
C ARG B 256 -43.70 -5.16 33.07
N TYR B 257 -43.55 -5.41 31.77
CA TYR B 257 -42.30 -5.25 31.05
C TYR B 257 -42.32 -3.96 30.25
N THR B 258 -41.23 -3.21 30.31
CA THR B 258 -41.18 -1.94 29.61
C THR B 258 -39.85 -1.79 28.86
N CYS B 259 -39.91 -1.26 27.64
CA CYS B 259 -38.74 -1.08 26.81
C CYS B 259 -38.35 0.39 26.78
N HIS B 260 -37.07 0.67 27.00
CA HIS B 260 -36.53 2.02 27.02
C HIS B 260 -35.56 2.19 25.85
N VAL B 261 -35.81 3.20 25.03
CA VAL B 261 -34.99 3.52 23.87
C VAL B 261 -34.32 4.86 24.15
N GLN B 262 -32.98 4.87 24.14
CA GLN B 262 -32.17 6.08 24.28
C GLN B 262 -31.38 6.25 22.99
N HIS B 263 -31.38 7.48 22.46
CA HIS B 263 -30.76 7.81 21.18
C HIS B 263 -30.46 9.30 21.17
N GLU B 264 -29.46 9.68 20.37
CA GLU B 264 -29.03 11.06 20.33
C GLU B 264 -30.17 11.98 19.90
N GLY B 265 -31.05 11.49 19.05
CA GLY B 265 -32.16 12.30 18.62
C GLY B 265 -33.33 12.33 19.56
N LEU B 266 -33.24 11.65 20.71
CA LEU B 266 -34.29 11.62 21.72
C LEU B 266 -33.89 12.43 22.95
N PRO B 267 -34.31 13.68 23.09
CA PRO B 267 -34.04 14.41 24.35
C PRO B 267 -34.51 13.66 25.60
N LYS B 268 -35.64 12.96 25.50
CA LYS B 268 -36.10 12.14 26.58
C LYS B 268 -36.18 10.72 26.05
N PRO B 269 -35.63 9.75 26.75
CA PRO B 269 -35.77 8.36 26.31
C PRO B 269 -37.22 7.95 26.17
N LEU B 270 -37.50 7.20 25.11
CA LEU B 270 -38.83 6.64 24.87
C LEU B 270 -39.01 5.43 25.76
N THR B 271 -40.21 5.30 26.32
CA THR B 271 -40.65 4.13 27.07
C THR B 271 -41.81 3.46 26.34
N LEU B 272 -41.68 2.17 26.07
CA LEU B 272 -42.59 1.45 25.21
C LEU B 272 -43.10 0.19 25.89
N ARG B 273 -44.35 -0.14 25.64
CA ARG B 273 -44.95 -1.36 26.14
C ARG B 273 -45.96 -1.87 25.13
N TRP B 274 -46.19 -3.18 25.14
CA TRP B 274 -47.23 -3.77 24.31
C TRP B 274 -48.60 -3.59 24.96
N GLU B 275 -49.56 -3.03 24.22
CA GLU B 275 -49.48 -2.77 22.79
C GLU B 275 -49.05 -1.34 22.51
N HIS C 1 -12.28 15.15 2.16
CA HIS C 1 -11.07 15.20 1.33
C HIS C 1 -9.99 14.26 1.89
N PRO C 2 -9.54 13.31 1.07
CA PRO C 2 -8.46 12.42 1.52
C PRO C 2 -7.16 13.18 1.73
N ASN C 3 -6.27 12.57 2.50
CA ASN C 3 -4.96 13.12 2.78
C ASN C 3 -4.02 12.79 1.62
N GLY C 4 -3.88 13.73 0.68
CA GLY C 4 -2.93 13.56 -0.41
C GLY C 4 -1.48 13.63 0.04
N TYR C 5 -1.21 14.32 1.15
CA TYR C 5 0.17 14.50 1.61
C TYR C 5 0.89 13.17 1.81
N LYS C 6 0.21 12.14 2.31
CA LYS C 6 0.90 10.91 2.68
C LYS C 6 0.83 9.84 1.61
N SER C 7 0.29 10.14 0.43
CA SER C 7 0.07 9.12 -0.59
C SER C 7 1.35 8.50 -1.16
N LEU C 8 2.53 9.01 -0.79
CA LEU C 8 3.81 8.43 -1.20
C LEU C 8 4.57 7.77 -0.07
N SER C 9 4.01 7.76 1.15
CA SER C 9 4.73 7.35 2.36
C SER C 9 4.60 5.85 2.57
N THR C 10 5.70 5.11 2.36
CA THR C 10 5.65 3.66 2.56
C THR C 10 5.85 3.27 4.02
N LEU C 11 5.28 2.12 4.38
CA LEU C 11 5.54 1.56 5.70
C LEU C 11 6.90 0.83 5.67
N ILE D 1 -11.82 -5.07 -16.48
CA ILE D 1 -10.89 -5.83 -15.64
C ILE D 1 -11.13 -7.35 -15.85
N GLN D 2 -12.05 -7.99 -15.10
CA GLN D 2 -12.28 -9.44 -15.21
C GLN D 2 -13.72 -9.79 -15.58
N ARG D 3 -13.88 -10.79 -16.45
CA ARG D 3 -15.17 -11.25 -16.96
C ARG D 3 -15.29 -12.77 -16.86
N THR D 4 -16.43 -13.24 -16.34
CA THR D 4 -16.76 -14.65 -16.15
C THR D 4 -17.26 -15.28 -17.44
N PRO D 5 -16.95 -16.56 -17.66
CA PRO D 5 -17.46 -17.25 -18.86
C PRO D 5 -18.97 -17.34 -18.93
N LYS D 6 -19.51 -17.13 -20.12
CA LYS D 6 -20.78 -17.72 -20.49
C LYS D 6 -20.50 -19.13 -21.01
N ILE D 7 -21.43 -20.05 -20.75
CA ILE D 7 -21.21 -21.46 -21.04
C ILE D 7 -22.46 -22.03 -21.69
N GLN D 8 -22.29 -22.69 -22.85
CA GLN D 8 -23.37 -23.44 -23.47
C GLN D 8 -22.88 -24.82 -23.84
N VAL D 9 -23.68 -25.83 -23.49
CA VAL D 9 -23.41 -27.22 -23.85
C VAL D 9 -24.48 -27.69 -24.81
N TYR D 10 -24.07 -28.30 -25.91
CA TYR D 10 -24.96 -28.60 -27.02
C TYR D 10 -24.21 -29.53 -27.97
N SER D 11 -24.97 -30.11 -28.91
CA SER D 11 -24.46 -31.00 -29.94
C SER D 11 -24.34 -30.28 -31.29
N ARG D 12 -23.47 -30.80 -32.16
CA ARG D 12 -23.32 -30.23 -33.49
C ARG D 12 -24.61 -30.34 -34.29
N HIS D 13 -25.20 -31.54 -34.32
CA HIS D 13 -26.44 -31.87 -34.99
C HIS D 13 -27.52 -32.21 -33.98
N PRO D 14 -28.84 -32.19 -34.38
CA PRO D 14 -29.91 -32.65 -33.49
C PRO D 14 -29.61 -34.05 -32.96
N ALA D 15 -29.67 -34.19 -31.65
CA ALA D 15 -29.39 -35.45 -30.96
C ALA D 15 -30.28 -36.57 -31.47
N GLU D 16 -29.66 -37.72 -31.76
CA GLU D 16 -30.38 -38.97 -32.02
C GLU D 16 -29.66 -40.07 -31.26
N ASN D 17 -30.38 -40.76 -30.38
CA ASN D 17 -29.77 -41.84 -29.61
C ASN D 17 -29.21 -42.90 -30.55
N GLY D 18 -27.94 -43.26 -30.34
CA GLY D 18 -27.25 -44.20 -31.18
C GLY D 18 -26.53 -43.61 -32.38
N LYS D 19 -26.79 -42.34 -32.73
CA LYS D 19 -26.14 -41.71 -33.87
C LYS D 19 -24.94 -40.88 -33.42
N SER D 20 -23.83 -41.03 -34.14
CA SER D 20 -22.62 -40.27 -33.82
C SER D 20 -22.85 -38.78 -34.05
N ASN D 21 -22.33 -37.99 -33.13
CA ASN D 21 -22.52 -36.55 -33.12
C ASN D 21 -21.24 -35.92 -32.55
N PHE D 22 -21.30 -34.62 -32.26
CA PHE D 22 -20.24 -33.95 -31.52
C PHE D 22 -20.84 -33.23 -30.33
N LEU D 23 -20.25 -33.41 -29.16
CA LEU D 23 -20.63 -32.67 -27.98
C LEU D 23 -19.79 -31.41 -27.90
N ASN D 24 -20.45 -30.27 -27.77
CA ASN D 24 -19.81 -28.97 -27.79
C ASN D 24 -19.99 -28.29 -26.45
N CYS D 25 -18.92 -27.62 -26.01
CA CYS D 25 -18.97 -26.70 -24.89
C CYS D 25 -18.37 -25.38 -25.35
N TYR D 26 -19.21 -24.35 -25.44
CA TYR D 26 -18.81 -23.03 -25.94
C TYR D 26 -18.66 -22.10 -24.75
N VAL D 27 -17.43 -21.64 -24.52
CA VAL D 27 -17.12 -20.70 -23.45
C VAL D 27 -16.81 -19.35 -24.10
N SER D 28 -17.42 -18.28 -23.58
CA SER D 28 -17.29 -16.98 -24.22
C SER D 28 -17.46 -15.88 -23.18
N GLY D 29 -17.11 -14.66 -23.59
CA GLY D 29 -17.33 -13.50 -22.76
C GLY D 29 -16.42 -13.39 -21.57
N PHE D 30 -15.31 -14.12 -21.55
CA PHE D 30 -14.46 -14.15 -20.36
C PHE D 30 -13.15 -13.40 -20.58
N HIS D 31 -12.52 -12.98 -19.47
CA HIS D 31 -11.25 -12.27 -19.49
C HIS D 31 -10.69 -12.34 -18.07
N PRO D 32 -9.42 -12.70 -17.86
CA PRO D 32 -8.37 -13.03 -18.86
C PRO D 32 -8.57 -14.40 -19.50
N SER D 33 -7.63 -14.80 -20.34
CA SER D 33 -7.82 -15.88 -21.28
C SER D 33 -7.58 -17.28 -20.70
N ASP D 34 -6.83 -17.42 -19.60
CA ASP D 34 -6.67 -18.75 -19.00
C ASP D 34 -8.04 -19.33 -18.67
N ILE D 35 -8.28 -20.59 -19.02
CA ILE D 35 -9.57 -21.19 -18.73
C ILE D 35 -9.41 -22.71 -18.73
N GLU D 36 -10.11 -23.37 -17.80
CA GLU D 36 -10.09 -24.83 -17.72
C GLU D 36 -11.44 -25.39 -18.14
N VAL D 37 -11.43 -26.32 -19.10
CA VAL D 37 -12.66 -26.90 -19.64
C VAL D 37 -12.47 -28.40 -19.83
N ASP D 38 -13.30 -29.21 -19.16
CA ASP D 38 -13.41 -30.64 -19.40
C ASP D 38 -14.83 -30.95 -19.85
N LEU D 39 -14.96 -31.97 -20.69
CA LEU D 39 -16.25 -32.55 -21.03
C LEU D 39 -16.44 -33.83 -20.21
N LEU D 40 -17.64 -34.02 -19.67
CA LEU D 40 -17.90 -35.11 -18.74
C LEU D 40 -18.94 -36.06 -19.29
N LYS D 41 -18.67 -37.36 -19.14
CA LYS D 41 -19.61 -38.43 -19.43
C LYS D 41 -19.92 -39.12 -18.11
N ASN D 42 -21.13 -38.89 -17.59
CA ASN D 42 -21.53 -39.40 -16.28
C ASN D 42 -20.52 -39.00 -15.20
N GLY D 43 -20.00 -37.78 -15.32
CA GLY D 43 -19.14 -37.25 -14.27
C GLY D 43 -17.67 -37.56 -14.39
N GLU D 44 -17.25 -38.34 -15.38
CA GLU D 44 -15.86 -38.66 -15.61
C GLU D 44 -15.38 -37.91 -16.84
N ARG D 45 -14.22 -37.26 -16.73
CA ARG D 45 -13.76 -36.42 -17.82
C ARG D 45 -13.41 -37.27 -19.04
N ILE D 46 -13.82 -36.79 -20.21
CA ILE D 46 -13.54 -37.45 -21.48
C ILE D 46 -12.12 -37.15 -21.94
N GLU D 47 -11.41 -38.18 -22.40
CA GLU D 47 -9.98 -38.05 -22.63
C GLU D 47 -9.68 -37.25 -23.90
N LYS D 48 -10.31 -37.60 -25.02
CA LYS D 48 -9.94 -37.01 -26.31
C LYS D 48 -10.81 -35.79 -26.59
N VAL D 49 -10.38 -34.63 -26.11
CA VAL D 49 -11.15 -33.39 -26.29
C VAL D 49 -10.28 -32.35 -26.99
N GLU D 50 -10.73 -31.90 -28.15
CA GLU D 50 -10.05 -30.85 -28.88
C GLU D 50 -10.67 -29.50 -28.56
N HIS D 51 -9.94 -28.44 -28.89
CA HIS D 51 -10.47 -27.10 -28.71
C HIS D 51 -9.98 -26.21 -29.85
N SER D 52 -10.72 -25.14 -30.08
CA SER D 52 -10.40 -24.22 -31.16
C SER D 52 -9.28 -23.26 -30.73
N ASP D 53 -8.75 -22.55 -31.71
CA ASP D 53 -7.69 -21.59 -31.47
C ASP D 53 -8.23 -20.34 -30.76
N LEU D 54 -7.50 -19.86 -29.76
CA LEU D 54 -7.94 -18.72 -28.98
C LEU D 54 -8.29 -17.52 -29.88
N SER D 55 -9.51 -17.01 -29.75
CA SER D 55 -9.94 -15.81 -30.45
C SER D 55 -10.73 -14.92 -29.48
N PHE D 56 -11.13 -13.72 -29.94
CA PHE D 56 -11.90 -12.82 -29.09
C PHE D 56 -12.89 -11.97 -29.89
N SER D 57 -13.87 -11.41 -29.15
CA SER D 57 -14.97 -10.65 -29.73
C SER D 57 -14.76 -9.14 -29.87
N LYS D 58 -15.83 -8.41 -30.21
CA LYS D 58 -15.71 -6.96 -30.44
C LYS D 58 -15.44 -6.20 -29.15
N ASP D 59 -15.85 -6.74 -28.00
CA ASP D 59 -15.56 -6.13 -26.71
C ASP D 59 -14.29 -6.65 -26.05
N TRP D 60 -13.49 -7.42 -26.79
CA TRP D 60 -12.19 -8.00 -26.45
C TRP D 60 -12.33 -9.26 -25.62
N SER D 61 -13.54 -9.70 -25.26
CA SER D 61 -13.68 -10.93 -24.50
C SER D 61 -13.37 -12.15 -25.37
N PHE D 62 -12.81 -13.19 -24.73
CA PHE D 62 -12.35 -14.37 -25.44
C PHE D 62 -13.46 -15.38 -25.62
N TYR D 63 -13.26 -16.30 -26.57
CA TYR D 63 -14.17 -17.43 -26.71
C TYR D 63 -13.40 -18.65 -27.20
N LEU D 64 -13.94 -19.82 -26.86
CA LEU D 64 -13.32 -21.10 -27.19
C LEU D 64 -14.44 -22.12 -27.32
N LEU D 65 -14.23 -23.06 -28.25
CA LEU D 65 -15.13 -24.20 -28.42
C LEU D 65 -14.36 -25.46 -28.07
N TYR D 66 -14.86 -26.20 -27.09
CA TYR D 66 -14.36 -27.52 -26.75
C TYR D 66 -15.32 -28.55 -27.30
N TYR D 67 -14.79 -29.60 -27.92
CA TYR D 67 -15.65 -30.54 -28.64
C TYR D 67 -15.01 -31.91 -28.68
N THR D 68 -15.87 -32.93 -28.71
CA THR D 68 -15.45 -34.32 -28.81
C THR D 68 -16.55 -35.04 -29.56
N GLU D 69 -16.17 -36.07 -30.30
CA GLU D 69 -17.14 -36.98 -30.88
C GLU D 69 -17.85 -37.77 -29.77
N PHE D 70 -19.17 -37.90 -29.87
CA PHE D 70 -19.90 -38.75 -28.93
C PHE D 70 -21.15 -39.30 -29.59
N THR D 71 -21.71 -40.33 -28.96
CA THR D 71 -22.97 -40.94 -29.39
C THR D 71 -23.94 -40.90 -28.23
N PRO D 72 -24.92 -40.00 -28.23
CA PRO D 72 -25.81 -39.85 -27.07
C PRO D 72 -26.67 -41.09 -26.87
N THR D 73 -27.48 -41.10 -25.84
CA THR D 73 -28.44 -42.16 -25.69
C THR D 73 -29.54 -41.59 -24.79
N GLU D 74 -30.30 -42.52 -24.24
CA GLU D 74 -31.36 -42.23 -23.27
C GLU D 74 -30.77 -41.92 -21.90
N LYS D 75 -29.89 -42.79 -21.41
CA LYS D 75 -29.46 -42.77 -20.02
C LYS D 75 -28.20 -41.93 -19.78
N ASP D 76 -27.27 -41.93 -20.71
CA ASP D 76 -26.02 -41.21 -20.49
C ASP D 76 -26.17 -39.69 -20.35
N GLU D 77 -25.58 -39.16 -19.30
CA GLU D 77 -25.58 -37.73 -18.99
C GLU D 77 -24.23 -37.10 -19.34
N TYR D 78 -24.25 -36.04 -20.12
CA TYR D 78 -23.03 -35.34 -20.51
C TYR D 78 -23.07 -33.92 -19.95
N ALA D 79 -21.89 -33.40 -19.60
CA ALA D 79 -21.84 -32.06 -19.03
C ALA D 79 -20.48 -31.42 -19.32
N CYS D 80 -20.38 -30.15 -18.98
CA CYS D 80 -19.16 -29.37 -19.19
C CYS D 80 -18.76 -28.77 -17.86
N ARG D 81 -17.48 -28.90 -17.49
CA ARG D 81 -16.96 -28.36 -16.24
C ARG D 81 -15.95 -27.28 -16.59
N VAL D 82 -16.15 -26.09 -16.01
CA VAL D 82 -15.40 -24.89 -16.34
C VAL D 82 -14.83 -24.30 -15.07
N ASN D 83 -13.54 -24.00 -15.08
CA ASN D 83 -12.93 -23.19 -14.03
C ASN D 83 -12.23 -21.98 -14.64
N HIS D 84 -12.20 -20.90 -13.88
CA HIS D 84 -11.76 -19.60 -14.33
C HIS D 84 -11.42 -18.78 -13.09
N VAL D 85 -10.60 -17.75 -13.27
CA VAL D 85 -10.19 -16.93 -12.14
C VAL D 85 -11.41 -16.28 -11.45
N THR D 86 -12.47 -16.01 -12.21
CA THR D 86 -13.72 -15.43 -11.69
C THR D 86 -14.62 -16.46 -10.99
N LEU D 87 -14.26 -17.73 -11.05
CA LEU D 87 -15.07 -18.79 -10.48
C LEU D 87 -14.36 -19.32 -9.24
N SER D 88 -15.05 -19.26 -8.10
CA SER D 88 -14.49 -19.77 -6.86
C SER D 88 -14.45 -21.29 -6.84
N GLN D 89 -15.41 -21.94 -7.47
CA GLN D 89 -15.41 -23.38 -7.66
C GLN D 89 -15.71 -23.69 -9.12
N PRO D 90 -15.41 -24.90 -9.58
CA PRO D 90 -15.70 -25.23 -10.98
C PRO D 90 -17.21 -25.15 -11.14
N LYS D 91 -17.63 -24.71 -12.32
CA LYS D 91 -19.03 -24.63 -12.70
C LYS D 91 -19.34 -25.77 -13.65
N ILE D 92 -20.37 -26.54 -13.35
CA ILE D 92 -20.81 -27.63 -14.21
C ILE D 92 -22.12 -27.23 -14.88
N VAL D 93 -22.18 -27.37 -16.20
CA VAL D 93 -23.38 -27.11 -16.97
C VAL D 93 -23.74 -28.42 -17.69
N LYS D 94 -24.94 -28.93 -17.41
CA LYS D 94 -25.37 -30.20 -17.95
C LYS D 94 -25.87 -30.04 -19.37
N TRP D 95 -25.71 -31.11 -20.17
CA TRP D 95 -26.16 -31.09 -21.56
C TRP D 95 -27.66 -31.38 -21.61
N ASP D 96 -28.43 -30.40 -22.03
CA ASP D 96 -29.83 -30.60 -22.35
C ASP D 96 -29.93 -30.52 -23.87
N ARG D 97 -30.31 -31.62 -24.48
CA ARG D 97 -30.44 -31.74 -25.92
C ARG D 97 -31.48 -30.86 -26.55
N ASP D 98 -32.33 -30.26 -25.75
CA ASP D 98 -33.33 -29.32 -26.21
C ASP D 98 -32.85 -27.88 -26.09
N MET D 99 -31.57 -27.67 -25.81
CA MET D 99 -31.07 -26.32 -25.56
C MET D 99 -29.75 -26.06 -26.27
N GLY E 1 -20.84 -10.10 -51.96
CA GLY E 1 -21.19 -8.86 -51.28
C GLY E 1 -19.99 -8.22 -50.62
N SER E 2 -20.19 -7.69 -49.42
CA SER E 2 -19.13 -7.08 -48.64
C SER E 2 -18.36 -8.13 -47.84
N HIS E 3 -17.08 -7.88 -47.62
CA HIS E 3 -16.20 -8.86 -46.99
C HIS E 3 -15.19 -8.18 -46.10
N SER E 4 -14.58 -8.97 -45.21
CA SER E 4 -13.59 -8.47 -44.27
C SER E 4 -12.50 -9.50 -44.04
N MET E 5 -11.29 -9.01 -43.76
CA MET E 5 -10.22 -9.84 -43.24
C MET E 5 -9.80 -9.29 -41.86
N ARG E 6 -9.54 -10.18 -40.89
CA ARG E 6 -9.17 -9.74 -39.55
C ARG E 6 -8.08 -10.65 -39.00
N TYR E 7 -7.12 -10.06 -38.30
CA TYR E 7 -6.16 -10.80 -37.49
C TYR E 7 -6.33 -10.39 -36.02
N PHE E 8 -6.29 -11.38 -35.13
CA PHE E 8 -6.44 -11.20 -33.71
C PHE E 8 -5.21 -11.72 -33.01
N TYR E 9 -4.46 -10.84 -32.37
CA TYR E 9 -3.28 -11.25 -31.60
C TYR E 9 -3.62 -11.20 -30.12
N THR E 10 -3.19 -12.23 -29.40
CA THR E 10 -3.22 -12.21 -27.95
C THR E 10 -1.81 -12.49 -27.44
N SER E 11 -1.32 -11.62 -26.58
CA SER E 11 -0.08 -11.84 -25.86
C SER E 11 -0.43 -11.76 -24.39
N VAL E 12 0.02 -12.75 -23.63
CA VAL E 12 -0.25 -12.87 -22.20
C VAL E 12 1.07 -13.13 -21.48
N SER E 13 1.45 -12.23 -20.57
CA SER E 13 2.61 -12.51 -19.75
C SER E 13 2.27 -13.51 -18.63
N ARG E 14 3.25 -14.30 -18.23
CA ARG E 14 3.08 -15.28 -17.15
C ARG E 14 4.27 -15.15 -16.19
N PRO E 15 4.28 -14.11 -15.36
CA PRO E 15 5.54 -13.65 -14.73
C PRO E 15 6.48 -14.69 -14.13
N GLY E 16 6.01 -15.72 -13.45
CA GLY E 16 6.99 -16.66 -12.95
C GLY E 16 7.10 -17.93 -13.78
N ARG E 17 6.46 -17.96 -14.94
CA ARG E 17 6.22 -19.21 -15.65
C ARG E 17 6.75 -19.19 -17.08
N GLY E 18 7.79 -18.41 -17.32
CA GLY E 18 8.48 -18.32 -18.60
C GLY E 18 8.21 -17.00 -19.30
N GLU E 19 8.47 -17.00 -20.58
CA GLU E 19 8.27 -15.79 -21.37
C GLU E 19 6.83 -15.71 -21.87
N PRO E 20 6.37 -14.50 -22.23
CA PRO E 20 4.99 -14.37 -22.69
C PRO E 20 4.66 -15.30 -23.85
N ARG E 21 3.42 -15.75 -23.88
CA ARG E 21 2.84 -16.48 -25.00
C ARG E 21 2.18 -15.52 -25.99
N PHE E 22 2.36 -15.79 -27.29
CA PHE E 22 1.77 -15.04 -28.40
C PHE E 22 0.93 -15.98 -29.25
N ILE E 23 -0.34 -15.64 -29.43
CA ILE E 23 -1.26 -16.40 -30.27
C ILE E 23 -1.79 -15.47 -31.35
N SER E 24 -1.86 -15.98 -32.58
CA SER E 24 -2.47 -15.25 -33.67
C SER E 24 -3.50 -16.11 -34.38
N VAL E 25 -4.63 -15.50 -34.78
CA VAL E 25 -5.57 -16.13 -35.69
C VAL E 25 -6.00 -15.12 -36.77
N GLY E 26 -6.25 -15.62 -37.97
CA GLY E 26 -6.75 -14.81 -39.06
C GLY E 26 -8.10 -15.31 -39.52
N TYR E 27 -8.97 -14.39 -39.91
CA TYR E 27 -10.32 -14.70 -40.35
C TYR E 27 -10.60 -13.97 -41.65
N VAL E 28 -11.36 -14.62 -42.53
CA VAL E 28 -12.07 -13.94 -43.61
C VAL E 28 -13.56 -14.03 -43.31
N ASP E 29 -14.20 -12.86 -43.10
CA ASP E 29 -15.55 -12.81 -42.58
C ASP E 29 -15.60 -13.64 -41.31
N ASP E 30 -16.46 -14.66 -41.25
CA ASP E 30 -16.57 -15.52 -40.07
C ASP E 30 -15.88 -16.88 -40.26
N THR E 31 -14.93 -16.98 -41.17
CA THR E 31 -14.18 -18.21 -41.40
C THR E 31 -12.74 -18.03 -40.94
N GLN E 32 -12.34 -18.80 -39.94
CA GLN E 32 -10.95 -18.82 -39.53
C GLN E 32 -10.13 -19.57 -40.58
N PHE E 33 -8.98 -19.02 -40.96
CA PHE E 33 -8.14 -19.74 -41.92
C PHE E 33 -6.68 -19.95 -41.51
N VAL E 34 -6.14 -19.24 -40.51
CA VAL E 34 -4.76 -19.46 -40.07
C VAL E 34 -4.62 -19.31 -38.57
N ARG E 35 -3.49 -19.79 -38.06
CA ARG E 35 -3.18 -19.67 -36.63
C ARG E 35 -1.68 -19.76 -36.42
N PHE E 36 -1.25 -19.21 -35.28
CA PHE E 36 0.12 -19.37 -34.81
C PHE E 36 0.11 -19.33 -33.29
N ASP E 37 0.97 -20.15 -32.68
CA ASP E 37 1.02 -20.31 -31.24
C ASP E 37 2.49 -20.35 -30.88
N SER E 38 2.99 -19.34 -30.18
CA SER E 38 4.41 -19.32 -29.86
C SER E 38 4.79 -20.48 -28.96
N ASP E 39 3.84 -21.09 -28.25
CA ASP E 39 4.10 -22.21 -27.35
C ASP E 39 4.11 -23.57 -28.04
N ALA E 40 3.77 -23.66 -29.33
CA ALA E 40 3.77 -24.96 -30.00
C ALA E 40 5.20 -25.48 -30.11
N ALA E 41 5.32 -26.79 -30.38
CA ALA E 41 6.62 -27.45 -30.44
C ALA E 41 7.58 -26.75 -31.40
N SER E 42 7.18 -26.59 -32.66
CA SER E 42 7.98 -25.89 -33.66
C SER E 42 7.10 -24.80 -34.26
N PRO E 43 7.06 -23.63 -33.64
CA PRO E 43 6.00 -22.65 -33.96
C PRO E 43 6.02 -22.27 -35.43
N ARG E 44 4.88 -22.34 -36.07
CA ARG E 44 4.72 -22.02 -37.46
C ARG E 44 3.31 -21.63 -37.75
N GLU E 45 3.10 -20.80 -38.76
CA GLU E 45 1.74 -20.53 -39.17
C GLU E 45 1.14 -21.81 -39.73
N GLU E 46 -0.11 -22.10 -39.37
CA GLU E 46 -0.70 -23.33 -39.85
C GLU E 46 -2.05 -23.09 -40.51
N PRO E 47 -2.38 -23.88 -41.53
CA PRO E 47 -3.67 -23.70 -42.21
C PRO E 47 -4.84 -24.17 -41.36
N ARG E 48 -5.97 -23.47 -41.50
CA ARG E 48 -7.17 -23.86 -40.78
C ARG E 48 -8.42 -23.82 -41.64
N ALA E 49 -8.29 -23.58 -42.94
CA ALA E 49 -9.36 -23.64 -43.93
C ALA E 49 -8.81 -24.29 -45.20
N PRO E 50 -9.67 -24.97 -45.97
CA PRO E 50 -9.16 -25.71 -47.13
C PRO E 50 -8.52 -24.83 -48.18
N TRP E 51 -9.09 -23.66 -48.42
CA TRP E 51 -8.70 -22.85 -49.57
C TRP E 51 -7.38 -22.12 -49.37
N ILE E 52 -6.80 -22.15 -48.16
CA ILE E 52 -5.50 -21.55 -47.89
C ILE E 52 -4.36 -22.56 -47.99
N GLU E 53 -4.66 -23.85 -48.04
CA GLU E 53 -3.61 -24.86 -48.08
C GLU E 53 -2.79 -24.77 -49.37
N GLN E 54 -3.38 -24.29 -50.47
CA GLN E 54 -2.69 -24.25 -51.76
C GLN E 54 -1.56 -23.23 -51.80
N GLU E 55 -1.43 -22.37 -50.79
CA GLU E 55 -0.30 -21.44 -50.76
C GLU E 55 0.99 -22.24 -50.65
N GLY E 56 2.03 -21.74 -51.30
CA GLY E 56 3.31 -22.42 -51.36
C GLY E 56 4.09 -22.23 -50.09
N PRO E 57 5.22 -22.90 -49.98
CA PRO E 57 6.06 -22.86 -48.81
C PRO E 57 6.52 -21.49 -48.30
N GLU E 58 6.69 -20.55 -49.20
CA GLU E 58 7.13 -19.23 -48.83
C GLU E 58 6.11 -18.43 -48.05
N TYR E 59 4.84 -18.66 -48.32
CA TYR E 59 3.75 -18.03 -47.61
C TYR E 59 3.81 -18.42 -46.13
N TRP E 60 3.99 -19.72 -45.86
CA TRP E 60 4.03 -20.19 -44.49
C TRP E 60 5.33 -19.77 -43.81
N ASP E 61 6.44 -19.79 -44.56
CA ASP E 61 7.73 -19.39 -44.00
C ASP E 61 7.75 -17.91 -43.68
N ARG E 62 7.25 -17.09 -44.58
CA ARG E 62 7.24 -15.69 -44.33
C ARG E 62 6.34 -15.28 -43.20
N ASN E 63 5.11 -15.76 -43.17
CA ASN E 63 4.22 -15.40 -42.05
C ASN E 63 4.78 -15.88 -40.72
N THR E 64 5.40 -17.07 -40.68
CA THR E 64 6.04 -17.53 -39.45
C THR E 64 7.08 -16.55 -38.97
N GLN E 65 7.91 -16.04 -39.89
CA GLN E 65 8.87 -15.01 -39.50
C GLN E 65 8.16 -13.79 -38.93
N ILE E 66 7.05 -13.39 -39.55
CA ILE E 66 6.33 -12.21 -39.09
C ILE E 66 5.84 -12.39 -37.67
N TYR E 67 5.13 -13.50 -37.39
CA TYR E 67 4.60 -13.73 -36.05
C TYR E 67 5.71 -13.78 -35.02
N LYS E 68 6.82 -14.45 -35.34
CA LYS E 68 7.93 -14.53 -34.39
C LYS E 68 8.44 -13.15 -34.03
N ALA E 69 8.59 -12.27 -35.01
CA ALA E 69 9.04 -10.92 -34.70
C ALA E 69 7.96 -10.14 -33.94
N GLN E 70 6.70 -10.30 -34.29
CA GLN E 70 5.61 -9.65 -33.58
C GLN E 70 5.57 -10.14 -32.15
N ALA E 71 5.85 -11.41 -31.94
CA ALA E 71 5.85 -11.93 -30.58
C ALA E 71 6.91 -11.26 -29.72
N GLN E 72 8.10 -11.13 -30.23
CA GLN E 72 9.16 -10.50 -29.50
C GLN E 72 8.83 -9.03 -29.25
N THR E 73 8.19 -8.39 -30.20
CA THR E 73 7.76 -7.01 -30.07
C THR E 73 6.67 -6.85 -29.01
N ASP E 74 5.73 -7.76 -28.97
CA ASP E 74 4.66 -7.73 -27.99
C ASP E 74 5.22 -7.87 -26.59
N ARG E 75 6.28 -8.66 -26.45
CA ARG E 75 6.93 -8.79 -25.17
C ARG E 75 7.50 -7.47 -24.74
N GLU E 76 8.11 -6.81 -25.69
CA GLU E 76 8.64 -5.52 -25.47
C GLU E 76 7.52 -4.53 -25.14
N SER E 77 6.40 -4.61 -25.81
CA SER E 77 5.26 -3.74 -25.49
C SER E 77 4.71 -4.01 -24.08
N LEU E 78 4.61 -5.29 -23.69
CA LEU E 78 4.11 -5.60 -22.36
C LEU E 78 5.02 -5.01 -21.29
N ARG E 79 6.34 -5.08 -21.48
CA ARG E 79 7.26 -4.39 -20.56
C ARG E 79 6.95 -2.91 -20.52
N ASN E 80 6.86 -2.26 -21.68
CA ASN E 80 6.67 -0.78 -21.73
C ASN E 80 5.35 -0.38 -21.07
N LEU E 81 4.31 -1.20 -21.18
CA LEU E 81 2.97 -0.88 -20.65
C LEU E 81 3.00 -0.97 -19.13
N ARG E 82 3.68 -1.97 -18.59
CA ARG E 82 3.84 -2.13 -17.13
C ARG E 82 4.57 -0.91 -16.62
N GLY E 83 5.49 -0.38 -17.42
CA GLY E 83 6.22 0.84 -17.07
C GLY E 83 5.34 2.07 -17.06
N TYR E 84 4.52 2.24 -18.09
CA TYR E 84 3.61 3.41 -18.13
C TYR E 84 2.59 3.39 -16.97
N TYR E 85 2.26 2.23 -16.42
CA TYR E 85 1.23 2.16 -15.37
C TYR E 85 1.82 1.85 -13.99
N ASN E 86 3.14 1.85 -13.85
CA ASN E 86 3.83 1.51 -12.58
C ASN E 86 3.24 0.24 -11.97
N GLN E 87 3.05 -0.80 -12.76
CA GLN E 87 2.59 -2.07 -12.31
C GLN E 87 3.79 -2.92 -11.95
N SER E 88 3.76 -3.77 -10.95
CA SER E 88 4.94 -4.60 -10.65
C SER E 88 5.25 -5.68 -11.68
N GLU E 89 6.47 -6.23 -11.65
CA GLU E 89 6.84 -7.28 -12.52
C GLU E 89 6.28 -8.63 -12.15
N ALA E 90 5.50 -8.73 -11.10
CA ALA E 90 4.91 -10.00 -10.72
C ALA E 90 3.52 -10.22 -11.28
N GLY E 91 2.95 -9.26 -11.98
CA GLY E 91 1.59 -9.40 -12.47
C GLY E 91 1.55 -9.88 -13.92
N SER E 92 0.50 -10.64 -14.20
CA SER E 92 0.24 -11.19 -15.52
C SER E 92 -0.69 -10.24 -16.30
N HIS E 93 -0.29 -9.87 -17.52
CA HIS E 93 -1.07 -8.89 -18.25
C HIS E 93 -1.29 -9.34 -19.69
N THR E 94 -2.28 -8.73 -20.33
CA THR E 94 -2.68 -9.12 -21.68
C THR E 94 -2.60 -7.95 -22.63
N LEU E 95 -2.03 -8.21 -23.81
CA LEU E 95 -2.08 -7.27 -24.91
C LEU E 95 -2.78 -7.97 -26.06
N GLN E 96 -3.88 -7.38 -26.51
CA GLN E 96 -4.65 -7.89 -27.62
C GLN E 96 -4.59 -6.90 -28.77
N SER E 97 -4.52 -7.42 -29.98
CA SER E 97 -4.48 -6.61 -31.19
C SER E 97 -5.53 -7.10 -32.18
N MET E 98 -6.21 -6.17 -32.81
CA MET E 98 -7.20 -6.51 -33.82
C MET E 98 -6.98 -5.56 -35.00
N TYR E 99 -6.75 -6.11 -36.19
CA TYR E 99 -6.60 -5.27 -37.37
C TYR E 99 -7.08 -5.99 -38.62
N GLY E 100 -7.30 -5.21 -39.66
CA GLY E 100 -7.70 -5.76 -40.95
C GLY E 100 -8.48 -4.72 -41.73
N CYS E 101 -9.10 -5.17 -42.81
CA CYS E 101 -9.73 -4.26 -43.76
C CYS E 101 -11.11 -4.77 -44.17
N ASP E 102 -11.99 -3.83 -44.52
CA ASP E 102 -13.30 -4.14 -45.10
C ASP E 102 -13.36 -3.64 -46.53
N VAL E 103 -13.84 -4.48 -47.44
CA VAL E 103 -13.99 -4.15 -48.85
C VAL E 103 -15.45 -4.32 -49.24
N GLY E 104 -15.90 -3.50 -50.19
CA GLY E 104 -17.22 -3.61 -50.76
C GLY E 104 -17.30 -4.70 -51.80
N PRO E 105 -18.46 -4.78 -52.44
CA PRO E 105 -18.65 -5.80 -53.50
C PRO E 105 -17.63 -5.72 -54.63
N ASP E 106 -17.10 -4.54 -54.94
CA ASP E 106 -16.07 -4.38 -55.97
C ASP E 106 -14.67 -4.68 -55.45
N GLY E 107 -14.52 -4.84 -54.14
CA GLY E 107 -13.24 -5.11 -53.53
C GLY E 107 -12.45 -3.89 -53.13
N ARG E 108 -13.02 -2.69 -53.23
CA ARG E 108 -12.29 -1.52 -52.76
C ARG E 108 -12.47 -1.33 -51.27
N LEU E 109 -11.44 -0.73 -50.66
CA LEU E 109 -11.40 -0.51 -49.22
C LEU E 109 -12.56 0.36 -48.76
N LEU E 110 -13.34 -0.20 -47.84
CA LEU E 110 -14.38 0.56 -47.15
C LEU E 110 -13.83 1.15 -45.86
N ARG E 111 -13.03 0.39 -45.14
CA ARG E 111 -12.61 0.80 -43.81
C ARG E 111 -11.42 -0.06 -43.43
N GLY E 112 -10.42 0.54 -42.81
CA GLY E 112 -9.31 -0.19 -42.22
C GLY E 112 -9.44 -0.14 -40.70
N HIS E 113 -8.97 -1.18 -40.03
CA HIS E 113 -9.00 -1.25 -38.57
C HIS E 113 -7.63 -1.61 -38.04
N ASP E 114 -7.28 -1.06 -36.89
CA ASP E 114 -6.04 -1.39 -36.22
C ASP E 114 -6.06 -0.84 -34.81
N GLN E 115 -6.43 -1.67 -33.83
CA GLN E 115 -6.64 -1.19 -32.48
C GLN E 115 -6.17 -2.25 -31.50
N TYR E 116 -5.98 -1.82 -30.26
CA TYR E 116 -5.35 -2.59 -29.20
C TYR E 116 -6.15 -2.45 -27.90
N ALA E 117 -6.11 -3.51 -27.08
CA ALA E 117 -6.60 -3.48 -25.71
C ALA E 117 -5.53 -3.95 -24.75
N TYR E 118 -5.49 -3.35 -23.56
CA TYR E 118 -4.59 -3.76 -22.49
C TYR E 118 -5.43 -4.20 -21.28
N ASP E 119 -5.23 -5.43 -20.82
CA ASP E 119 -6.01 -6.03 -19.72
C ASP E 119 -7.51 -5.84 -19.94
N GLY E 120 -7.93 -5.95 -21.21
CA GLY E 120 -9.31 -5.98 -21.65
C GLY E 120 -9.95 -4.63 -21.90
N LYS E 121 -9.20 -3.54 -21.77
CA LYS E 121 -9.72 -2.19 -22.05
C LYS E 121 -9.08 -1.65 -23.31
N ASP E 122 -9.91 -1.02 -24.14
CA ASP E 122 -9.44 -0.21 -25.26
C ASP E 122 -8.22 0.58 -24.82
N TYR E 123 -7.17 0.53 -25.62
CA TYR E 123 -5.95 1.27 -25.31
C TYR E 123 -5.63 2.31 -26.37
N ILE E 124 -5.40 1.89 -27.62
CA ILE E 124 -5.21 2.85 -28.70
C ILE E 124 -5.82 2.27 -29.98
N ALA E 125 -6.29 3.16 -30.85
CA ALA E 125 -6.94 2.77 -32.09
C ALA E 125 -6.50 3.67 -33.22
N LEU E 126 -6.26 3.10 -34.40
CA LEU E 126 -6.11 3.92 -35.59
C LEU E 126 -7.47 4.47 -35.98
N ASN E 127 -7.52 5.76 -36.28
CA ASN E 127 -8.75 6.42 -36.70
C ASN E 127 -9.09 6.04 -38.14
N GLU E 128 -10.34 6.33 -38.53
CA GLU E 128 -10.81 5.92 -39.85
C GLU E 128 -9.98 6.53 -40.99
N ASP E 129 -9.44 7.73 -40.80
CA ASP E 129 -8.62 8.34 -41.84
C ASP E 129 -7.23 7.70 -41.94
N LEU E 130 -6.95 6.71 -41.09
CA LEU E 130 -5.71 5.92 -41.14
C LEU E 130 -4.46 6.81 -41.10
N ARG E 131 -4.61 8.00 -40.50
CA ARG E 131 -3.53 8.97 -40.33
C ARG E 131 -3.39 9.49 -38.91
N SER E 132 -4.18 8.99 -37.96
CA SER E 132 -4.16 9.55 -36.62
C SER E 132 -4.72 8.51 -35.66
N TRP E 133 -4.48 8.76 -34.36
CA TRP E 133 -4.81 7.82 -33.30
C TRP E 133 -5.75 8.44 -32.25
N THR E 134 -6.58 7.58 -31.66
CA THR E 134 -7.37 7.91 -30.48
C THR E 134 -6.78 7.13 -29.30
N ALA E 135 -6.27 7.85 -28.31
CA ALA E 135 -5.71 7.24 -27.10
C ALA E 135 -6.77 7.20 -26.00
N ALA E 136 -6.91 6.04 -25.33
CA ALA E 136 -7.92 5.92 -24.29
C ALA E 136 -7.44 6.43 -22.93
N ASP E 137 -6.19 6.84 -22.83
CA ASP E 137 -5.43 6.84 -21.58
C ASP E 137 -4.39 7.92 -21.59
N THR E 138 -3.97 8.34 -20.40
CA THR E 138 -2.70 9.03 -20.31
C THR E 138 -1.55 8.13 -20.78
N ALA E 139 -1.61 6.84 -20.44
CA ALA E 139 -0.54 5.92 -20.82
C ALA E 139 -0.51 5.71 -22.33
N ALA E 140 -1.67 5.51 -22.94
CA ALA E 140 -1.74 5.34 -24.38
C ALA E 140 -1.32 6.61 -25.14
N GLN E 141 -1.35 7.77 -24.50
CA GLN E 141 -0.85 8.97 -25.17
C GLN E 141 0.66 8.90 -25.37
N ILE E 142 1.36 8.23 -24.46
CA ILE E 142 2.80 7.99 -24.64
C ILE E 142 3.04 7.16 -25.89
N THR E 143 2.31 6.05 -26.03
CA THR E 143 2.36 5.27 -27.26
C THR E 143 1.96 6.13 -28.46
N GLN E 144 0.93 6.95 -28.32
CA GLN E 144 0.51 7.80 -29.44
C GLN E 144 1.65 8.70 -29.88
N ARG E 145 2.25 9.41 -28.94
CA ARG E 145 3.31 10.35 -29.29
C ARG E 145 4.48 9.63 -29.94
N LYS E 146 4.83 8.48 -29.46
CA LYS E 146 5.92 7.73 -29.98
C LYS E 146 5.62 7.26 -31.42
N TRP E 147 4.39 6.82 -31.66
CA TRP E 147 3.95 6.42 -32.99
C TRP E 147 3.74 7.62 -33.92
N GLU E 148 3.49 8.81 -33.38
CA GLU E 148 3.51 10.00 -34.22
C GLU E 148 4.93 10.36 -34.66
N ALA E 149 5.91 10.21 -33.75
CA ALA E 149 7.31 10.48 -34.11
C ALA E 149 7.84 9.47 -35.13
N ALA E 150 7.35 8.24 -35.07
CA ALA E 150 7.73 7.23 -36.03
C ALA E 150 6.92 7.32 -37.33
N ARG E 151 5.87 8.15 -37.36
CA ARG E 151 4.92 8.11 -38.47
C ARG E 151 4.38 6.69 -38.64
N GLU E 152 4.04 6.07 -37.52
CA GLU E 152 3.50 4.71 -37.52
C GLU E 152 2.21 4.62 -38.31
N ALA E 153 1.38 5.67 -38.26
CA ALA E 153 0.11 5.63 -38.97
C ALA E 153 0.32 5.41 -40.45
N GLU E 154 1.35 6.04 -41.02
CA GLU E 154 1.60 5.88 -42.46
C GLU E 154 2.02 4.45 -42.82
N GLN E 155 2.69 3.73 -41.90
CA GLN E 155 3.07 2.36 -42.20
C GLN E 155 1.85 1.44 -42.15
N ARG E 156 0.94 1.66 -41.22
CA ARG E 156 -0.30 0.89 -41.19
C ARG E 156 -1.11 1.12 -42.46
N ARG E 157 -1.23 2.40 -42.88
CA ARG E 157 -1.99 2.74 -44.08
C ARG E 157 -1.46 1.97 -45.28
N ALA E 158 -0.13 1.95 -45.42
CA ALA E 158 0.50 1.18 -46.48
C ALA E 158 -0.02 -0.26 -46.51
N TYR E 159 -0.12 -0.90 -45.33
CA TYR E 159 -0.68 -2.25 -45.24
C TYR E 159 -2.18 -2.24 -45.47
N LEU E 160 -2.90 -1.39 -44.74
CA LEU E 160 -4.36 -1.53 -44.81
C LEU E 160 -4.90 -1.17 -46.19
N GLU E 161 -4.30 -0.20 -46.89
CA GLU E 161 -4.76 0.16 -48.23
C GLU E 161 -4.17 -0.71 -49.34
N GLY E 162 -3.04 -1.37 -49.09
CA GLY E 162 -2.36 -2.10 -50.14
C GLY E 162 -2.55 -3.58 -49.99
N GLU E 163 -1.58 -4.25 -49.35
CA GLU E 163 -1.62 -5.71 -49.33
C GLU E 163 -2.80 -6.28 -48.56
N CYS E 164 -3.33 -5.61 -47.53
CA CYS E 164 -4.52 -6.14 -46.84
C CYS E 164 -5.68 -6.37 -47.81
N VAL E 165 -6.10 -5.30 -48.51
CA VAL E 165 -7.19 -5.41 -49.48
C VAL E 165 -6.85 -6.42 -50.57
N GLU E 166 -5.58 -6.43 -50.99
CA GLU E 166 -5.15 -7.26 -52.11
C GLU E 166 -5.10 -8.75 -51.74
N TRP E 167 -4.59 -9.09 -50.57
CA TRP E 167 -4.61 -10.50 -50.19
C TRP E 167 -6.01 -10.97 -49.84
N LEU E 168 -6.87 -10.07 -49.35
CA LEU E 168 -8.29 -10.39 -49.20
C LEU E 168 -8.91 -10.75 -50.55
N ARG E 169 -8.57 -9.98 -51.61
CA ARG E 169 -9.09 -10.28 -52.94
C ARG E 169 -8.69 -11.68 -53.40
N ARG E 170 -7.46 -12.06 -53.18
CA ARG E 170 -6.96 -13.36 -53.55
C ARG E 170 -7.62 -14.50 -52.80
N TYR E 171 -7.84 -14.34 -51.51
CA TYR E 171 -8.55 -15.37 -50.74
C TYR E 171 -10.00 -15.49 -51.20
N LEU E 172 -10.69 -14.37 -51.33
CA LEU E 172 -12.07 -14.41 -51.81
C LEU E 172 -12.18 -15.10 -53.17
N GLU E 173 -11.17 -15.00 -54.00
CA GLU E 173 -11.20 -15.69 -55.26
C GLU E 173 -10.83 -17.14 -55.07
N ASN E 174 -9.80 -17.41 -54.31
CA ASN E 174 -9.35 -18.78 -54.14
C ASN E 174 -10.34 -19.60 -53.33
N GLY E 175 -11.04 -18.97 -52.39
CA GLY E 175 -12.02 -19.66 -51.60
C GLY E 175 -13.42 -19.25 -51.98
N LYS E 176 -13.59 -18.89 -53.26
CA LYS E 176 -14.91 -18.52 -53.77
C LYS E 176 -16.10 -19.31 -53.26
N ASP E 177 -16.07 -20.60 -53.42
CA ASP E 177 -17.19 -21.36 -52.98
C ASP E 177 -17.40 -21.32 -51.51
N LYS E 178 -16.35 -21.12 -50.74
CA LYS E 178 -16.46 -21.25 -49.30
C LYS E 178 -16.68 -19.90 -48.63
N LEU E 179 -16.37 -18.79 -49.31
CA LEU E 179 -16.48 -17.46 -48.71
C LEU E 179 -17.60 -16.58 -49.25
N GLU E 180 -17.96 -16.71 -50.54
CA GLU E 180 -19.10 -15.99 -51.08
C GLU E 180 -20.43 -16.62 -50.69
N ARG E 181 -20.41 -17.90 -50.34
CA ARG E 181 -21.49 -18.63 -49.68
C ARG E 181 -22.17 -17.80 -48.59
N ALA E 182 -23.50 -17.73 -48.67
CA ALA E 182 -24.35 -17.54 -47.50
C ALA E 182 -25.22 -18.78 -47.37
N ASP E 183 -25.06 -19.52 -46.26
CA ASP E 183 -25.90 -20.69 -45.98
C ASP E 183 -27.11 -20.28 -45.14
N PRO E 184 -28.35 -20.46 -45.63
CA PRO E 184 -29.51 -19.95 -44.90
C PRO E 184 -29.81 -20.79 -43.67
N PRO E 185 -30.40 -20.19 -42.64
CA PRO E 185 -30.79 -20.99 -41.46
C PRO E 185 -31.94 -21.91 -41.82
N LYS E 186 -31.76 -23.19 -41.52
CA LYS E 186 -32.84 -24.14 -41.50
C LYS E 186 -33.51 -24.07 -40.13
N THR E 187 -34.82 -23.84 -40.12
CA THR E 187 -35.46 -23.39 -38.91
C THR E 187 -36.63 -24.30 -38.53
N HIS E 188 -36.91 -24.39 -37.22
CA HIS E 188 -38.08 -25.11 -36.73
C HIS E 188 -38.36 -24.69 -35.30
N VAL E 189 -39.60 -24.92 -34.88
CA VAL E 189 -40.05 -24.59 -33.54
C VAL E 189 -40.25 -25.88 -32.76
N THR E 190 -39.85 -25.86 -31.49
CA THR E 190 -40.10 -26.96 -30.57
C THR E 190 -41.01 -26.46 -29.46
N HIS E 191 -41.70 -27.42 -28.83
CA HIS E 191 -42.70 -27.16 -27.78
C HIS E 191 -42.29 -27.93 -26.53
N HIS E 192 -42.17 -27.23 -25.40
CA HIS E 192 -41.76 -27.84 -24.13
C HIS E 192 -42.65 -27.40 -22.98
N PRO E 193 -43.56 -28.24 -22.50
CA PRO E 193 -44.41 -27.85 -21.37
C PRO E 193 -43.60 -27.71 -20.08
N ILE E 194 -43.92 -26.65 -19.34
CA ILE E 194 -43.37 -26.41 -18.01
C ILE E 194 -44.28 -26.93 -16.93
N SER E 195 -45.57 -26.63 -17.05
CA SER E 195 -46.55 -27.02 -16.06
C SER E 195 -47.80 -27.46 -16.82
N ASP E 196 -48.91 -27.56 -16.10
CA ASP E 196 -50.18 -27.91 -16.74
C ASP E 196 -50.66 -26.77 -17.64
N HIS E 197 -50.25 -25.56 -17.31
CA HIS E 197 -50.71 -24.34 -17.94
C HIS E 197 -49.75 -23.50 -18.74
N GLU E 198 -48.47 -23.79 -18.61
CA GLU E 198 -47.40 -23.03 -19.22
C GLU E 198 -46.62 -23.95 -20.15
N ALA E 199 -46.11 -23.40 -21.25
CA ALA E 199 -45.22 -24.15 -22.13
C ALA E 199 -44.20 -23.22 -22.74
N THR E 200 -43.02 -23.78 -23.01
CA THR E 200 -41.95 -23.08 -23.70
C THR E 200 -42.00 -23.37 -25.19
N LEU E 201 -42.03 -22.30 -25.99
CA LEU E 201 -41.81 -22.37 -27.43
C LEU E 201 -40.38 -21.92 -27.73
N ARG E 202 -39.62 -22.74 -28.45
CA ARG E 202 -38.23 -22.47 -28.78
C ARG E 202 -38.08 -22.41 -30.30
N CYS E 203 -37.62 -21.28 -30.81
CA CYS E 203 -37.41 -21.08 -32.24
C CYS E 203 -35.94 -21.33 -32.56
N TRP E 204 -35.69 -22.34 -33.39
CA TRP E 204 -34.34 -22.79 -33.69
C TRP E 204 -33.89 -22.33 -35.07
N ALA E 205 -32.67 -21.79 -35.13
CA ALA E 205 -32.00 -21.53 -36.40
C ALA E 205 -30.71 -22.32 -36.41
N LEU E 206 -30.55 -23.21 -37.39
CA LEU E 206 -29.38 -24.07 -37.41
C LEU E 206 -28.69 -24.02 -38.76
N GLY E 207 -27.38 -24.27 -38.74
CA GLY E 207 -26.60 -24.46 -39.95
C GLY E 207 -26.45 -23.27 -40.86
N PHE E 208 -26.44 -22.05 -40.30
CA PHE E 208 -26.36 -20.83 -41.09
C PHE E 208 -24.96 -20.22 -41.02
N TYR E 209 -24.60 -19.50 -42.08
CA TYR E 209 -23.32 -18.81 -42.20
C TYR E 209 -23.62 -17.60 -43.06
N PRO E 210 -23.18 -16.39 -42.67
CA PRO E 210 -22.39 -16.07 -41.47
C PRO E 210 -23.19 -15.96 -40.16
N ALA E 211 -22.51 -15.56 -39.08
CA ALA E 211 -23.08 -15.62 -37.74
C ALA E 211 -24.24 -14.64 -37.57
N GLU E 212 -24.21 -13.51 -38.27
CA GLU E 212 -25.21 -12.46 -38.14
C GLU E 212 -26.62 -12.97 -38.40
N ILE E 213 -27.52 -12.75 -37.44
CA ILE E 213 -28.90 -13.24 -37.54
C ILE E 213 -29.73 -12.52 -36.49
N THR E 214 -31.04 -12.46 -36.72
CA THR E 214 -31.97 -11.92 -35.74
C THR E 214 -33.16 -12.87 -35.59
N LEU E 215 -33.40 -13.34 -34.37
CA LEU E 215 -34.60 -14.12 -34.04
C LEU E 215 -35.50 -13.29 -33.14
N THR E 216 -36.78 -13.20 -33.50
CA THR E 216 -37.72 -12.41 -32.72
C THR E 216 -39.05 -13.15 -32.57
N TRP E 217 -39.56 -13.18 -31.34
CA TRP E 217 -40.88 -13.74 -31.06
C TRP E 217 -41.93 -12.64 -31.04
N GLN E 218 -43.09 -12.90 -31.63
CA GLN E 218 -44.21 -11.98 -31.62
C GLN E 218 -45.49 -12.68 -31.15
N ARG E 219 -46.30 -12.01 -30.36
CA ARG E 219 -47.59 -12.52 -29.95
C ARG E 219 -48.56 -11.59 -30.64
N ASP E 220 -49.33 -12.13 -31.55
CA ASP E 220 -50.31 -11.40 -32.35
C ASP E 220 -49.67 -10.21 -33.06
N GLY E 221 -48.41 -10.36 -33.45
CA GLY E 221 -47.72 -9.29 -34.12
C GLY E 221 -47.08 -8.25 -33.23
N GLU E 222 -47.24 -8.35 -31.91
CA GLU E 222 -46.63 -7.40 -30.99
C GLU E 222 -45.28 -7.98 -30.56
N ASP E 223 -44.20 -7.23 -30.78
CA ASP E 223 -42.87 -7.73 -30.50
C ASP E 223 -42.70 -7.98 -29.02
N GLN E 224 -42.10 -9.13 -28.68
CA GLN E 224 -41.86 -9.51 -27.29
C GLN E 224 -40.42 -9.13 -26.89
N THR E 225 -40.17 -7.82 -26.85
CA THR E 225 -38.86 -7.31 -26.49
C THR E 225 -38.39 -7.91 -25.17
N GLN E 226 -39.12 -7.62 -24.10
CA GLN E 226 -39.00 -8.37 -22.86
C GLN E 226 -39.77 -9.69 -23.01
N ASP E 227 -39.45 -10.65 -22.14
CA ASP E 227 -40.04 -12.00 -22.09
C ASP E 227 -39.47 -12.97 -23.12
N THR E 228 -38.44 -12.60 -23.86
CA THR E 228 -37.80 -13.50 -24.82
C THR E 228 -36.41 -13.84 -24.28
N GLU E 229 -36.16 -15.13 -24.07
CA GLU E 229 -34.82 -15.60 -23.73
C GLU E 229 -34.05 -15.81 -25.01
N LEU E 230 -32.85 -15.23 -25.08
CA LEU E 230 -32.03 -15.26 -26.28
C LEU E 230 -30.65 -15.79 -25.91
N VAL E 231 -30.20 -16.86 -26.57
CA VAL E 231 -28.83 -17.35 -26.34
C VAL E 231 -27.89 -16.68 -27.34
N GLU E 232 -26.64 -16.53 -26.91
CA GLU E 232 -25.58 -16.07 -27.79
C GLU E 232 -25.50 -16.97 -29.01
N THR E 233 -25.31 -16.38 -30.19
CA THR E 233 -25.03 -17.19 -31.37
C THR E 233 -23.80 -18.04 -31.10
N ARG E 234 -23.84 -19.31 -31.51
CA ARG E 234 -22.81 -20.24 -31.10
C ARG E 234 -22.33 -21.04 -32.29
N PRO E 235 -21.06 -21.44 -32.31
CA PRO E 235 -20.55 -22.21 -33.45
C PRO E 235 -20.89 -23.69 -33.34
N ALA E 236 -21.34 -24.27 -34.46
CA ALA E 236 -21.60 -25.69 -34.50
C ALA E 236 -20.32 -26.51 -34.57
N GLY E 237 -19.19 -25.90 -34.91
CA GLY E 237 -17.97 -26.64 -35.09
C GLY E 237 -17.77 -27.16 -36.49
N ASP E 238 -18.66 -26.84 -37.43
CA ASP E 238 -18.47 -27.23 -38.82
C ASP E 238 -18.52 -26.00 -39.73
N ARG E 239 -18.08 -24.86 -39.20
CA ARG E 239 -18.08 -23.53 -39.81
C ARG E 239 -19.48 -22.91 -39.94
N THR E 240 -20.53 -23.55 -39.44
CA THR E 240 -21.86 -22.92 -39.37
C THR E 240 -22.19 -22.52 -37.94
N PHE E 241 -23.33 -21.85 -37.79
CA PHE E 241 -23.70 -21.29 -36.51
C PHE E 241 -25.12 -21.71 -36.13
N GLN E 242 -25.39 -21.62 -34.83
CA GLN E 242 -26.69 -21.94 -34.24
C GLN E 242 -27.12 -20.80 -33.33
N LYS E 243 -28.44 -20.68 -33.13
CA LYS E 243 -29.04 -19.72 -32.22
C LYS E 243 -30.49 -20.13 -31.95
N TRP E 244 -30.98 -19.85 -30.73
CA TRP E 244 -32.41 -20.00 -30.48
C TRP E 244 -32.96 -18.89 -29.59
N ALA E 245 -34.27 -18.66 -29.74
CA ALA E 245 -35.05 -17.72 -28.93
C ALA E 245 -36.29 -18.44 -28.41
N ALA E 246 -36.69 -18.13 -27.18
CA ALA E 246 -37.78 -18.86 -26.54
C ALA E 246 -38.70 -17.91 -25.78
N VAL E 247 -39.99 -18.27 -25.74
CA VAL E 247 -40.97 -17.59 -24.89
C VAL E 247 -41.79 -18.63 -24.15
N VAL E 248 -42.13 -18.32 -22.90
CA VAL E 248 -43.05 -19.14 -22.12
C VAL E 248 -44.46 -18.65 -22.40
N VAL E 249 -45.31 -19.55 -22.88
CA VAL E 249 -46.63 -19.14 -23.36
C VAL E 249 -47.72 -19.91 -22.61
N PRO E 250 -48.93 -19.35 -22.48
CA PRO E 250 -50.03 -20.14 -21.94
C PRO E 250 -50.36 -21.31 -22.85
N SER E 251 -50.43 -22.51 -22.26
CA SER E 251 -50.82 -23.70 -23.01
C SER E 251 -52.17 -23.47 -23.68
N GLY E 252 -52.28 -23.86 -24.94
CA GLY E 252 -53.52 -23.61 -25.64
C GLY E 252 -53.42 -22.47 -26.63
N GLU E 253 -52.74 -21.38 -26.25
CA GLU E 253 -52.57 -20.16 -27.05
C GLU E 253 -51.29 -20.09 -27.86
N GLU E 254 -50.83 -21.20 -28.33
CA GLU E 254 -49.51 -21.24 -28.96
C GLU E 254 -49.39 -20.61 -30.33
N GLN E 255 -50.46 -20.68 -31.14
CA GLN E 255 -50.42 -20.13 -32.48
C GLN E 255 -50.57 -18.62 -32.51
N ARG E 256 -50.79 -17.98 -31.39
CA ARG E 256 -50.84 -16.53 -31.45
C ARG E 256 -49.41 -16.02 -31.39
N TYR E 257 -48.48 -16.95 -31.23
CA TYR E 257 -47.07 -16.59 -31.17
C TYR E 257 -46.40 -16.93 -32.49
N THR E 258 -45.56 -16.03 -32.96
CA THR E 258 -44.88 -16.21 -34.23
C THR E 258 -43.41 -15.83 -34.09
N CYS E 259 -42.55 -16.62 -34.73
CA CYS E 259 -41.11 -16.41 -34.71
C CYS E 259 -40.65 -15.87 -36.05
N HIS E 260 -39.86 -14.79 -36.02
CA HIS E 260 -39.39 -14.11 -37.21
C HIS E 260 -37.87 -14.24 -37.29
N VAL E 261 -37.37 -14.78 -38.40
CA VAL E 261 -35.94 -14.99 -38.64
C VAL E 261 -35.49 -14.12 -39.82
N GLN E 262 -34.49 -13.28 -39.58
CA GLN E 262 -33.85 -12.50 -40.64
C GLN E 262 -32.41 -12.95 -40.77
N HIS E 263 -31.98 -13.24 -42.00
CA HIS E 263 -30.62 -13.69 -42.22
C HIS E 263 -30.23 -13.39 -43.66
N GLU E 264 -28.92 -13.19 -43.86
CA GLU E 264 -28.40 -12.74 -45.15
C GLU E 264 -28.78 -13.70 -46.27
N GLY E 265 -28.81 -14.99 -45.99
CA GLY E 265 -29.15 -16.00 -46.96
C GLY E 265 -30.62 -16.22 -47.19
N LEU E 266 -31.48 -15.42 -46.55
CA LEU E 266 -32.92 -15.52 -46.72
C LEU E 266 -33.41 -14.39 -47.63
N PRO E 267 -33.90 -14.70 -48.82
CA PRO E 267 -34.47 -13.66 -49.69
C PRO E 267 -35.54 -12.80 -49.03
N LYS E 268 -36.36 -13.40 -48.17
CA LYS E 268 -37.40 -12.75 -47.37
C LYS E 268 -37.32 -13.27 -45.94
N PRO E 269 -37.59 -12.43 -44.94
CA PRO E 269 -37.62 -12.90 -43.56
C PRO E 269 -38.60 -14.06 -43.42
N LEU E 270 -38.19 -15.10 -42.67
CA LEU E 270 -39.07 -16.24 -42.41
C LEU E 270 -39.99 -15.95 -41.24
N THR E 271 -41.23 -16.39 -41.37
CA THR E 271 -42.19 -16.39 -40.28
C THR E 271 -42.47 -17.85 -39.92
N LEU E 272 -42.28 -18.20 -38.66
CA LEU E 272 -42.32 -19.60 -38.23
C LEU E 272 -43.25 -19.79 -37.04
N ARG E 273 -43.97 -20.91 -37.05
CA ARG E 273 -44.82 -21.24 -35.93
C ARG E 273 -44.87 -22.74 -35.73
N TRP E 274 -45.27 -23.14 -34.53
CA TRP E 274 -45.50 -24.54 -34.24
C TRP E 274 -46.85 -25.01 -34.78
N GLU E 275 -46.90 -26.17 -35.46
CA GLU E 275 -45.84 -27.17 -35.54
C GLU E 275 -45.19 -26.93 -36.91
N HIS F 1 -3.13 -12.55 -45.14
CA HIS F 1 -1.72 -12.21 -44.91
C HIS F 1 -1.59 -11.22 -43.74
N PRO F 2 -0.84 -11.59 -42.69
CA PRO F 2 -0.62 -10.64 -41.57
C PRO F 2 0.16 -9.43 -42.03
N ASN F 3 0.09 -8.37 -41.20
CA ASN F 3 0.81 -7.12 -41.47
C ASN F 3 2.24 -7.25 -40.93
N GLY F 4 3.16 -7.61 -41.81
CA GLY F 4 4.57 -7.68 -41.45
C GLY F 4 5.19 -6.33 -41.20
N TYR F 5 4.65 -5.27 -41.80
CA TYR F 5 5.25 -3.95 -41.67
C TYR F 5 5.37 -3.52 -40.22
N LYS F 6 4.39 -3.85 -39.39
CA LYS F 6 4.39 -3.36 -38.02
C LYS F 6 5.00 -4.37 -37.04
N SER F 7 5.56 -5.47 -37.53
CA SER F 7 6.05 -6.54 -36.65
C SER F 7 7.24 -6.10 -35.77
N LEU F 8 7.78 -4.90 -35.96
CA LEU F 8 8.81 -4.39 -35.07
C LEU F 8 8.35 -3.22 -34.22
N SER F 9 7.09 -2.78 -34.33
CA SER F 9 6.63 -1.53 -33.75
C SER F 9 6.15 -1.74 -32.31
N THR F 10 6.93 -1.20 -31.38
CA THR F 10 6.69 -1.32 -29.96
C THR F 10 5.63 -0.30 -29.52
N LEU F 11 4.83 -0.68 -28.54
CA LEU F 11 3.81 0.20 -27.98
C LEU F 11 4.40 1.21 -26.98
N ILE G 1 14.52 -32.80 27.49
CA ILE G 1 15.35 -31.85 26.75
C ILE G 1 16.24 -31.04 27.69
N GLN G 2 17.48 -30.81 27.27
CA GLN G 2 18.47 -30.13 28.10
C GLN G 2 18.97 -28.89 27.35
N ARG G 3 19.08 -27.77 28.07
CA ARG G 3 19.52 -26.49 27.53
C ARG G 3 20.58 -25.86 28.42
N THR G 4 21.63 -25.38 27.81
CA THR G 4 22.79 -24.83 28.50
C THR G 4 22.51 -23.41 28.99
N PRO G 5 23.02 -23.04 30.15
CA PRO G 5 22.85 -21.66 30.62
C PRO G 5 23.61 -20.67 29.76
N LYS G 6 22.95 -19.56 29.45
CA LYS G 6 23.62 -18.31 29.13
C LYS G 6 23.99 -17.59 30.43
N ILE G 7 25.09 -16.84 30.39
CA ILE G 7 25.66 -16.23 31.59
C ILE G 7 26.08 -14.80 31.30
N GLN G 8 25.69 -13.87 32.18
CA GLN G 8 26.25 -12.52 32.14
C GLN G 8 26.65 -12.10 33.53
N VAL G 9 27.85 -11.51 33.65
CA VAL G 9 28.34 -10.94 34.90
C VAL G 9 28.47 -9.44 34.70
N TYR G 10 27.93 -8.66 35.64
CA TYR G 10 27.77 -7.22 35.48
C TYR G 10 27.39 -6.60 36.81
N SER G 11 27.53 -5.29 36.90
CA SER G 11 27.19 -4.60 38.12
C SER G 11 25.85 -3.89 37.94
N ARG G 12 25.15 -3.66 39.06
CA ARG G 12 23.85 -2.97 38.98
C ARG G 12 24.02 -1.56 38.42
N HIS G 13 24.97 -0.81 38.96
CA HIS G 13 25.30 0.57 38.59
C HIS G 13 26.67 0.60 37.93
N PRO G 14 26.98 1.68 37.18
CA PRO G 14 28.30 1.81 36.58
C PRO G 14 29.36 1.74 37.68
N ALA G 15 30.35 0.86 37.50
CA ALA G 15 31.41 0.66 38.49
C ALA G 15 32.16 1.96 38.79
N GLU G 16 32.33 2.24 40.09
CA GLU G 16 33.23 3.29 40.61
C GLU G 16 34.02 2.68 41.74
N ASN G 17 35.34 2.73 41.63
CA ASN G 17 36.19 2.18 42.68
C ASN G 17 35.91 2.84 44.02
N GLY G 18 35.72 2.03 45.06
CA GLY G 18 35.45 2.52 46.39
C GLY G 18 33.99 2.73 46.71
N LYS G 19 33.12 2.75 45.71
CA LYS G 19 31.68 2.92 45.89
C LYS G 19 30.99 1.57 45.96
N SER G 20 30.07 1.44 46.93
CA SER G 20 29.29 0.22 47.06
C SER G 20 28.38 0.05 45.84
N ASN G 21 28.26 -1.19 45.38
CA ASN G 21 27.49 -1.58 44.21
C ASN G 21 26.89 -2.95 44.48
N PHE G 22 26.30 -3.56 43.45
CA PHE G 22 25.90 -4.95 43.48
C PHE G 22 26.53 -5.65 42.29
N LEU G 23 27.17 -6.79 42.54
CA LEU G 23 27.69 -7.67 41.50
C LEU G 23 26.63 -8.71 41.15
N ASN G 24 26.32 -8.86 39.87
CA ASN G 24 25.26 -9.74 39.39
C ASN G 24 25.79 -10.86 38.50
N CYS G 25 25.20 -12.03 38.62
CA CYS G 25 25.40 -13.11 37.64
C CYS G 25 24.02 -13.60 37.20
N TYR G 26 23.68 -13.36 35.93
CA TYR G 26 22.37 -13.68 35.36
C TYR G 26 22.47 -14.92 34.50
N VAL G 27 21.86 -16.01 34.95
CA VAL G 27 21.87 -17.25 34.21
C VAL G 27 20.47 -17.46 33.64
N SER G 28 20.41 -17.80 32.35
CA SER G 28 19.13 -17.91 31.67
C SER G 28 19.23 -18.95 30.58
N GLY G 29 18.07 -19.33 30.05
CA GLY G 29 17.92 -20.23 28.94
C GLY G 29 18.22 -21.68 29.25
N PHE G 30 18.29 -22.06 30.52
CA PHE G 30 18.72 -23.40 30.88
C PHE G 30 17.54 -24.23 31.34
N HIS G 31 17.72 -25.55 31.26
CA HIS G 31 16.79 -26.61 31.61
C HIS G 31 17.58 -27.92 31.69
N PRO G 32 17.42 -28.72 32.74
CA PRO G 32 16.48 -28.55 33.86
C PRO G 32 16.93 -27.44 34.83
N SER G 33 16.21 -27.25 35.95
CA SER G 33 16.35 -26.05 36.77
C SER G 33 17.49 -26.11 37.78
N ASP G 34 17.96 -27.29 38.16
CA ASP G 34 19.09 -27.40 39.08
C ASP G 34 20.33 -26.74 38.45
N ILE G 35 20.99 -25.87 39.20
CA ILE G 35 22.16 -25.14 38.70
C ILE G 35 22.97 -24.61 39.86
N GLU G 36 24.29 -24.66 39.74
CA GLU G 36 25.20 -24.15 40.76
C GLU G 36 25.88 -22.88 40.28
N VAL G 37 25.81 -21.83 41.08
CA VAL G 37 26.34 -20.52 40.73
C VAL G 37 27.07 -19.99 41.95
N ASP G 38 28.36 -19.73 41.80
CA ASP G 38 29.15 -19.00 42.80
C ASP G 38 29.66 -17.72 42.18
N LEU G 39 29.80 -16.70 43.02
CA LEU G 39 30.51 -15.49 42.67
C LEU G 39 31.91 -15.55 43.30
N LEU G 40 32.92 -15.16 42.55
CA LEU G 40 34.31 -15.30 42.95
C LEU G 40 34.95 -13.93 43.08
N LYS G 41 35.74 -13.77 44.14
CA LYS G 41 36.60 -12.60 44.36
C LYS G 41 38.04 -13.09 44.36
N ASN G 42 38.77 -12.77 43.29
CA ASN G 42 40.14 -13.22 43.11
C ASN G 42 40.22 -14.74 43.24
N GLY G 43 39.22 -15.42 42.69
CA GLY G 43 39.20 -16.86 42.62
C GLY G 43 38.61 -17.49 43.87
N GLU G 44 38.19 -16.69 44.85
CA GLU G 44 37.61 -17.18 46.09
C GLU G 44 36.11 -17.02 46.11
N ARG G 45 35.41 -18.03 46.60
CA ARG G 45 33.95 -18.03 46.59
C ARG G 45 33.47 -17.02 47.64
N ILE G 46 32.53 -16.14 47.23
CA ILE G 46 31.95 -15.12 48.11
C ILE G 46 30.85 -15.80 48.91
N GLU G 47 30.84 -15.55 50.23
CA GLU G 47 30.01 -16.33 51.13
C GLU G 47 28.55 -15.88 51.05
N LYS G 48 28.31 -14.57 51.10
CA LYS G 48 26.94 -14.03 51.22
C LYS G 48 26.41 -13.67 49.83
N VAL G 49 25.79 -14.66 49.18
CA VAL G 49 25.22 -14.49 47.85
C VAL G 49 23.74 -14.81 47.88
N GLU G 50 22.93 -13.84 47.47
CA GLU G 50 21.50 -14.04 47.38
C GLU G 50 21.15 -14.34 45.92
N HIS G 51 19.95 -14.87 45.73
CA HIS G 51 19.46 -15.14 44.39
C HIS G 51 17.95 -14.94 44.36
N SER G 52 17.44 -14.71 43.15
CA SER G 52 16.03 -14.46 42.90
C SER G 52 15.24 -15.76 42.96
N ASP G 53 13.91 -15.64 42.94
CA ASP G 53 13.02 -16.80 42.93
C ASP G 53 12.95 -17.39 41.53
N LEU G 54 13.02 -18.72 41.46
CA LEU G 54 13.02 -19.41 40.17
C LEU G 54 11.80 -19.00 39.35
N SER G 55 12.07 -18.55 38.12
CA SER G 55 11.07 -18.26 37.10
C SER G 55 11.57 -18.76 35.76
N PHE G 56 10.71 -18.67 34.74
CA PHE G 56 11.08 -19.15 33.42
C PHE G 56 10.43 -18.30 32.32
N SER G 57 10.98 -18.41 31.11
CA SER G 57 10.56 -17.58 29.99
C SER G 57 9.44 -18.26 29.22
N LYS G 58 9.02 -17.64 28.10
CA LYS G 58 7.90 -18.21 27.38
C LYS G 58 8.26 -19.54 26.70
N ASP G 59 9.56 -19.81 26.44
CA ASP G 59 9.97 -21.11 25.89
C ASP G 59 10.20 -22.17 26.96
N TRP G 60 9.87 -21.87 28.22
CA TRP G 60 9.92 -22.69 29.44
C TRP G 60 11.31 -22.76 30.05
N SER G 61 12.33 -22.16 29.45
CA SER G 61 13.65 -22.19 30.05
C SER G 61 13.70 -21.27 31.26
N PHE G 62 14.53 -21.64 32.23
CA PHE G 62 14.60 -20.93 33.51
C PHE G 62 15.59 -19.77 33.46
N TYR G 63 15.46 -18.88 34.46
CA TYR G 63 16.45 -17.83 34.69
C TYR G 63 16.56 -17.54 36.18
N LEU G 64 17.72 -17.03 36.59
CA LEU G 64 18.01 -16.75 37.98
C LEU G 64 19.02 -15.60 38.03
N LEU G 65 18.86 -14.72 39.02
CA LEU G 65 19.82 -13.66 39.27
C LEU G 65 20.48 -13.93 40.61
N TYR G 66 21.80 -14.08 40.58
CA TYR G 66 22.63 -14.16 41.78
C TYR G 66 23.37 -12.84 41.95
N TYR G 67 23.40 -12.33 43.18
CA TYR G 67 23.89 -10.98 43.45
C TYR G 67 24.42 -10.87 44.88
N THR G 68 25.38 -9.96 45.04
CA THR G 68 25.96 -9.65 46.33
C THR G 68 26.35 -8.19 46.36
N GLU G 69 26.32 -7.60 47.54
CA GLU G 69 26.90 -6.27 47.73
C GLU G 69 28.41 -6.35 47.57
N PHE G 70 28.98 -5.39 46.86
CA PHE G 70 30.43 -5.35 46.74
C PHE G 70 30.85 -3.93 46.42
N THR G 71 32.12 -3.65 46.66
CA THR G 71 32.72 -2.36 46.31
C THR G 71 33.89 -2.63 45.38
N PRO G 72 33.74 -2.38 44.10
CA PRO G 72 34.81 -2.71 43.14
C PRO G 72 36.03 -1.83 43.34
N THR G 73 37.15 -2.29 42.78
CA THR G 73 38.46 -1.67 42.95
C THR G 73 39.16 -1.93 41.62
N GLU G 74 40.10 -1.04 41.30
CA GLU G 74 41.03 -1.25 40.20
C GLU G 74 41.51 -2.68 40.08
N LYS G 75 42.06 -3.20 41.17
CA LYS G 75 42.84 -4.44 41.16
C LYS G 75 41.98 -5.67 41.33
N ASP G 76 40.91 -5.61 42.12
CA ASP G 76 40.15 -6.81 42.48
C ASP G 76 39.45 -7.40 41.27
N GLU G 77 39.64 -8.72 41.08
CA GLU G 77 39.02 -9.47 39.99
C GLU G 77 37.82 -10.27 40.49
N TYR G 78 36.69 -10.10 39.83
CA TYR G 78 35.44 -10.76 40.18
C TYR G 78 35.01 -11.66 39.02
N ALA G 79 34.34 -12.77 39.34
CA ALA G 79 33.94 -13.69 38.30
C ALA G 79 32.70 -14.49 38.71
N CYS G 80 32.13 -15.21 37.75
CA CYS G 80 30.97 -16.06 37.99
C CYS G 80 31.32 -17.47 37.53
N ARG G 81 31.07 -18.45 38.39
CA ARG G 81 31.30 -19.85 38.09
C ARG G 81 29.95 -20.57 38.10
N VAL G 82 29.66 -21.31 37.03
CA VAL G 82 28.35 -21.93 36.81
C VAL G 82 28.57 -23.39 36.46
N ASN G 83 27.88 -24.31 37.16
CA ASN G 83 27.82 -25.69 36.71
C ASN G 83 26.38 -26.13 36.58
N HIS G 84 26.15 -27.03 35.63
CA HIS G 84 24.83 -27.45 35.18
C HIS G 84 25.03 -28.78 34.47
N VAL G 85 23.96 -29.57 34.40
CA VAL G 85 24.12 -30.90 33.83
C VAL G 85 24.63 -30.82 32.39
N THR G 86 24.33 -29.74 31.67
CA THR G 86 24.77 -29.64 30.29
C THR G 86 26.26 -29.30 30.13
N LEU G 87 26.95 -28.97 31.22
CA LEU G 87 28.35 -28.55 31.19
C LEU G 87 29.22 -29.67 31.76
N SER G 88 30.23 -30.08 30.99
CA SER G 88 31.17 -31.10 31.49
C SER G 88 31.94 -30.59 32.71
N GLN G 89 32.42 -29.37 32.66
CA GLN G 89 33.09 -28.74 33.79
C GLN G 89 32.49 -27.38 34.08
N PRO G 90 32.77 -26.81 35.25
CA PRO G 90 32.27 -25.46 35.56
C PRO G 90 32.70 -24.42 34.52
N LYS G 91 31.82 -23.45 34.26
CA LYS G 91 32.09 -22.34 33.37
C LYS G 91 32.32 -21.09 34.19
N ILE G 92 33.45 -20.42 33.95
CA ILE G 92 33.85 -19.21 34.67
C ILE G 92 33.72 -18.04 33.72
N VAL G 93 33.01 -17.00 34.13
CA VAL G 93 32.87 -15.77 33.34
C VAL G 93 33.34 -14.61 34.18
N LYS G 94 34.33 -13.90 33.69
CA LYS G 94 34.94 -12.81 34.42
C LYS G 94 34.08 -11.54 34.32
N TRP G 95 34.18 -10.70 35.35
CA TRP G 95 33.47 -9.43 35.34
C TRP G 95 34.30 -8.39 34.59
N ASP G 96 33.76 -7.89 33.49
CA ASP G 96 34.29 -6.72 32.80
C ASP G 96 33.33 -5.57 33.07
N ARG G 97 33.83 -4.50 33.70
CA ARG G 97 32.98 -3.37 34.08
C ARG G 97 32.45 -2.59 32.89
N ASP G 98 33.02 -2.77 31.71
CA ASP G 98 32.49 -2.10 30.53
C ASP G 98 31.49 -2.96 29.78
N MET G 99 31.02 -4.06 30.36
CA MET G 99 30.15 -4.98 29.65
C MET G 99 28.99 -5.49 30.49
N GLY H 1 -1.86 1.29 29.96
CA GLY H 1 -2.04 0.57 28.71
C GLY H 1 -2.59 -0.82 28.97
N SER H 2 -2.08 -1.81 28.23
CA SER H 2 -2.47 -3.19 28.41
C SER H 2 -1.63 -3.84 29.51
N HIS H 3 -2.22 -4.80 30.24
CA HIS H 3 -1.53 -5.37 31.40
C HIS H 3 -1.81 -6.86 31.51
N SER H 4 -0.96 -7.55 32.24
CA SER H 4 -1.16 -8.99 32.40
C SER H 4 -0.76 -9.44 33.80
N MET H 5 -1.46 -10.45 34.30
CA MET H 5 -1.07 -11.16 35.51
C MET H 5 -0.72 -12.58 35.12
N ARG H 6 0.35 -13.11 35.70
CA ARG H 6 0.84 -14.44 35.37
C ARG H 6 1.32 -15.13 36.64
N TYR H 7 1.06 -16.42 36.73
CA TYR H 7 1.70 -17.27 37.73
C TYR H 7 2.48 -18.37 37.02
N PHE H 8 3.68 -18.65 37.52
CA PHE H 8 4.54 -19.69 36.96
C PHE H 8 4.81 -20.73 38.05
N TYR H 9 4.35 -21.95 37.83
CA TYR H 9 4.64 -23.03 38.76
C TYR H 9 5.77 -23.88 38.20
N THR H 10 6.70 -24.27 39.05
CA THR H 10 7.68 -25.30 38.70
C THR H 10 7.59 -26.44 39.70
N SER H 11 7.46 -27.67 39.21
CA SER H 11 7.56 -28.85 40.06
C SER H 11 8.64 -29.78 39.54
N VAL H 12 9.55 -30.19 40.43
CA VAL H 12 10.67 -31.07 40.11
C VAL H 12 10.58 -32.29 41.03
N SER H 13 10.38 -33.47 40.47
CA SER H 13 10.38 -34.65 41.32
C SER H 13 11.78 -35.01 41.80
N ARG H 14 11.83 -35.50 43.02
CA ARG H 14 13.14 -35.81 43.64
C ARG H 14 13.14 -37.28 44.05
N PRO H 15 13.79 -38.22 43.33
CA PRO H 15 13.85 -39.62 43.78
C PRO H 15 14.29 -39.84 45.23
N GLY H 16 13.40 -40.41 46.04
CA GLY H 16 13.73 -40.72 47.43
C GLY H 16 13.52 -39.57 48.38
N ARG H 17 13.49 -38.33 47.87
CA ARG H 17 13.38 -37.13 48.75
C ARG H 17 11.93 -37.02 49.14
N GLY H 18 11.14 -38.01 48.75
CA GLY H 18 9.75 -38.08 49.17
C GLY H 18 8.94 -37.12 48.40
N GLU H 19 9.20 -35.83 48.62
CA GLU H 19 8.22 -34.95 47.96
C GLU H 19 8.83 -34.11 46.81
N PRO H 20 8.10 -33.64 45.76
CA PRO H 20 8.73 -32.84 44.72
C PRO H 20 8.84 -31.39 45.18
N ARG H 21 9.87 -30.70 44.71
CA ARG H 21 9.98 -29.29 45.01
C ARG H 21 8.95 -28.55 44.17
N PHE H 22 8.22 -27.64 44.82
CA PHE H 22 7.21 -26.82 44.18
C PHE H 22 7.54 -25.36 44.42
N ILE H 23 7.70 -24.59 43.35
CA ILE H 23 7.92 -23.16 43.45
C ILE H 23 6.86 -22.44 42.64
N SER H 24 6.33 -21.35 43.19
CA SER H 24 5.44 -20.47 42.47
C SER H 24 5.95 -19.05 42.53
N VAL H 25 5.87 -18.34 41.42
CA VAL H 25 6.11 -16.90 41.38
C VAL H 25 4.93 -16.26 40.66
N GLY H 26 4.56 -15.08 41.09
CA GLY H 26 3.47 -14.32 40.48
C GLY H 26 3.97 -12.99 39.97
N TYR H 27 3.49 -12.60 38.78
CA TYR H 27 3.94 -11.37 38.14
C TYR H 27 2.75 -10.53 37.71
N VAL H 28 2.89 -9.21 37.85
CA VAL H 28 2.07 -8.25 37.09
C VAL H 28 3.04 -7.59 36.09
N ASP H 29 2.80 -7.81 34.80
CA ASP H 29 3.75 -7.40 33.73
C ASP H 29 5.12 -7.97 34.09
N ASP H 30 6.17 -7.16 34.18
CA ASP H 30 7.50 -7.64 34.50
C ASP H 30 7.86 -7.38 35.96
N THR H 31 6.86 -7.27 36.83
CA THR H 31 7.06 -7.07 38.27
C THR H 31 6.68 -8.32 39.03
N GLN H 32 7.64 -8.94 39.68
CA GLN H 32 7.31 -10.04 40.58
C GLN H 32 6.68 -9.48 41.87
N PHE H 33 5.57 -10.06 42.31
CA PHE H 33 4.97 -9.58 43.54
C PHE H 33 4.73 -10.64 44.63
N VAL H 34 4.72 -11.94 44.32
CA VAL H 34 4.60 -12.99 45.34
C VAL H 34 5.50 -14.16 44.95
N ARG H 35 5.76 -15.02 45.92
CA ARG H 35 6.51 -16.25 45.68
C ARG H 35 6.05 -17.25 46.71
N PHE H 36 6.28 -18.53 46.40
CA PHE H 36 6.05 -19.59 47.37
C PHE H 36 7.05 -20.68 47.04
N ASP H 37 7.61 -21.28 48.09
CA ASP H 37 8.66 -22.28 47.95
C ASP H 37 8.44 -23.39 48.99
N SER H 38 8.07 -24.58 48.51
CA SER H 38 7.78 -25.72 49.38
C SER H 38 8.99 -26.16 50.19
N ASP H 39 10.20 -25.71 49.86
CA ASP H 39 11.38 -26.05 50.63
C ASP H 39 11.67 -25.07 51.76
N ALA H 40 10.89 -24.02 51.91
CA ALA H 40 11.16 -23.06 52.97
C ALA H 40 10.90 -23.70 54.33
N ALA H 41 11.50 -23.10 55.37
CA ALA H 41 11.31 -23.62 56.72
C ALA H 41 9.82 -23.73 57.05
N SER H 42 9.07 -22.64 56.86
CA SER H 42 7.62 -22.66 57.05
C SER H 42 6.97 -22.13 55.78
N PRO H 43 6.70 -23.00 54.80
CA PRO H 43 6.28 -22.53 53.47
C PRO H 43 5.04 -21.64 53.52
N ARG H 44 5.18 -20.46 52.92
CA ARG H 44 4.10 -19.49 52.92
C ARG H 44 4.24 -18.59 51.71
N GLU H 45 3.12 -18.08 51.23
CA GLU H 45 3.20 -17.06 50.20
C GLU H 45 3.88 -15.85 50.83
N GLU H 46 4.81 -15.25 50.11
CA GLU H 46 5.47 -14.08 50.67
C GLU H 46 5.43 -12.91 49.68
N PRO H 47 5.32 -11.68 50.19
CA PRO H 47 5.29 -10.53 49.30
C PRO H 47 6.67 -10.27 48.72
N ARG H 48 6.69 -9.79 47.47
CA ARG H 48 7.93 -9.44 46.79
C ARG H 48 7.85 -8.10 46.08
N ALA H 49 6.77 -7.36 46.23
CA ALA H 49 6.65 -6.00 45.74
C ALA H 49 5.98 -5.22 46.86
N PRO H 50 6.30 -3.94 47.01
CA PRO H 50 5.76 -3.19 48.16
C PRO H 50 4.25 -3.08 48.16
N TRP H 51 3.64 -2.98 47.00
CA TRP H 51 2.22 -2.63 46.95
C TRP H 51 1.28 -3.78 47.29
N ILE H 52 1.80 -5.01 47.44
CA ILE H 52 1.02 -6.17 47.87
C ILE H 52 1.12 -6.39 49.38
N GLU H 53 2.04 -5.69 50.08
CA GLU H 53 2.23 -5.86 51.52
C GLU H 53 0.98 -5.48 52.30
N GLN H 54 0.18 -4.55 51.76
CA GLN H 54 -1.02 -4.10 52.45
C GLN H 54 -2.13 -5.14 52.50
N GLU H 55 -2.00 -6.27 51.79
CA GLU H 55 -3.02 -7.31 51.84
C GLU H 55 -3.14 -7.91 53.25
N GLY H 56 -4.36 -8.29 53.60
CA GLY H 56 -4.64 -8.78 54.94
C GLY H 56 -4.18 -10.20 55.17
N PRO H 57 -4.25 -10.62 56.44
CA PRO H 57 -3.79 -11.99 56.77
C PRO H 57 -4.57 -13.08 56.07
N GLU H 58 -5.82 -12.85 55.69
CA GLU H 58 -6.54 -13.89 54.98
C GLU H 58 -6.03 -14.06 53.55
N TYR H 59 -5.52 -12.99 52.95
CA TYR H 59 -4.90 -13.12 51.63
C TYR H 59 -3.72 -14.10 51.68
N TRP H 60 -2.82 -13.91 52.63
CA TRP H 60 -1.63 -14.76 52.67
C TRP H 60 -1.97 -16.17 53.13
N ASP H 61 -2.90 -16.30 54.07
CA ASP H 61 -3.25 -17.62 54.57
C ASP H 61 -3.94 -18.44 53.49
N ARG H 62 -4.88 -17.82 52.77
CA ARG H 62 -5.65 -18.54 51.74
C ARG H 62 -4.74 -18.97 50.58
N ASN H 63 -3.89 -18.05 50.12
CA ASN H 63 -2.96 -18.40 49.05
C ASN H 63 -1.97 -19.48 49.49
N THR H 64 -1.48 -19.41 50.72
CA THR H 64 -0.61 -20.46 51.24
C THR H 64 -1.28 -21.82 51.14
N GLN H 65 -2.56 -21.90 51.53
CA GLN H 65 -3.28 -23.16 51.40
C GLN H 65 -3.39 -23.59 49.94
N ILE H 66 -3.62 -22.64 49.03
CA ILE H 66 -3.74 -22.96 47.62
C ILE H 66 -2.46 -23.61 47.09
N TYR H 67 -1.30 -23.00 47.38
CA TYR H 67 -0.01 -23.56 46.95
C TYR H 67 0.23 -24.94 47.56
N LYS H 68 -0.06 -25.11 48.85
CA LYS H 68 0.13 -26.41 49.47
C LYS H 68 -0.69 -27.49 48.76
N ALA H 69 -1.94 -27.18 48.40
CA ALA H 69 -2.74 -28.17 47.70
C ALA H 69 -2.24 -28.35 46.26
N GLN H 70 -1.84 -27.26 45.59
CA GLN H 70 -1.27 -27.40 44.25
C GLN H 70 0.02 -28.22 44.27
N ALA H 71 0.82 -28.09 45.33
CA ALA H 71 2.03 -28.90 45.44
C ALA H 71 1.70 -30.38 45.55
N GLN H 72 0.75 -30.73 46.41
CA GLN H 72 0.34 -32.13 46.53
C GLN H 72 -0.25 -32.61 45.21
N THR H 73 -1.02 -31.76 44.52
CA THR H 73 -1.58 -32.14 43.23
C THR H 73 -0.51 -32.31 42.14
N ASP H 74 0.46 -31.40 42.07
CA ASP H 74 1.53 -31.56 41.09
C ASP H 74 2.31 -32.84 41.34
N ARG H 75 2.49 -33.20 42.62
CA ARG H 75 3.10 -34.48 42.94
C ARG H 75 2.32 -35.62 42.30
N GLU H 76 0.98 -35.59 42.42
CA GLU H 76 0.19 -36.68 41.85
C GLU H 76 0.20 -36.63 40.33
N SER H 77 0.26 -35.42 39.76
CA SER H 77 0.41 -35.30 38.29
C SER H 77 1.74 -35.86 37.79
N LEU H 78 2.84 -35.57 38.50
CA LEU H 78 4.16 -36.08 38.13
C LEU H 78 4.19 -37.60 38.16
N ARG H 79 3.51 -38.23 39.13
CA ARG H 79 3.33 -39.67 39.12
C ARG H 79 2.65 -40.12 37.85
N ASN H 80 1.51 -39.50 37.53
CA ASN H 80 0.74 -39.91 36.36
C ASN H 80 1.56 -39.72 35.09
N LEU H 81 2.33 -38.64 35.00
CA LEU H 81 3.08 -38.38 33.77
C LEU H 81 4.13 -39.45 33.52
N ARG H 82 4.90 -39.83 34.52
CA ARG H 82 5.87 -40.91 34.31
C ARG H 82 5.16 -42.20 33.91
N GLY H 83 3.98 -42.47 34.47
CA GLY H 83 3.20 -43.60 34.01
C GLY H 83 2.81 -43.49 32.54
N TYR H 84 2.40 -42.30 32.09
CA TYR H 84 2.02 -42.16 30.67
C TYR H 84 3.20 -42.38 29.74
N TYR H 85 4.42 -42.05 30.17
CA TYR H 85 5.64 -42.23 29.36
C TYR H 85 6.46 -43.48 29.77
N ASN H 86 5.97 -44.32 30.68
CA ASN H 86 6.75 -45.48 31.17
C ASN H 86 8.18 -45.11 31.57
N GLN H 87 8.32 -44.09 32.41
CA GLN H 87 9.59 -43.70 33.01
C GLN H 87 9.67 -44.30 34.42
N SER H 88 10.88 -44.63 34.86
CA SER H 88 10.98 -45.25 36.15
C SER H 88 10.91 -44.21 37.26
N GLU H 89 10.54 -44.70 38.45
CA GLU H 89 10.44 -43.89 39.66
C GLU H 89 11.74 -43.15 39.94
N ALA H 90 12.87 -43.70 39.51
CA ALA H 90 14.17 -43.19 39.94
C ALA H 90 14.59 -41.95 39.16
N GLY H 91 13.77 -41.48 38.24
CA GLY H 91 14.08 -40.28 37.50
C GLY H 91 13.51 -39.01 38.11
N SER H 92 14.22 -37.92 37.86
CA SER H 92 13.78 -36.59 38.23
C SER H 92 13.19 -35.90 37.01
N HIS H 93 11.95 -35.45 37.13
CA HIS H 93 11.22 -34.86 36.01
C HIS H 93 10.61 -33.55 36.44
N THR H 94 10.32 -32.69 35.46
CA THR H 94 9.88 -31.32 35.72
C THR H 94 8.51 -31.06 35.11
N LEU H 95 7.62 -30.47 35.90
CA LEU H 95 6.30 -30.02 35.46
C LEU H 95 6.20 -28.52 35.73
N GLN H 96 5.97 -27.76 34.67
CA GLN H 96 5.84 -26.31 34.75
C GLN H 96 4.45 -25.88 34.31
N SER H 97 3.92 -24.84 35.00
CA SER H 97 2.61 -24.26 34.72
C SER H 97 2.75 -22.77 34.54
N MET H 98 2.03 -22.24 33.58
CA MET H 98 1.97 -20.84 33.31
C MET H 98 0.52 -20.55 33.02
N TYR H 99 -0.04 -19.59 33.71
CA TYR H 99 -1.41 -19.18 33.45
C TYR H 99 -1.58 -17.73 33.85
N GLY H 100 -2.69 -17.14 33.39
CA GLY H 100 -3.08 -15.80 33.78
C GLY H 100 -3.92 -15.15 32.70
N CYS H 101 -4.13 -13.83 32.87
CA CYS H 101 -5.06 -13.06 32.04
C CYS H 101 -4.40 -11.78 31.52
N ASP H 102 -4.89 -11.31 30.38
CA ASP H 102 -4.49 -10.03 29.80
C ASP H 102 -5.66 -9.07 29.80
N VAL H 103 -5.43 -7.82 30.19
CA VAL H 103 -6.49 -6.81 30.13
C VAL H 103 -6.02 -5.63 29.27
N GLY H 104 -6.98 -5.01 28.60
CA GLY H 104 -6.72 -3.80 27.85
C GLY H 104 -6.69 -2.58 28.75
N PRO H 105 -6.49 -1.42 28.12
CA PRO H 105 -6.46 -0.15 28.87
C PRO H 105 -7.70 0.12 29.73
N ASP H 106 -8.86 -0.41 29.32
CA ASP H 106 -10.10 -0.27 30.07
C ASP H 106 -10.30 -1.31 31.18
N GLY H 107 -9.48 -2.36 31.24
CA GLY H 107 -9.62 -3.39 32.25
C GLY H 107 -10.49 -4.58 31.89
N ARG H 108 -10.93 -4.70 30.64
CA ARG H 108 -11.66 -5.88 30.19
C ARG H 108 -10.70 -6.98 29.77
N LEU H 109 -11.14 -8.23 29.94
CA LEU H 109 -10.37 -9.40 29.54
C LEU H 109 -10.11 -9.41 28.04
N LEU H 110 -8.83 -9.41 27.67
CA LEU H 110 -8.40 -9.62 26.30
C LEU H 110 -8.14 -11.10 26.01
N ARG H 111 -7.51 -11.83 26.94
CA ARG H 111 -7.09 -13.19 26.66
C ARG H 111 -6.79 -13.91 27.97
N GLY H 112 -7.20 -15.17 28.05
CA GLY H 112 -6.81 -16.05 29.15
C GLY H 112 -5.81 -17.08 28.67
N HIS H 113 -4.89 -17.46 29.56
CA HIS H 113 -3.85 -18.44 29.30
C HIS H 113 -3.83 -19.44 30.45
N ASP H 114 -3.52 -20.70 30.13
CA ASP H 114 -3.35 -21.77 31.10
C ASP H 114 -2.73 -22.99 30.43
N GLN H 115 -1.41 -23.21 30.56
CA GLN H 115 -0.74 -24.23 29.78
C GLN H 115 0.37 -24.90 30.59
N TYR H 116 0.84 -26.05 30.11
CA TYR H 116 1.78 -26.88 30.86
C TYR H 116 2.93 -27.38 29.99
N ALA H 117 4.09 -27.55 30.62
CA ALA H 117 5.20 -28.21 29.97
C ALA H 117 5.70 -29.34 30.87
N TYR H 118 6.13 -30.43 30.24
CA TYR H 118 6.74 -31.57 30.93
C TYR H 118 8.17 -31.76 30.42
N ASP H 119 9.13 -31.68 31.33
CA ASP H 119 10.55 -31.69 30.99
C ASP H 119 10.86 -30.67 29.89
N GLY H 120 10.23 -29.50 29.98
CA GLY H 120 10.60 -28.40 29.11
C GLY H 120 9.96 -28.31 27.74
N LYS H 121 9.12 -29.26 27.34
CA LYS H 121 8.39 -29.26 26.08
C LYS H 121 6.89 -29.14 26.35
N ASP H 122 6.21 -28.30 25.55
CA ASP H 122 4.75 -28.20 25.60
C ASP H 122 4.05 -29.53 25.84
N TYR H 123 3.08 -29.53 26.76
CA TYR H 123 2.30 -30.73 27.03
C TYR H 123 0.83 -30.54 26.69
N ILE H 124 0.13 -29.61 27.33
CA ILE H 124 -1.27 -29.31 27.00
C ILE H 124 -1.48 -27.82 27.26
N ALA H 125 -2.39 -27.22 26.51
CA ALA H 125 -2.68 -25.79 26.61
C ALA H 125 -4.18 -25.53 26.47
N LEU H 126 -4.70 -24.62 27.27
CA LEU H 126 -6.07 -24.16 27.09
C LEU H 126 -6.15 -23.28 25.85
N ASN H 127 -7.12 -23.53 24.98
CA ASN H 127 -7.23 -22.72 23.77
C ASN H 127 -7.82 -21.35 24.10
N GLU H 128 -7.73 -20.44 23.14
CA GLU H 128 -8.21 -19.08 23.34
C GLU H 128 -9.70 -19.04 23.69
N ASP H 129 -10.51 -19.96 23.19
CA ASP H 129 -11.91 -19.86 23.58
C ASP H 129 -12.16 -20.29 25.02
N LEU H 130 -11.10 -20.70 25.72
CA LEU H 130 -11.13 -21.09 27.12
C LEU H 130 -12.18 -22.18 27.36
N ARG H 131 -12.52 -22.92 26.32
CA ARG H 131 -13.48 -24.02 26.38
C ARG H 131 -12.91 -25.32 25.84
N SER H 132 -11.62 -25.36 25.48
CA SER H 132 -11.06 -26.55 24.88
C SER H 132 -9.54 -26.53 25.01
N TRP H 133 -8.92 -27.70 24.84
CA TRP H 133 -7.50 -27.88 25.03
C TRP H 133 -6.83 -28.38 23.74
N THR H 134 -5.56 -28.04 23.58
CA THR H 134 -4.67 -28.63 22.58
C THR H 134 -3.68 -29.55 23.27
N ALA H 135 -3.72 -30.83 22.92
CA ALA H 135 -2.76 -31.81 23.45
C ALA H 135 -1.59 -31.93 22.48
N ALA H 136 -0.37 -31.93 23.01
CA ALA H 136 0.81 -32.04 22.17
C ALA H 136 1.24 -33.49 21.93
N ASP H 137 0.56 -34.47 22.52
CA ASP H 137 1.11 -35.81 22.80
C ASP H 137 0.00 -36.83 22.82
N THR H 138 0.38 -38.10 22.66
CA THR H 138 -0.46 -39.21 23.08
C THR H 138 -0.69 -39.23 24.59
N ALA H 139 0.34 -38.87 25.36
CA ALA H 139 0.16 -38.81 26.81
C ALA H 139 -0.77 -37.68 27.20
N ALA H 140 -0.56 -36.48 26.65
CA ALA H 140 -1.42 -35.34 26.94
C ALA H 140 -2.82 -35.57 26.44
N GLN H 141 -3.00 -36.49 25.47
CA GLN H 141 -4.35 -36.88 25.07
C GLN H 141 -5.07 -37.63 26.18
N ILE H 142 -4.33 -38.33 27.03
CA ILE H 142 -4.92 -38.94 28.22
C ILE H 142 -5.43 -37.85 29.16
N THR H 143 -4.58 -36.86 29.46
CA THR H 143 -5.00 -35.72 30.25
C THR H 143 -6.19 -35.02 29.62
N GLN H 144 -6.19 -34.88 28.29
CA GLN H 144 -7.29 -34.20 27.61
C GLN H 144 -8.62 -34.93 27.84
N ARG H 145 -8.63 -36.26 27.68
CA ARG H 145 -9.86 -37.02 27.87
C ARG H 145 -10.36 -36.88 29.29
N LYS H 146 -9.44 -36.93 30.25
CA LYS H 146 -9.80 -36.76 31.63
C LYS H 146 -10.37 -35.37 31.87
N TRP H 147 -9.70 -34.33 31.35
CA TRP H 147 -10.16 -32.97 31.57
C TRP H 147 -11.45 -32.65 30.80
N GLU H 148 -11.74 -33.35 29.71
CA GLU H 148 -13.05 -33.21 29.08
C GLU H 148 -14.16 -33.83 29.94
N ALA H 149 -13.91 -35.02 30.50
CA ALA H 149 -14.93 -35.65 31.35
C ALA H 149 -15.16 -34.86 32.64
N ALA H 150 -14.13 -34.18 33.13
CA ALA H 150 -14.25 -33.33 34.31
C ALA H 150 -14.80 -31.95 33.98
N ARG H 151 -14.92 -31.59 32.70
CA ARG H 151 -15.21 -30.22 32.30
C ARG H 151 -14.22 -29.23 32.93
N GLU H 152 -12.91 -29.56 32.83
CA GLU H 152 -11.90 -28.70 33.45
C GLU H 152 -11.90 -27.29 32.84
N ALA H 153 -12.05 -27.19 31.52
CA ALA H 153 -11.90 -25.88 30.89
C ALA H 153 -12.88 -24.88 31.50
N GLU H 154 -14.09 -25.34 31.82
CA GLU H 154 -15.09 -24.45 32.43
C GLU H 154 -14.65 -23.96 33.81
N GLN H 155 -13.85 -24.73 34.54
CA GLN H 155 -13.34 -24.23 35.81
C GLN H 155 -12.24 -23.20 35.58
N ARG H 156 -11.37 -23.44 34.59
CA ARG H 156 -10.35 -22.45 34.25
C ARG H 156 -11.01 -21.16 33.79
N ARG H 157 -12.02 -21.27 32.93
CA ARG H 157 -12.73 -20.08 32.49
C ARG H 157 -13.29 -19.30 33.68
N ALA H 158 -13.90 -20.00 34.64
CA ALA H 158 -14.48 -19.32 35.79
C ALA H 158 -13.47 -18.38 36.45
N TYR H 159 -12.22 -18.86 36.65
CA TYR H 159 -11.16 -18.03 37.21
C TYR H 159 -10.71 -16.94 36.23
N LEU H 160 -10.41 -17.32 34.97
CA LEU H 160 -9.77 -16.40 34.04
C LEU H 160 -10.68 -15.23 33.70
N GLU H 161 -11.99 -15.47 33.60
CA GLU H 161 -12.93 -14.40 33.28
C GLU H 161 -13.36 -13.62 34.51
N GLY H 162 -13.17 -14.20 35.70
CA GLY H 162 -13.64 -13.62 36.94
C GLY H 162 -12.54 -13.08 37.83
N GLU H 163 -12.13 -13.87 38.83
CA GLU H 163 -11.26 -13.31 39.86
C GLU H 163 -9.90 -12.89 39.32
N CYS H 164 -9.40 -13.59 38.30
CA CYS H 164 -8.14 -13.23 37.66
C CYS H 164 -8.16 -11.78 37.24
N VAL H 165 -9.16 -11.40 36.45
CA VAL H 165 -9.31 -10.03 35.96
C VAL H 165 -9.51 -9.06 37.12
N GLU H 166 -10.32 -9.45 38.10
CA GLU H 166 -10.70 -8.55 39.17
C GLU H 166 -9.51 -8.22 40.08
N TRP H 167 -8.66 -9.21 40.39
CA TRP H 167 -7.50 -8.98 41.22
C TRP H 167 -6.37 -8.26 40.46
N LEU H 168 -6.23 -8.50 39.15
CA LEU H 168 -5.29 -7.71 38.34
C LEU H 168 -5.66 -6.24 38.38
N ARG H 169 -6.94 -5.92 38.15
CA ARG H 169 -7.37 -4.52 38.24
C ARG H 169 -7.06 -3.96 39.62
N ARG H 170 -7.25 -4.75 40.68
CA ARG H 170 -6.96 -4.27 42.02
C ARG H 170 -5.48 -3.97 42.19
N TYR H 171 -4.63 -4.89 41.75
CA TYR H 171 -3.17 -4.69 41.84
C TYR H 171 -2.71 -3.52 41.01
N LEU H 172 -3.18 -3.42 39.76
CA LEU H 172 -2.79 -2.27 38.93
C LEU H 172 -3.11 -0.97 39.64
N GLU H 173 -4.18 -0.97 40.41
CA GLU H 173 -4.58 0.20 41.18
C GLU H 173 -3.71 0.40 42.41
N ASN H 174 -3.40 -0.68 43.15
CA ASN H 174 -2.59 -0.54 44.36
C ASN H 174 -1.14 -0.19 44.06
N GLY H 175 -0.60 -0.64 42.92
CA GLY H 175 0.75 -0.30 42.56
C GLY H 175 0.79 0.63 41.37
N LYS H 176 -0.24 1.48 41.24
CA LYS H 176 -0.35 2.42 40.11
C LYS H 176 0.93 3.21 39.91
N ASP H 177 1.53 3.58 41.00
CA ASP H 177 2.78 4.25 41.01
C ASP H 177 3.85 3.58 40.17
N LYS H 178 4.03 2.28 40.37
CA LYS H 178 5.03 1.55 39.67
C LYS H 178 4.64 0.70 38.48
N LEU H 179 3.38 0.39 38.32
CA LEU H 179 2.99 -0.46 37.24
C LEU H 179 2.41 0.21 36.04
N GLU H 180 1.75 1.31 36.27
CA GLU H 180 1.13 2.06 35.22
C GLU H 180 2.02 2.76 34.24
N ARG H 181 3.10 3.33 34.69
CA ARG H 181 3.94 4.03 33.78
C ARG H 181 5.34 3.48 33.63
N ALA H 182 5.72 3.31 32.40
CA ALA H 182 7.01 2.84 32.06
C ALA H 182 8.08 3.82 32.46
N ASP H 183 9.21 3.32 32.92
CA ASP H 183 10.35 4.13 33.26
C ASP H 183 11.31 4.07 32.03
N PRO H 184 11.51 5.19 31.31
CA PRO H 184 12.26 5.16 30.05
C PRO H 184 13.72 4.91 30.31
N PRO H 185 14.44 4.29 29.37
CA PRO H 185 15.86 4.03 29.57
C PRO H 185 16.65 5.33 29.61
N LYS H 186 17.50 5.47 30.63
CA LYS H 186 18.55 6.47 30.60
C LYS H 186 19.73 5.88 29.83
N THR H 187 20.24 6.64 28.86
CA THR H 187 21.08 6.09 27.81
C THR H 187 22.39 6.86 27.70
N HIS H 188 23.41 6.19 27.18
CA HIS H 188 24.68 6.85 26.88
C HIS H 188 25.50 5.92 25.97
N VAL H 189 26.48 6.51 25.29
CA VAL H 189 27.39 5.79 24.41
C VAL H 189 28.79 5.81 25.01
N THR H 190 29.49 4.69 24.90
CA THR H 190 30.88 4.64 25.31
C THR H 190 31.77 4.29 24.12
N HIS H 191 33.04 4.66 24.23
CA HIS H 191 34.00 4.49 23.15
C HIS H 191 35.17 3.67 23.66
N HIS H 192 35.49 2.57 22.98
CA HIS H 192 36.56 1.68 23.41
C HIS H 192 37.46 1.35 22.23
N PRO H 193 38.65 1.92 22.14
CA PRO H 193 39.53 1.59 21.03
C PRO H 193 40.00 0.14 21.10
N ILE H 194 39.96 -0.52 19.94
CA ILE H 194 40.49 -1.86 19.75
C ILE H 194 41.92 -1.82 19.22
N SER H 195 42.13 -1.01 18.19
CA SER H 195 43.42 -0.90 17.56
C SER H 195 43.64 0.57 17.25
N ASP H 196 44.62 0.83 16.39
CA ASP H 196 44.92 2.18 15.97
C ASP H 196 43.82 2.75 15.09
N HIS H 197 43.08 1.89 14.38
CA HIS H 197 42.06 2.34 13.43
C HIS H 197 40.67 1.75 13.66
N GLU H 198 40.47 0.95 14.70
CA GLU H 198 39.17 0.37 15.02
C GLU H 198 38.76 0.82 16.41
N ALA H 199 37.47 0.99 16.62
CA ALA H 199 36.96 1.26 17.94
C ALA H 199 35.56 0.64 18.08
N THR H 200 35.22 0.22 19.29
CA THR H 200 33.87 -0.23 19.61
C THR H 200 33.10 0.92 20.20
N LEU H 201 31.93 1.20 19.64
CA LEU H 201 30.94 2.08 20.26
C LEU H 201 29.90 1.18 20.89
N ARG H 202 29.61 1.44 22.17
CA ARG H 202 28.66 0.66 22.98
C ARG H 202 27.54 1.58 23.42
N CYS H 203 26.30 1.21 23.04
CA CYS H 203 25.10 1.97 23.39
C CYS H 203 24.41 1.30 24.57
N TRP H 204 24.31 2.01 25.70
CA TRP H 204 23.80 1.51 26.96
C TRP H 204 22.39 2.02 27.20
N ALA H 205 21.49 1.12 27.59
CA ALA H 205 20.18 1.49 28.09
C ALA H 205 20.07 0.94 29.51
N LEU H 206 19.81 1.82 30.47
CA LEU H 206 19.85 1.44 31.88
C LEU H 206 18.60 1.90 32.61
N GLY H 207 18.24 1.17 33.67
CA GLY H 207 17.20 1.60 34.58
C GLY H 207 15.83 1.69 33.97
N PHE H 208 15.52 0.86 32.98
CA PHE H 208 14.25 0.96 32.28
C PHE H 208 13.32 -0.18 32.71
N TYR H 209 12.01 0.08 32.61
CA TYR H 209 10.95 -0.85 32.93
C TYR H 209 9.79 -0.49 32.03
N PRO H 210 9.16 -1.46 31.36
CA PRO H 210 9.41 -2.90 31.39
C PRO H 210 10.61 -3.33 30.55
N ALA H 211 10.86 -4.65 30.48
CA ALA H 211 12.08 -5.17 29.89
C ALA H 211 12.13 -4.97 28.39
N GLU H 212 10.98 -4.98 27.71
CA GLU H 212 10.91 -4.89 26.27
C GLU H 212 11.61 -3.63 25.79
N ILE H 213 12.53 -3.78 24.84
CA ILE H 213 13.32 -2.65 24.36
C ILE H 213 14.01 -3.07 23.08
N THR H 214 14.29 -2.10 22.21
CA THR H 214 15.03 -2.32 20.98
C THR H 214 16.14 -1.28 20.90
N LEU H 215 17.36 -1.76 20.72
CA LEU H 215 18.50 -0.91 20.44
C LEU H 215 18.90 -1.18 18.98
N THR H 216 19.09 -0.11 18.20
CA THR H 216 19.48 -0.22 16.80
C THR H 216 20.61 0.73 16.52
N TRP H 217 21.71 0.21 15.95
CA TRP H 217 22.80 1.06 15.48
C TRP H 217 22.63 1.30 13.97
N GLN H 218 22.83 2.55 13.54
CA GLN H 218 22.74 2.90 12.13
C GLN H 218 23.98 3.68 11.72
N ARG H 219 24.55 3.32 10.57
CA ARG H 219 25.57 4.12 9.91
C ARG H 219 24.90 4.92 8.80
N ASP H 220 24.89 6.25 8.93
CA ASP H 220 24.30 7.15 7.94
C ASP H 220 22.84 6.79 7.67
N GLY H 221 22.14 6.36 8.72
CA GLY H 221 20.73 6.03 8.66
C GLY H 221 20.40 4.63 8.21
N GLU H 222 21.39 3.80 7.90
CA GLU H 222 21.17 2.43 7.46
C GLU H 222 21.35 1.46 8.63
N ASP H 223 20.35 0.59 8.83
CA ASP H 223 20.38 -0.33 9.96
C ASP H 223 21.56 -1.28 9.82
N GLN H 224 22.26 -1.50 10.92
CA GLN H 224 23.39 -2.44 10.92
C GLN H 224 22.92 -3.81 11.41
N THR H 225 22.02 -4.43 10.63
CA THR H 225 21.42 -5.70 11.01
C THR H 225 22.48 -6.74 11.37
N GLN H 226 23.32 -7.09 10.41
CA GLN H 226 24.55 -7.76 10.76
C GLN H 226 25.55 -6.70 11.23
N ASP H 227 26.58 -7.14 11.93
CA ASP H 227 27.66 -6.32 12.52
C ASP H 227 27.32 -5.63 13.83
N THR H 228 26.17 -5.90 14.45
CA THR H 228 25.81 -5.34 15.75
C THR H 228 25.87 -6.46 16.78
N GLU H 229 26.69 -6.29 17.82
CA GLU H 229 26.71 -7.20 18.97
C GLU H 229 25.67 -6.77 20.01
N LEU H 230 24.83 -7.71 20.42
CA LEU H 230 23.68 -7.44 21.26
C LEU H 230 23.71 -8.37 22.46
N VAL H 231 23.63 -7.84 23.68
CA VAL H 231 23.44 -8.75 24.80
C VAL H 231 21.96 -8.92 25.09
N GLU H 232 21.64 -9.97 25.75
CA GLU H 232 20.31 -10.24 26.13
C GLU H 232 19.94 -9.29 27.24
N THR H 233 18.73 -8.76 27.22
CA THR H 233 18.25 -7.88 28.27
C THR H 233 18.35 -8.56 29.62
N ARG H 234 18.82 -7.83 30.61
CA ARG H 234 19.18 -8.43 31.88
C ARG H 234 18.63 -7.60 33.02
N PRO H 235 18.28 -8.25 34.14
CA PRO H 235 17.76 -7.51 35.30
C PRO H 235 18.88 -6.87 36.12
N ALA H 236 18.66 -5.62 36.52
CA ALA H 236 19.60 -4.92 37.37
C ALA H 236 19.53 -5.37 38.83
N GLY H 237 18.48 -6.09 39.19
CA GLY H 237 18.23 -6.50 40.56
C GLY H 237 17.44 -5.52 41.40
N ASP H 238 16.99 -4.39 40.82
CA ASP H 238 16.20 -3.36 41.50
C ASP H 238 14.87 -3.13 40.79
N ARG H 239 14.37 -4.17 40.11
CA ARG H 239 13.17 -4.23 39.26
C ARG H 239 13.29 -3.45 37.95
N THR H 240 14.44 -2.86 37.64
CA THR H 240 14.65 -2.31 36.30
C THR H 240 15.61 -3.21 35.53
N PHE H 241 15.82 -2.87 34.26
CA PHE H 241 16.53 -3.73 33.33
C PHE H 241 17.66 -2.99 32.64
N GLN H 242 18.59 -3.76 32.07
CA GLN H 242 19.74 -3.25 31.35
C GLN H 242 19.87 -3.97 30.01
N LYS H 243 20.50 -3.30 29.05
CA LYS H 243 20.80 -3.90 27.74
C LYS H 243 21.79 -3.01 27.01
N TRP H 244 22.66 -3.62 26.22
CA TRP H 244 23.51 -2.81 25.37
C TRP H 244 23.66 -3.41 23.98
N ALA H 245 23.99 -2.54 23.04
CA ALA H 245 24.33 -2.92 21.68
C ALA H 245 25.64 -2.25 21.31
N ALA H 246 26.47 -2.95 20.55
CA ALA H 246 27.81 -2.46 20.21
C ALA H 246 28.08 -2.69 18.73
N VAL H 247 28.86 -1.78 18.15
CA VAL H 247 29.40 -1.92 16.81
C VAL H 247 30.88 -1.59 16.84
N VAL H 248 31.63 -2.26 15.99
CA VAL H 248 33.03 -1.93 15.75
C VAL H 248 33.08 -0.94 14.61
N VAL H 249 33.69 0.22 14.84
CA VAL H 249 33.65 1.27 13.81
C VAL H 249 35.06 1.71 13.40
N PRO H 250 35.26 2.16 12.15
CA PRO H 250 36.57 2.74 11.79
C PRO H 250 36.82 4.01 12.57
N SER H 251 38.01 4.10 13.17
CA SER H 251 38.40 5.30 13.90
C SER H 251 38.29 6.50 12.98
N GLY H 252 37.71 7.57 13.49
CA GLY H 252 37.50 8.74 12.66
C GLY H 252 36.09 8.95 12.15
N GLU H 253 35.38 7.89 11.79
CA GLU H 253 34.02 8.07 11.28
C GLU H 253 33.01 7.57 12.31
N GLU H 254 33.21 8.03 13.53
CA GLU H 254 32.37 7.64 14.65
C GLU H 254 31.12 8.49 14.74
N GLN H 255 31.16 9.70 14.20
CA GLN H 255 29.99 10.57 14.12
C GLN H 255 29.04 10.15 13.02
N ARG H 256 29.42 9.19 12.18
CA ARG H 256 28.50 8.63 11.20
C ARG H 256 27.55 7.60 11.80
N TYR H 257 27.80 7.15 13.02
CA TYR H 257 27.01 6.11 13.65
C TYR H 257 26.05 6.73 14.65
N THR H 258 24.82 6.26 14.63
CA THR H 258 23.84 6.76 15.58
C THR H 258 23.09 5.57 16.17
N CYS H 259 22.78 5.64 17.46
CA CYS H 259 22.07 4.59 18.18
C CYS H 259 20.64 5.03 18.43
N HIS H 260 19.68 4.15 18.12
CA HIS H 260 18.26 4.41 18.29
C HIS H 260 17.70 3.51 19.38
N VAL H 261 17.07 4.12 20.39
CA VAL H 261 16.48 3.41 21.51
C VAL H 261 14.97 3.59 21.40
N GLN H 262 14.24 2.48 21.29
CA GLN H 262 12.79 2.49 21.29
C GLN H 262 12.31 1.69 22.50
N HIS H 263 11.33 2.26 23.23
CA HIS H 263 10.83 1.70 24.48
C HIS H 263 9.43 2.26 24.72
N GLU H 264 8.63 1.50 25.48
CA GLU H 264 7.24 1.89 25.71
C GLU H 264 7.17 3.26 26.38
N GLY H 265 8.14 3.58 27.20
CA GLY H 265 8.18 4.85 27.88
C GLY H 265 8.74 5.99 27.08
N LEU H 266 9.08 5.75 25.80
CA LEU H 266 9.57 6.81 24.92
C LEU H 266 8.55 7.14 23.81
N PRO H 267 7.75 8.20 23.94
CA PRO H 267 6.89 8.60 22.80
C PRO H 267 7.69 8.78 21.51
N LYS H 268 8.91 9.27 21.62
CA LYS H 268 9.70 9.29 20.42
C LYS H 268 10.97 8.52 20.71
N PRO H 269 11.44 7.69 19.80
CA PRO H 269 12.71 7.01 20.01
C PRO H 269 13.81 8.02 20.26
N LEU H 270 14.69 7.68 21.19
CA LEU H 270 15.87 8.48 21.47
C LEU H 270 16.90 8.18 20.40
N THR H 271 17.60 9.22 19.95
CA THR H 271 18.74 9.08 19.06
C THR H 271 19.99 9.51 19.83
N LEU H 272 20.99 8.65 19.83
CA LEU H 272 22.17 8.86 20.66
C LEU H 272 23.41 8.70 19.81
N ARG H 273 24.41 9.52 20.08
CA ARG H 273 25.71 9.33 19.45
C ARG H 273 26.76 9.84 20.41
N TRP H 274 27.98 9.32 20.27
CA TRP H 274 29.12 9.73 21.06
C TRP H 274 29.65 11.07 20.53
N GLU H 275 29.90 12.05 21.39
CA GLU H 275 29.84 11.92 22.82
C GLU H 275 28.60 12.64 23.32
N HIS I 1 -3.70 -12.95 42.63
CA HIS I 1 -4.39 -14.05 43.33
C HIS I 1 -4.31 -15.33 42.50
N PRO I 2 -3.69 -16.38 43.05
CA PRO I 2 -3.61 -17.63 42.30
C PRO I 2 -4.98 -18.26 42.09
N ASN I 3 -5.03 -19.19 41.14
CA ASN I 3 -6.25 -19.95 40.83
C ASN I 3 -6.38 -21.10 41.83
N GLY I 4 -7.14 -20.85 42.90
CA GLY I 4 -7.44 -21.89 43.86
C GLY I 4 -8.38 -22.95 43.31
N TYR I 5 -9.21 -22.57 42.33
CA TYR I 5 -10.18 -23.51 41.76
C TYR I 5 -9.52 -24.77 41.21
N LYS I 6 -8.28 -24.68 40.71
CA LYS I 6 -7.65 -25.80 40.03
C LYS I 6 -6.60 -26.53 40.89
N SER I 7 -6.44 -26.16 42.16
CA SER I 7 -5.38 -26.73 42.99
C SER I 7 -5.55 -28.22 43.31
N LEU I 8 -6.68 -28.83 42.93
CA LEU I 8 -6.91 -30.26 43.12
C LEU I 8 -6.91 -31.07 41.82
N SER I 9 -6.71 -30.43 40.68
CA SER I 9 -6.92 -31.05 39.37
C SER I 9 -5.62 -31.73 38.90
N THR I 10 -5.61 -33.06 38.83
CA THR I 10 -4.42 -33.80 38.39
C THR I 10 -4.35 -33.95 36.87
N LEU I 11 -3.12 -34.02 36.37
CA LEU I 11 -2.85 -34.25 34.94
C LEU I 11 -3.02 -35.74 34.59
N ILE J 1 9.66 33.47 -25.18
CA ILE J 1 10.60 34.56 -25.40
C ILE J 1 12.03 33.97 -25.40
N GLN J 2 12.90 34.45 -26.28
CA GLN J 2 14.21 33.84 -26.47
C GLN J 2 15.33 34.79 -26.11
N ARG J 3 16.33 34.26 -25.40
CA ARG J 3 17.43 35.03 -24.86
C ARG J 3 18.76 34.34 -25.19
N THR J 4 19.73 35.14 -25.68
CA THR J 4 21.04 34.67 -26.12
C THR J 4 21.94 34.44 -24.91
N PRO J 5 22.81 33.43 -24.94
CA PRO J 5 23.72 33.19 -23.82
C PRO J 5 24.73 34.31 -23.72
N LYS J 6 24.94 34.78 -22.49
CA LYS J 6 26.19 35.44 -22.17
C LYS J 6 27.25 34.40 -21.83
N ILE J 7 28.51 34.67 -22.20
CA ILE J 7 29.59 33.69 -22.12
C ILE J 7 30.79 34.32 -21.42
N GLN J 8 31.36 33.59 -20.46
CA GLN J 8 32.61 33.97 -19.82
C GLN J 8 33.54 32.76 -19.78
N VAL J 9 34.78 32.95 -20.20
CA VAL J 9 35.81 31.91 -20.14
C VAL J 9 36.88 32.38 -19.18
N TYR J 10 37.26 31.52 -18.26
CA TYR J 10 38.17 31.89 -17.18
C TYR J 10 38.65 30.63 -16.48
N SER J 11 39.70 30.78 -15.69
CA SER J 11 40.25 29.68 -14.92
C SER J 11 39.77 29.79 -13.47
N ARG J 12 39.73 28.65 -12.78
CA ARG J 12 39.33 28.65 -11.38
C ARG J 12 40.30 29.49 -10.54
N HIS J 13 41.60 29.27 -10.71
CA HIS J 13 42.64 30.00 -10.01
C HIS J 13 43.39 30.87 -10.99
N PRO J 14 44.05 31.93 -10.52
CA PRO J 14 44.94 32.70 -11.41
C PRO J 14 45.88 31.78 -12.17
N ALA J 15 45.87 31.91 -13.48
CA ALA J 15 46.70 31.07 -14.35
C ALA J 15 48.17 31.23 -14.02
N GLU J 16 48.87 30.09 -13.92
CA GLU J 16 50.32 30.04 -13.87
C GLU J 16 50.82 28.98 -14.84
N ASN J 17 51.77 29.36 -15.71
CA ASN J 17 52.29 28.43 -16.71
C ASN J 17 52.84 27.17 -16.05
N GLY J 18 52.37 26.01 -16.52
CA GLY J 18 52.78 24.74 -15.98
C GLY J 18 52.06 24.24 -14.74
N LYS J 19 51.24 25.08 -14.09
CA LYS J 19 50.52 24.70 -12.89
C LYS J 19 49.11 24.22 -13.23
N SER J 20 48.67 23.15 -12.57
CA SER J 20 47.34 22.60 -12.80
C SER J 20 46.24 23.57 -12.35
N ASN J 21 45.20 23.66 -13.16
CA ASN J 21 44.09 24.58 -12.94
C ASN J 21 42.82 23.94 -13.51
N PHE J 22 41.73 24.69 -13.50
CA PHE J 22 40.49 24.29 -14.14
C PHE J 22 40.05 25.38 -15.11
N LEU J 23 39.72 25.00 -16.34
CA LEU J 23 39.16 25.92 -17.32
C LEU J 23 37.64 25.89 -17.20
N ASN J 24 37.04 27.07 -17.05
CA ASN J 24 35.61 27.21 -16.85
C ASN J 24 35.00 27.96 -18.03
N CYS J 25 33.81 27.51 -18.45
CA CYS J 25 32.96 28.26 -19.38
C CYS J 25 31.57 28.39 -18.77
N TYR J 26 31.21 29.63 -18.43
CA TYR J 26 29.95 29.94 -17.75
C TYR J 26 28.99 30.56 -18.75
N VAL J 27 27.90 29.85 -19.05
CA VAL J 27 26.84 30.33 -19.93
C VAL J 27 25.65 30.68 -19.05
N SER J 28 25.02 31.81 -19.32
CA SER J 28 23.93 32.28 -18.47
C SER J 28 22.99 33.17 -19.27
N GLY J 29 21.84 33.46 -18.68
CA GLY J 29 20.95 34.41 -19.30
C GLY J 29 20.29 33.93 -20.57
N PHE J 30 20.27 32.63 -20.82
CA PHE J 30 19.74 32.13 -22.08
C PHE J 30 18.41 31.41 -21.85
N HIS J 31 17.62 31.31 -22.90
CA HIS J 31 16.32 30.67 -22.88
C HIS J 31 15.90 30.45 -24.33
N PRO J 32 15.43 29.26 -24.71
CA PRO J 32 15.18 28.05 -23.89
C PRO J 32 16.46 27.31 -23.46
N SER J 33 16.33 26.13 -22.85
CA SER J 33 17.42 25.52 -22.12
C SER J 33 18.39 24.72 -22.98
N ASP J 34 17.98 24.23 -24.15
CA ASP J 34 18.89 23.46 -24.99
C ASP J 34 20.12 24.32 -25.35
N ILE J 35 21.31 23.76 -25.17
CA ILE J 35 22.53 24.51 -25.42
C ILE J 35 23.67 23.53 -25.67
N GLU J 36 24.54 23.89 -26.61
CA GLU J 36 25.73 23.10 -26.93
C GLU J 36 26.98 23.87 -26.53
N VAL J 37 27.87 23.23 -25.76
CA VAL J 37 29.08 23.86 -25.25
C VAL J 37 30.26 22.90 -25.35
N ASP J 38 31.31 23.30 -26.08
CA ASP J 38 32.59 22.60 -26.11
C ASP J 38 33.69 23.49 -25.56
N LEU J 39 34.68 22.87 -24.92
CA LEU J 39 35.92 23.55 -24.57
C LEU J 39 36.99 23.23 -25.62
N LEU J 40 37.80 24.23 -25.97
CA LEU J 40 38.72 24.11 -27.08
C LEU J 40 40.16 24.26 -26.61
N LYS J 41 41.03 23.39 -27.11
CA LYS J 41 42.48 23.50 -26.95
C LYS J 41 43.06 23.64 -28.34
N ASN J 42 43.44 24.86 -28.69
CA ASN J 42 43.93 25.18 -30.04
C ASN J 42 42.94 24.76 -31.12
N GLY J 43 41.64 24.93 -30.83
CA GLY J 43 40.60 24.68 -31.81
C GLY J 43 40.06 23.26 -31.85
N GLU J 44 40.64 22.34 -31.08
CA GLU J 44 40.19 20.96 -31.03
C GLU J 44 39.45 20.73 -29.72
N ARG J 45 38.28 20.12 -29.82
CA ARG J 45 37.42 19.98 -28.65
C ARG J 45 38.04 19.05 -27.62
N ILE J 46 37.97 19.47 -26.35
CA ILE J 46 38.49 18.66 -25.25
C ILE J 46 37.46 17.59 -24.91
N GLU J 47 37.93 16.35 -24.75
CA GLU J 47 37.01 15.21 -24.66
C GLU J 47 36.27 15.17 -23.33
N LYS J 48 37.02 15.27 -22.23
CA LYS J 48 36.47 15.08 -20.90
C LYS J 48 36.08 16.43 -20.31
N VAL J 49 34.84 16.87 -20.57
CA VAL J 49 34.31 18.13 -20.05
C VAL J 49 33.06 17.82 -19.26
N GLU J 50 33.06 18.19 -17.98
CA GLU J 50 31.89 18.04 -17.15
C GLU J 50 31.11 19.35 -17.14
N HIS J 51 29.85 19.27 -16.74
CA HIS J 51 29.01 20.45 -16.66
C HIS J 51 28.13 20.35 -15.42
N SER J 52 27.63 21.50 -14.99
CA SER J 52 26.80 21.60 -13.79
C SER J 52 25.37 21.17 -14.10
N ASP J 53 24.57 20.99 -13.05
CA ASP J 53 23.17 20.65 -13.22
C ASP J 53 22.37 21.90 -13.61
N LEU J 54 21.51 21.76 -14.61
CA LEU J 54 20.74 22.91 -15.11
C LEU J 54 20.00 23.62 -13.99
N SER J 55 20.25 24.91 -13.86
CA SER J 55 19.59 25.75 -12.87
C SER J 55 19.21 27.07 -13.55
N PHE J 56 18.52 27.96 -12.81
CA PHE J 56 18.13 29.21 -13.43
C PHE J 56 18.13 30.36 -12.43
N SER J 57 18.12 31.57 -12.98
CA SER J 57 18.23 32.82 -12.24
C SER J 57 16.82 33.34 -11.93
N LYS J 58 16.76 34.52 -11.29
CA LYS J 58 15.49 35.09 -10.84
C LYS J 58 14.61 35.54 -12.00
N ASP J 59 15.21 35.89 -13.13
CA ASP J 59 14.48 36.25 -14.34
C ASP J 59 14.11 35.01 -15.15
N TRP J 60 14.37 33.82 -14.62
CA TRP J 60 14.03 32.50 -15.17
C TRP J 60 15.02 32.06 -16.25
N SER J 61 16.01 32.87 -16.59
CA SER J 61 17.01 32.45 -17.55
C SER J 61 17.92 31.40 -16.92
N PHE J 62 18.41 30.48 -17.74
CA PHE J 62 19.22 29.35 -17.27
C PHE J 62 20.69 29.73 -17.18
N TYR J 63 21.43 28.91 -16.43
CA TYR J 63 22.88 29.04 -16.40
C TYR J 63 23.50 27.65 -16.23
N LEU J 64 24.73 27.51 -16.70
CA LEU J 64 25.46 26.25 -16.67
C LEU J 64 26.95 26.56 -16.61
N LEU J 65 27.70 25.71 -15.92
CA LEU J 65 29.16 25.80 -15.88
C LEU J 65 29.75 24.56 -16.55
N TYR J 66 30.54 24.77 -17.60
CA TYR J 66 31.33 23.72 -18.22
C TYR J 66 32.79 23.87 -17.81
N TYR J 67 33.43 22.75 -17.44
CA TYR J 67 34.77 22.83 -16.85
C TYR J 67 35.55 21.54 -17.08
N THR J 68 36.87 21.70 -17.15
CA THR J 68 37.79 20.58 -17.33
C THR J 68 39.12 20.88 -16.64
N GLU J 69 39.81 19.82 -16.23
CA GLU J 69 41.18 19.97 -15.77
C GLU J 69 42.08 20.41 -16.92
N PHE J 70 42.96 21.37 -16.66
CA PHE J 70 43.93 21.77 -17.67
C PHE J 70 45.15 22.40 -17.02
N THR J 71 46.24 22.47 -17.78
CA THR J 71 47.48 23.13 -17.34
C THR J 71 47.88 24.17 -18.38
N PRO J 72 47.65 25.45 -18.13
CA PRO J 72 47.91 26.48 -19.15
C PRO J 72 49.39 26.64 -19.48
N THR J 73 49.64 27.32 -20.61
CA THR J 73 50.97 27.52 -21.20
C THR J 73 50.84 28.86 -21.92
N GLU J 74 51.96 29.57 -22.07
CA GLU J 74 51.94 30.79 -22.89
C GLU J 74 51.46 30.46 -24.30
N LYS J 75 51.83 29.28 -24.80
CA LYS J 75 51.70 28.96 -26.22
C LYS J 75 50.29 28.48 -26.54
N ASP J 76 49.66 27.78 -25.60
CA ASP J 76 48.36 27.18 -25.86
C ASP J 76 47.18 28.14 -25.71
N GLU J 77 46.30 28.14 -26.70
CA GLU J 77 45.09 28.96 -26.68
C GLU J 77 43.89 28.13 -26.28
N TYR J 78 43.11 28.61 -25.30
CA TYR J 78 41.89 27.94 -24.89
C TYR J 78 40.70 28.85 -25.19
N ALA J 79 39.58 28.23 -25.56
CA ALA J 79 38.39 29.00 -25.93
C ALA J 79 37.15 28.16 -25.65
N CYS J 80 35.98 28.80 -25.76
CA CYS J 80 34.71 28.13 -25.52
C CYS J 80 33.83 28.33 -26.74
N ARG J 81 33.22 27.25 -27.22
CA ARG J 81 32.34 27.30 -28.38
C ARG J 81 30.91 26.96 -27.94
N VAL J 82 29.97 27.84 -28.26
CA VAL J 82 28.59 27.77 -27.78
C VAL J 82 27.65 27.89 -28.97
N ASN J 83 26.69 26.98 -29.06
CA ASN J 83 25.57 27.13 -29.98
C ASN J 83 24.26 27.06 -29.20
N HIS J 84 23.27 27.77 -29.74
CA HIS J 84 21.99 28.02 -29.12
C HIS J 84 21.03 28.43 -30.23
N VAL J 85 19.73 28.25 -29.97
CA VAL J 85 18.73 28.55 -31.00
C VAL J 85 18.78 30.01 -31.42
N THR J 86 19.20 30.91 -30.53
CA THR J 86 19.33 32.34 -30.86
C THR J 86 20.57 32.65 -31.67
N LEU J 87 21.44 31.67 -31.91
CA LEU J 87 22.71 31.86 -32.62
C LEU J 87 22.63 31.24 -34.01
N SER J 88 22.96 32.03 -35.04
CA SER J 88 22.99 31.52 -36.41
C SER J 88 23.99 30.38 -36.51
N GLN J 89 25.23 30.63 -36.13
CA GLN J 89 26.28 29.63 -36.07
C GLN J 89 26.99 29.75 -34.74
N PRO J 90 27.73 28.72 -34.33
CA PRO J 90 28.49 28.80 -33.08
C PRO J 90 29.28 30.09 -32.81
N LYS J 91 29.28 30.49 -31.54
CA LYS J 91 30.01 31.64 -31.05
C LYS J 91 31.23 31.13 -30.28
N ILE J 92 32.42 31.58 -30.67
CA ILE J 92 33.67 31.18 -30.05
C ILE J 92 34.16 32.34 -29.21
N VAL J 93 34.47 32.09 -27.94
CA VAL J 93 35.01 33.10 -27.04
C VAL J 93 36.29 32.52 -26.47
N LYS J 94 37.43 33.11 -26.84
CA LYS J 94 38.71 32.60 -26.41
C LYS J 94 39.02 33.08 -25.00
N TRP J 95 39.80 32.26 -24.28
CA TRP J 95 40.25 32.58 -22.94
C TRP J 95 41.35 33.64 -22.88
N ASP J 96 41.04 34.76 -22.25
CA ASP J 96 42.00 35.81 -21.93
C ASP J 96 42.32 35.69 -20.43
N ARG J 97 43.60 35.49 -20.10
CA ARG J 97 43.96 35.29 -18.72
C ARG J 97 43.74 36.53 -17.86
N ASP J 98 43.52 37.70 -18.48
CA ASP J 98 43.25 38.95 -17.78
C ASP J 98 41.76 39.27 -17.65
N MET J 99 40.91 38.29 -17.97
CA MET J 99 39.49 38.50 -17.97
C MET J 99 38.74 37.33 -17.34
N GLY K 1 23.51 34.25 10.01
CA GLY K 1 22.56 35.29 9.68
C GLY K 1 21.28 34.71 9.14
N SER K 2 20.73 35.35 8.11
CA SER K 2 19.52 34.87 7.46
C SER K 2 19.88 33.85 6.38
N HIS K 3 18.97 32.90 6.16
CA HIS K 3 19.20 31.75 5.30
C HIS K 3 17.97 31.46 4.46
N SER K 4 18.17 30.67 3.39
CA SER K 4 17.12 30.32 2.45
C SER K 4 17.32 28.91 1.94
N MET K 5 16.22 28.24 1.62
CA MET K 5 16.22 27.00 0.86
C MET K 5 15.43 27.22 -0.44
N ARG K 6 15.88 26.59 -1.51
CA ARG K 6 15.22 26.78 -2.79
C ARG K 6 15.22 25.50 -3.61
N TYR K 7 14.10 25.22 -4.27
CA TYR K 7 14.05 24.17 -5.28
C TYR K 7 13.66 24.80 -6.61
N PHE K 8 14.37 24.38 -7.68
CA PHE K 8 14.16 24.86 -9.04
C PHE K 8 13.79 23.68 -9.92
N TYR K 9 12.57 23.67 -10.45
CA TYR K 9 12.16 22.62 -11.37
C TYR K 9 12.20 23.14 -12.81
N THR K 10 12.71 22.32 -13.72
CA THR K 10 12.58 22.60 -15.14
C THR K 10 11.93 21.41 -15.81
N SER K 11 10.86 21.67 -16.55
CA SER K 11 10.23 20.66 -17.37
C SER K 11 10.18 21.19 -18.81
N VAL K 12 10.62 20.38 -19.74
CA VAL K 12 10.65 20.77 -21.11
C VAL K 12 10.07 19.70 -22.00
N SER K 13 9.08 20.04 -22.79
CA SER K 13 8.58 19.12 -23.78
C SER K 13 9.48 19.17 -25.02
N ARG K 14 9.63 18.05 -25.71
CA ARG K 14 10.40 17.88 -26.94
C ARG K 14 9.51 17.03 -27.83
N PRO K 15 8.64 17.63 -28.61
CA PRO K 15 7.63 16.83 -29.28
C PRO K 15 7.97 15.66 -30.16
N GLY K 16 8.99 15.63 -30.98
CA GLY K 16 9.21 14.38 -31.68
C GLY K 16 10.28 13.55 -31.04
N ARG K 17 10.81 13.96 -29.92
CA ARG K 17 11.96 13.34 -29.30
C ARG K 17 11.81 12.67 -27.98
N GLY K 18 10.61 12.25 -27.67
CA GLY K 18 10.36 11.61 -26.40
C GLY K 18 9.49 12.42 -25.49
N GLU K 19 9.22 11.86 -24.33
CA GLU K 19 8.38 12.48 -23.30
C GLU K 19 9.14 13.59 -22.63
N PRO K 20 8.44 14.57 -22.04
CA PRO K 20 9.14 15.71 -21.45
C PRO K 20 10.15 15.28 -20.42
N ARG K 21 11.24 16.02 -20.36
CA ARG K 21 12.26 15.93 -19.34
C ARG K 21 11.96 16.82 -18.15
N PHE K 22 12.25 16.30 -16.96
CA PHE K 22 12.07 17.02 -15.69
C PHE K 22 13.40 17.02 -14.95
N ILE K 23 13.87 18.22 -14.59
CA ILE K 23 15.09 18.40 -13.82
C ILE K 23 14.77 19.18 -12.55
N SER K 24 15.37 18.75 -11.44
CA SER K 24 15.27 19.46 -10.19
C SER K 24 16.64 19.73 -9.60
N VAL K 25 16.81 20.91 -9.01
CA VAL K 25 17.97 21.20 -8.17
C VAL K 25 17.48 21.86 -6.88
N GLY K 26 18.17 21.56 -5.78
CA GLY K 26 17.87 22.17 -4.49
C GLY K 26 19.08 22.93 -3.97
N TYR K 27 18.82 24.09 -3.34
CA TYR K 27 19.86 24.97 -2.84
C TYR K 27 19.57 25.36 -1.39
N VAL K 28 20.63 25.45 -0.59
CA VAL K 28 20.61 26.19 0.66
C VAL K 28 21.53 27.38 0.46
N ASP K 29 20.97 28.59 0.54
CA ASP K 29 21.66 29.81 0.10
C ASP K 29 22.19 29.58 -1.31
N ASP K 30 23.49 29.76 -1.51
CA ASP K 30 24.10 29.58 -2.83
C ASP K 30 24.87 28.26 -2.95
N THR K 31 24.48 27.24 -2.16
CA THR K 31 25.10 25.91 -2.20
C THR K 31 24.11 24.90 -2.78
N GLN K 32 24.43 24.32 -3.94
CA GLN K 32 23.62 23.23 -4.47
C GLN K 32 23.88 21.97 -3.64
N PHE K 33 22.81 21.27 -3.25
CA PHE K 33 22.99 20.05 -2.47
C PHE K 33 22.25 18.82 -3.00
N VAL K 34 21.25 18.96 -3.88
CA VAL K 34 20.57 17.79 -4.47
C VAL K 34 20.21 18.08 -5.92
N ARG K 35 19.92 17.01 -6.65
CA ARG K 35 19.51 17.08 -8.03
C ARG K 35 18.71 15.84 -8.40
N PHE K 36 17.94 15.97 -9.47
CA PHE K 36 17.21 14.85 -10.05
C PHE K 36 17.10 15.10 -11.54
N ASP K 37 17.23 14.06 -12.33
CA ASP K 37 17.19 14.19 -13.78
C ASP K 37 16.40 13.01 -14.30
N SER K 38 15.20 13.28 -14.85
CA SER K 38 14.32 12.21 -15.30
C SER K 38 14.90 11.44 -16.47
N ASP K 39 15.92 11.98 -17.14
CA ASP K 39 16.59 11.34 -18.27
C ASP K 39 17.72 10.43 -17.84
N ALA K 40 18.07 10.39 -16.57
CA ALA K 40 19.14 9.53 -16.10
C ALA K 40 18.75 8.07 -16.25
N ALA K 41 19.77 7.20 -16.24
CA ALA K 41 19.56 5.76 -16.42
C ALA K 41 18.62 5.20 -15.35
N SER K 42 18.90 5.48 -14.08
CA SER K 42 18.00 5.07 -13.00
C SER K 42 17.69 6.35 -12.22
N PRO K 43 16.66 7.08 -12.62
CA PRO K 43 16.43 8.44 -12.08
C PRO K 43 16.32 8.32 -10.57
N ARG K 44 17.12 9.10 -9.87
CA ARG K 44 17.08 9.10 -8.43
C ARG K 44 17.63 10.43 -7.95
N GLU K 45 17.15 10.89 -6.80
CA GLU K 45 17.70 12.11 -6.22
C GLU K 45 19.13 11.77 -5.82
N GLU K 46 20.06 12.69 -6.07
CA GLU K 46 21.45 12.41 -5.77
C GLU K 46 22.07 13.52 -4.94
N PRO K 47 23.03 13.19 -4.06
CA PRO K 47 23.68 14.22 -3.26
C PRO K 47 24.61 15.08 -4.10
N ARG K 48 24.73 16.35 -3.72
CA ARG K 48 25.64 17.26 -4.40
C ARG K 48 26.44 18.13 -3.44
N ALA K 49 26.30 17.96 -2.13
CA ALA K 49 27.10 18.62 -1.13
C ALA K 49 27.43 17.59 -0.06
N PRO K 50 28.53 17.76 0.67
CA PRO K 50 28.93 16.72 1.63
C PRO K 50 27.96 16.50 2.78
N TRP K 51 27.33 17.57 3.28
CA TRP K 51 26.56 17.47 4.51
C TRP K 51 25.19 16.81 4.32
N ILE K 52 24.79 16.53 3.07
CA ILE K 52 23.54 15.83 2.79
C ILE K 52 23.72 14.33 2.62
N GLU K 53 24.95 13.86 2.43
CA GLU K 53 25.17 12.43 2.18
C GLU K 53 24.75 11.58 3.36
N GLN K 54 24.82 12.13 4.58
CA GLN K 54 24.51 11.38 5.78
C GLN K 54 23.02 11.05 5.94
N GLU K 55 22.15 11.62 5.11
CA GLU K 55 20.74 11.28 5.22
C GLU K 55 20.57 9.81 4.86
N GLY K 56 19.62 9.15 5.52
CA GLY K 56 19.45 7.73 5.37
C GLY K 56 18.78 7.40 4.05
N PRO K 57 18.68 6.12 3.73
CA PRO K 57 18.07 5.73 2.44
C PRO K 57 16.61 6.15 2.31
N GLU K 58 15.88 6.35 3.41
CA GLU K 58 14.48 6.76 3.29
C GLU K 58 14.36 8.17 2.75
N TYR K 59 15.32 9.03 3.05
CA TYR K 59 15.36 10.39 2.48
C TYR K 59 15.44 10.36 0.96
N TRP K 60 16.36 9.54 0.42
CA TRP K 60 16.58 9.50 -1.03
C TRP K 60 15.42 8.83 -1.75
N ASP K 61 14.83 7.81 -1.12
CA ASP K 61 13.72 7.11 -1.74
C ASP K 61 12.48 7.98 -1.81
N ARG K 62 12.18 8.66 -0.70
CA ARG K 62 10.97 9.48 -0.63
C ARG K 62 11.05 10.64 -1.61
N ASN K 63 12.17 11.36 -1.63
CA ASN K 63 12.30 12.48 -2.57
C ASN K 63 12.25 12.00 -4.01
N THR K 64 12.85 10.85 -4.32
CA THR K 64 12.77 10.28 -5.66
C THR K 64 11.32 10.01 -6.05
N GLN K 65 10.51 9.53 -5.13
CA GLN K 65 9.13 9.31 -5.45
C GLN K 65 8.41 10.63 -5.65
N ILE K 66 8.77 11.65 -4.91
CA ILE K 66 8.17 12.97 -5.08
C ILE K 66 8.48 13.52 -6.47
N TYR K 67 9.76 13.50 -6.86
CA TYR K 67 10.13 14.03 -8.15
C TYR K 67 9.43 13.28 -9.27
N LYS K 68 9.40 11.95 -9.20
CA LYS K 68 8.72 11.18 -10.24
C LYS K 68 7.26 11.57 -10.37
N ALA K 69 6.57 11.78 -9.25
CA ALA K 69 5.18 12.21 -9.36
C ALA K 69 5.09 13.65 -9.86
N GLN K 70 5.97 14.53 -9.38
CA GLN K 70 5.99 15.90 -9.89
C GLN K 70 6.30 15.93 -11.38
N ALA K 71 7.12 15.00 -11.83
CA ALA K 71 7.44 14.95 -13.26
C ALA K 71 6.17 14.58 -14.00
N GLN K 72 5.44 13.65 -13.50
CA GLN K 72 4.25 13.28 -14.18
C GLN K 72 3.22 14.42 -14.15
N THR K 73 3.09 15.11 -13.04
CA THR K 73 2.16 16.23 -12.99
C THR K 73 2.53 17.37 -13.95
N ASP K 74 3.83 17.67 -14.03
CA ASP K 74 4.33 18.72 -14.94
C ASP K 74 3.99 18.41 -16.40
N ARG K 75 4.10 17.14 -16.78
CA ARG K 75 3.70 16.75 -18.12
C ARG K 75 2.24 17.10 -18.36
N GLU K 76 1.37 16.83 -17.41
CA GLU K 76 -0.03 17.16 -17.56
C GLU K 76 -0.22 18.68 -17.54
N SER K 77 0.54 19.40 -16.75
CA SER K 77 0.48 20.86 -16.75
C SER K 77 0.86 21.43 -18.12
N LEU K 78 1.93 20.90 -18.72
CA LEU K 78 2.31 21.33 -20.06
C LEU K 78 1.22 21.05 -21.08
N ARG K 79 0.55 19.89 -20.98
CA ARG K 79 -0.62 19.68 -21.82
C ARG K 79 -1.67 20.78 -21.59
N ASN K 80 -2.00 21.05 -20.32
CA ASN K 80 -3.03 22.05 -20.02
C ASN K 80 -2.65 23.44 -20.51
N LEU K 81 -1.37 23.81 -20.37
CA LEU K 81 -0.91 25.12 -20.82
C LEU K 81 -1.01 25.28 -22.33
N ARG K 82 -0.72 24.22 -23.03
CA ARG K 82 -0.83 24.20 -24.45
C ARG K 82 -2.29 24.41 -24.80
N GLY K 83 -3.19 23.84 -24.02
CA GLY K 83 -4.62 24.05 -24.23
C GLY K 83 -5.08 25.49 -23.99
N TYR K 84 -4.62 26.10 -22.89
CA TYR K 84 -5.06 27.47 -22.61
C TYR K 84 -4.57 28.46 -23.66
N TYR K 85 -3.42 28.24 -24.26
CA TYR K 85 -2.93 29.19 -25.24
C TYR K 85 -3.18 28.72 -26.66
N ASN K 86 -3.92 27.63 -26.85
CA ASN K 86 -4.19 27.02 -28.14
C ASN K 86 -2.94 26.96 -29.02
N GLN K 87 -1.91 26.33 -28.45
CA GLN K 87 -0.66 26.02 -29.13
C GLN K 87 -0.70 24.59 -29.67
N SER K 88 0.02 24.34 -30.76
CA SER K 88 -0.07 23.02 -31.36
C SER K 88 0.76 21.99 -30.59
N GLU K 89 0.36 20.73 -30.74
CA GLU K 89 1.11 19.60 -30.17
C GLU K 89 2.55 19.56 -30.65
N ALA K 90 2.88 20.22 -31.77
CA ALA K 90 4.19 20.08 -32.41
C ALA K 90 5.27 20.99 -31.83
N GLY K 91 4.94 21.90 -30.93
CA GLY K 91 5.91 22.81 -30.37
C GLY K 91 6.53 22.38 -29.06
N SER K 92 7.73 22.87 -28.81
CA SER K 92 8.46 22.63 -27.57
C SER K 92 8.23 23.79 -26.59
N HIS K 93 7.91 23.45 -25.34
CA HIS K 93 7.60 24.47 -24.34
C HIS K 93 8.26 24.14 -23.00
N THR K 94 8.48 25.17 -22.18
CA THR K 94 9.20 25.05 -20.91
C THR K 94 8.29 25.52 -19.77
N LEU K 95 8.24 24.72 -18.70
CA LEU K 95 7.61 25.09 -17.44
C LEU K 95 8.67 25.03 -16.35
N GLN K 96 8.89 26.15 -15.67
CA GLN K 96 9.86 26.25 -14.59
C GLN K 96 9.14 26.58 -13.28
N SER K 97 9.60 26.00 -12.17
CA SER K 97 9.03 26.25 -10.86
C SER K 97 10.16 26.60 -9.90
N MET K 98 9.90 27.59 -9.07
CA MET K 98 10.85 28.04 -8.08
C MET K 98 10.07 28.23 -6.78
N TYR K 99 10.47 27.51 -5.72
CA TYR K 99 9.81 27.66 -4.44
C TYR K 99 10.82 27.45 -3.31
N GLY K 100 10.44 27.86 -2.11
CA GLY K 100 11.25 27.63 -0.94
C GLY K 100 10.92 28.65 0.14
N CYS K 101 11.77 28.69 1.16
CA CYS K 101 11.49 29.53 2.32
C CYS K 101 12.74 30.29 2.73
N ASP K 102 12.53 31.47 3.29
CA ASP K 102 13.57 32.29 3.92
C ASP K 102 13.31 32.32 5.43
N VAL K 103 14.36 32.11 6.22
CA VAL K 103 14.25 32.18 7.67
C VAL K 103 15.22 33.23 8.21
N GLY K 104 14.85 33.84 9.34
CA GLY K 104 15.73 34.76 10.00
C GLY K 104 16.81 34.05 10.78
N PRO K 105 17.66 34.85 11.43
CA PRO K 105 18.75 34.26 12.23
C PRO K 105 18.26 33.31 13.33
N ASP K 106 17.04 33.51 13.84
CA ASP K 106 16.47 32.64 14.87
C ASP K 106 15.82 31.38 14.30
N GLY K 107 15.68 31.29 12.98
CA GLY K 107 15.09 30.13 12.34
C GLY K 107 13.61 30.12 12.06
N ARG K 108 12.90 31.20 12.37
CA ARG K 108 11.48 31.33 12.03
C ARG K 108 11.31 31.84 10.61
N LEU K 109 10.20 31.44 9.99
CA LEU K 109 9.88 31.86 8.62
C LEU K 109 9.79 33.38 8.42
N LEU K 110 10.59 33.89 7.49
CA LEU K 110 10.50 35.28 7.04
C LEU K 110 9.56 35.42 5.86
N ARG K 111 9.66 34.54 4.87
CA ARG K 111 8.95 34.69 3.62
C ARG K 111 8.97 33.35 2.91
N GLY K 112 7.82 32.97 2.35
CA GLY K 112 7.71 31.80 1.49
C GLY K 112 7.54 32.20 0.05
N HIS K 113 8.05 31.35 -0.85
CA HIS K 113 7.95 31.59 -2.29
C HIS K 113 7.42 30.35 -2.98
N ASP K 114 6.65 30.57 -4.04
CA ASP K 114 6.16 29.48 -4.86
C ASP K 114 5.59 30.04 -6.16
N GLN K 115 6.37 29.99 -7.24
CA GLN K 115 5.99 30.65 -8.49
C GLN K 115 6.47 29.86 -9.71
N TYR K 116 5.92 30.21 -10.86
CA TYR K 116 6.07 29.46 -12.09
C TYR K 116 6.34 30.40 -13.27
N ALA K 117 7.03 29.88 -14.29
CA ALA K 117 7.14 30.52 -15.58
C ALA K 117 6.76 29.55 -16.68
N TYR K 118 6.14 30.06 -17.74
CA TYR K 118 5.84 29.27 -18.92
C TYR K 118 6.55 29.91 -20.11
N ASP K 119 7.45 29.17 -20.75
CA ASP K 119 8.29 29.70 -21.82
C ASP K 119 9.00 30.99 -21.41
N GLY K 120 9.47 31.02 -20.16
CA GLY K 120 10.32 32.09 -19.68
C GLY K 120 9.62 33.34 -19.17
N LYS K 121 8.29 33.36 -19.11
CA LYS K 121 7.54 34.48 -18.56
C LYS K 121 6.81 34.06 -17.30
N ASP K 122 6.81 34.97 -16.31
CA ASP K 122 6.00 34.82 -15.12
C ASP K 122 4.60 34.32 -15.46
N TYR K 123 4.16 33.28 -14.76
CA TYR K 123 2.84 32.74 -15.03
C TYR K 123 1.93 32.87 -13.83
N ILE K 124 2.26 32.26 -12.70
CA ILE K 124 1.49 32.45 -11.49
C ILE K 124 2.46 32.38 -10.31
N ALA K 125 2.11 33.12 -9.25
CA ALA K 125 2.94 33.20 -8.05
C ALA K 125 2.06 33.20 -6.81
N LEU K 126 2.51 32.49 -5.77
CA LEU K 126 1.85 32.57 -4.47
C LEU K 126 2.16 33.93 -3.85
N ASN K 127 1.14 34.60 -3.32
CA ASN K 127 1.35 35.89 -2.69
C ASN K 127 2.04 35.69 -1.34
N GLU K 128 2.53 36.80 -0.78
CA GLU K 128 3.23 36.73 0.50
C GLU K 128 2.34 36.21 1.63
N ASP K 129 1.02 36.46 1.58
CA ASP K 129 0.15 35.96 2.64
C ASP K 129 -0.10 34.46 2.52
N LEU K 130 0.47 33.80 1.50
CA LEU K 130 0.39 32.35 1.32
C LEU K 130 -1.06 31.85 1.35
N ARG K 131 -2.01 32.72 0.98
CA ARG K 131 -3.42 32.34 0.88
C ARG K 131 -4.07 32.76 -0.42
N SER K 132 -3.32 33.33 -1.37
CA SER K 132 -3.91 33.86 -2.60
C SER K 132 -2.85 33.92 -3.69
N TRP K 133 -3.30 34.08 -4.94
CA TRP K 133 -2.43 34.02 -6.11
C TRP K 133 -2.48 35.30 -6.94
N THR K 134 -1.34 35.62 -7.57
CA THR K 134 -1.23 36.64 -8.61
C THR K 134 -1.01 35.95 -9.96
N ALA K 135 -1.98 36.09 -10.86
CA ALA K 135 -1.93 35.54 -12.21
C ALA K 135 -1.42 36.57 -13.20
N ALA K 136 -0.53 36.15 -14.10
CA ALA K 136 0.03 37.07 -15.10
C ALA K 136 -0.81 37.16 -16.37
N ASP K 137 -1.89 36.39 -16.48
CA ASP K 137 -2.46 36.00 -17.76
C ASP K 137 -3.94 35.75 -17.62
N THR K 138 -4.65 35.85 -18.75
CA THR K 138 -5.96 35.22 -18.83
C THR K 138 -5.84 33.71 -18.67
N ALA K 139 -4.78 33.12 -19.21
CA ALA K 139 -4.54 31.69 -19.03
C ALA K 139 -4.23 31.37 -17.58
N ALA K 140 -3.36 32.15 -16.94
CA ALA K 140 -3.01 31.85 -15.56
C ALA K 140 -4.19 32.03 -14.60
N GLN K 141 -5.22 32.79 -14.99
CA GLN K 141 -6.42 32.91 -14.18
C GLN K 141 -7.21 31.61 -14.18
N ILE K 142 -7.12 30.82 -15.26
CA ILE K 142 -7.71 29.48 -15.24
C ILE K 142 -7.02 28.61 -14.19
N THR K 143 -5.68 28.59 -14.22
CA THR K 143 -4.94 27.91 -13.17
C THR K 143 -5.27 28.48 -11.79
N GLN K 144 -5.38 29.80 -11.68
CA GLN K 144 -5.73 30.39 -10.38
C GLN K 144 -7.08 29.88 -9.89
N ARG K 145 -8.10 29.91 -10.76
CA ARG K 145 -9.46 29.48 -10.39
C ARG K 145 -9.48 28.02 -9.97
N LYS K 146 -8.78 27.18 -10.67
CA LYS K 146 -8.74 25.79 -10.37
C LYS K 146 -8.04 25.54 -9.01
N TRP K 147 -6.99 26.29 -8.75
CA TRP K 147 -6.27 26.24 -7.47
C TRP K 147 -7.05 26.90 -6.33
N GLU K 148 -7.97 27.83 -6.63
CA GLU K 148 -8.86 28.32 -5.58
C GLU K 148 -9.89 27.27 -5.19
N ALA K 149 -10.47 26.55 -6.17
CA ALA K 149 -11.45 25.52 -5.81
C ALA K 149 -10.77 24.33 -5.10
N ALA K 150 -9.51 24.07 -5.42
CA ALA K 150 -8.74 23.03 -4.75
C ALA K 150 -8.19 23.48 -3.40
N ARG K 151 -8.27 24.78 -3.08
CA ARG K 151 -7.61 25.33 -1.89
C ARG K 151 -6.12 24.99 -1.92
N GLU K 152 -5.51 25.15 -3.10
CA GLU K 152 -4.09 24.82 -3.28
C GLU K 152 -3.22 25.67 -2.36
N ALA K 153 -3.57 26.95 -2.17
CA ALA K 153 -2.75 27.85 -1.36
C ALA K 153 -2.57 27.31 0.06
N GLU K 154 -3.64 26.72 0.63
CA GLU K 154 -3.53 26.16 1.98
C GLU K 154 -2.58 24.96 2.01
N GLN K 155 -2.47 24.23 0.91
CA GLN K 155 -1.52 23.12 0.86
C GLN K 155 -0.09 23.64 0.76
N ARG K 156 0.14 24.69 -0.02
CA ARG K 156 1.46 25.29 -0.07
C ARG K 156 1.85 25.85 1.29
N ARG K 157 0.91 26.49 1.99
CA ARG K 157 1.20 27.05 3.30
C ARG K 157 1.68 25.97 4.25
N ALA K 158 0.98 24.82 4.26
CA ALA K 158 1.35 23.67 5.10
C ALA K 158 2.83 23.32 4.94
N TYR K 159 3.32 23.27 3.68
CA TYR K 159 4.75 23.01 3.43
C TYR K 159 5.61 24.22 3.82
N LEU K 160 5.24 25.41 3.35
CA LEU K 160 6.13 26.56 3.51
C LEU K 160 6.28 26.96 4.97
N GLU K 161 5.21 26.84 5.77
CA GLU K 161 5.34 27.20 7.17
C GLU K 161 5.89 26.07 8.01
N GLY K 162 5.78 24.83 7.55
CA GLY K 162 6.18 23.71 8.36
C GLY K 162 7.47 23.08 7.89
N GLU K 163 7.36 22.02 7.09
CA GLU K 163 8.54 21.21 6.81
C GLU K 163 9.61 21.99 6.05
N CYS K 164 9.24 22.96 5.21
CA CYS K 164 10.27 23.76 4.56
C CYS K 164 11.20 24.38 5.58
N VAL K 165 10.65 25.15 6.51
CA VAL K 165 11.45 25.81 7.55
C VAL K 165 12.21 24.77 8.38
N GLU K 166 11.57 23.65 8.68
CA GLU K 166 12.14 22.67 9.59
C GLU K 166 13.31 21.90 8.97
N TRP K 167 13.20 21.52 7.70
CA TRP K 167 14.33 20.87 7.07
C TRP K 167 15.45 21.87 6.79
N LEU K 168 15.10 23.13 6.54
CA LEU K 168 16.13 24.15 6.42
C LEU K 168 16.90 24.24 7.73
N ARG K 169 16.20 24.16 8.87
CA ARG K 169 16.86 24.15 10.17
C ARG K 169 17.82 22.99 10.30
N ARG K 170 17.43 21.83 9.84
CA ARG K 170 18.25 20.66 9.93
C ARG K 170 19.49 20.71 9.08
N TYR K 171 19.39 21.15 7.85
CA TYR K 171 20.58 21.26 6.99
C TYR K 171 21.60 22.22 7.55
N LEU K 172 21.15 23.41 7.96
CA LEU K 172 22.05 24.39 8.55
C LEU K 172 22.87 23.86 9.72
N GLU K 173 22.25 23.03 10.56
CA GLU K 173 22.96 22.42 11.67
C GLU K 173 23.91 21.34 11.17
N ASN K 174 23.44 20.50 10.22
CA ASN K 174 24.24 19.41 9.67
C ASN K 174 25.45 19.97 8.91
N GLY K 175 25.27 21.13 8.27
CA GLY K 175 26.32 21.78 7.51
C GLY K 175 26.84 23.01 8.21
N LYS K 176 26.91 22.94 9.54
CA LYS K 176 27.35 24.07 10.35
C LYS K 176 28.58 24.77 9.80
N ASP K 177 29.66 24.01 9.60
CA ASP K 177 30.91 24.58 9.11
C ASP K 177 30.73 25.26 7.75
N LYS K 178 29.93 24.69 6.87
CA LYS K 178 30.03 25.03 5.45
C LYS K 178 28.93 25.95 4.97
N LEU K 179 27.86 26.13 5.74
CA LEU K 179 26.72 26.95 5.36
C LEU K 179 26.67 28.35 5.96
N GLU K 180 27.03 28.50 7.24
CA GLU K 180 27.15 29.81 7.85
C GLU K 180 28.41 30.54 7.43
N ARG K 181 29.37 29.80 6.87
CA ARG K 181 30.69 30.36 6.50
C ARG K 181 30.63 31.40 5.39
N ALA K 182 30.79 32.69 5.73
CA ALA K 182 30.91 33.74 4.72
C ALA K 182 32.40 33.88 4.44
N ASP K 183 32.81 33.52 3.22
CA ASP K 183 34.19 33.65 2.78
C ASP K 183 34.40 35.02 2.14
N PRO K 184 35.28 35.87 2.67
CA PRO K 184 35.41 37.23 2.13
C PRO K 184 36.12 37.22 0.78
N PRO K 185 35.82 38.18 -0.09
CA PRO K 185 36.52 38.24 -1.40
C PRO K 185 38.01 38.58 -1.26
N LYS K 186 38.85 37.83 -1.99
CA LYS K 186 40.21 38.27 -2.20
C LYS K 186 40.22 39.22 -3.41
N THR K 187 40.81 40.40 -3.23
CA THR K 187 40.59 41.50 -4.18
C THR K 187 41.92 42.09 -4.64
N HIS K 188 41.90 42.61 -5.88
CA HIS K 188 43.03 43.35 -6.43
C HIS K 188 42.56 44.08 -7.70
N VAL K 189 43.31 45.13 -8.06
CA VAL K 189 43.07 45.94 -9.25
C VAL K 189 44.18 45.69 -10.26
N THR K 190 43.81 45.61 -11.55
CA THR K 190 44.77 45.51 -12.64
C THR K 190 44.62 46.70 -13.58
N HIS K 191 45.71 46.95 -14.34
CA HIS K 191 45.83 48.08 -15.24
C HIS K 191 46.12 47.57 -16.65
N HIS K 192 45.30 47.97 -17.62
CA HIS K 192 45.43 47.52 -19.01
C HIS K 192 45.32 48.71 -19.98
N PRO K 193 46.43 49.17 -20.56
CA PRO K 193 46.34 50.29 -21.51
C PRO K 193 45.61 49.93 -22.80
N ILE K 194 44.79 50.86 -23.27
CA ILE K 194 44.13 50.75 -24.58
C ILE K 194 44.94 51.46 -25.66
N SER K 195 45.36 52.69 -25.39
CA SER K 195 46.09 53.53 -26.33
C SER K 195 47.18 54.25 -25.56
N ASP K 196 47.74 55.31 -26.14
CA ASP K 196 48.74 56.10 -25.43
C ASP K 196 48.20 56.78 -24.18
N HIS K 197 46.92 57.16 -24.18
CA HIS K 197 46.37 57.94 -23.09
C HIS K 197 45.11 57.33 -22.46
N GLU K 198 44.67 56.14 -22.89
CA GLU K 198 43.51 55.48 -22.33
C GLU K 198 43.95 54.20 -21.63
N ALA K 199 43.31 53.89 -20.51
CA ALA K 199 43.53 52.63 -19.82
C ALA K 199 42.25 52.17 -19.13
N THR K 200 42.10 50.85 -19.06
CA THR K 200 41.02 50.21 -18.31
C THR K 200 41.52 49.76 -16.95
N LEU K 201 40.82 50.15 -15.89
CA LEU K 201 41.04 49.64 -14.54
C LEU K 201 40.01 48.57 -14.23
N ARG K 202 40.48 47.40 -13.80
CA ARG K 202 39.63 46.25 -13.54
C ARG K 202 39.70 45.89 -12.05
N CYS K 203 38.55 45.89 -11.39
CA CYS K 203 38.45 45.55 -9.98
C CYS K 203 38.02 44.10 -9.84
N TRP K 204 38.89 43.26 -9.28
CA TRP K 204 38.65 41.83 -9.17
C TRP K 204 38.23 41.46 -7.75
N ALA K 205 37.17 40.67 -7.64
CA ALA K 205 36.84 40.00 -6.38
C ALA K 205 36.85 38.51 -6.67
N LEU K 206 37.64 37.75 -5.88
CA LEU K 206 37.84 36.34 -6.16
C LEU K 206 37.60 35.51 -4.91
N GLY K 207 37.17 34.26 -5.13
CA GLY K 207 37.08 33.27 -4.06
C GLY K 207 36.14 33.56 -2.90
N PHE K 208 35.02 34.24 -3.15
CA PHE K 208 34.08 34.64 -2.10
C PHE K 208 32.81 33.78 -2.12
N TYR K 209 32.13 33.72 -0.96
CA TYR K 209 30.84 33.01 -0.80
C TYR K 209 30.13 33.76 0.32
N PRO K 210 28.84 34.08 0.18
CA PRO K 210 27.95 33.77 -0.94
C PRO K 210 28.12 34.71 -2.14
N ALA K 211 27.30 34.52 -3.16
CA ALA K 211 27.48 35.22 -4.43
C ALA K 211 27.20 36.70 -4.30
N GLU K 212 26.30 37.09 -3.39
CA GLU K 212 25.90 38.49 -3.24
C GLU K 212 27.10 39.37 -2.96
N ILE K 213 27.26 40.41 -3.78
CA ILE K 213 28.42 41.29 -3.70
C ILE K 213 28.13 42.55 -4.51
N THR K 214 28.73 43.67 -4.12
CA THR K 214 28.60 44.91 -4.88
C THR K 214 29.99 45.50 -5.13
N LEU K 215 30.32 45.65 -6.41
CA LEU K 215 31.53 46.33 -6.82
C LEU K 215 31.09 47.66 -7.43
N THR K 216 31.71 48.74 -6.98
CA THR K 216 31.36 50.06 -7.48
C THR K 216 32.62 50.87 -7.68
N TRP K 217 32.79 51.40 -8.89
CA TRP K 217 33.89 52.29 -9.18
C TRP K 217 33.45 53.72 -8.93
N GLN K 218 34.34 54.50 -8.33
CA GLN K 218 34.07 55.91 -8.09
C GLN K 218 35.24 56.75 -8.56
N ARG K 219 34.94 57.83 -9.27
CA ARG K 219 35.92 58.88 -9.56
C ARG K 219 35.69 60.01 -8.56
N ASP K 220 36.68 60.22 -7.68
CA ASP K 220 36.63 61.26 -6.65
C ASP K 220 35.41 61.12 -5.75
N GLY K 221 34.98 59.88 -5.51
CA GLY K 221 33.83 59.60 -4.69
C GLY K 221 32.51 59.68 -5.40
N GLU K 222 32.50 60.05 -6.67
CA GLU K 222 31.26 60.14 -7.43
C GLU K 222 31.02 58.81 -8.15
N ASP K 223 29.84 58.24 -7.93
CA ASP K 223 29.52 56.92 -8.45
C ASP K 223 29.47 56.93 -9.97
N GLN K 224 30.12 55.93 -10.57
CA GLN K 224 30.16 55.77 -12.03
C GLN K 224 29.10 54.76 -12.47
N THR K 225 27.83 55.16 -12.28
CA THR K 225 26.71 54.27 -12.61
C THR K 225 26.83 53.76 -14.05
N GLN K 226 26.76 54.67 -15.00
CA GLN K 226 27.18 54.40 -16.36
C GLN K 226 28.70 54.55 -16.45
N ASP K 227 29.26 54.02 -17.55
CA ASP K 227 30.69 54.01 -17.88
C ASP K 227 31.48 52.89 -17.20
N THR K 228 30.82 52.05 -16.40
CA THR K 228 31.46 50.90 -15.75
C THR K 228 30.91 49.62 -16.34
N GLU K 229 31.78 48.79 -16.91
CA GLU K 229 31.38 47.46 -17.34
C GLU K 229 31.36 46.47 -16.17
N LEU K 230 30.28 45.71 -16.07
CA LEU K 230 30.04 44.80 -14.97
C LEU K 230 29.75 43.42 -15.55
N VAL K 231 30.51 42.40 -15.13
CA VAL K 231 30.20 41.03 -15.56
C VAL K 231 29.29 40.37 -14.55
N GLU K 232 28.48 39.45 -15.04
CA GLU K 232 27.70 38.59 -14.18
C GLU K 232 28.62 37.86 -13.20
N THR K 233 28.21 37.80 -11.93
CA THR K 233 28.92 36.97 -10.97
C THR K 233 28.93 35.53 -11.46
N ARG K 234 30.06 34.86 -11.32
CA ARG K 234 30.25 33.56 -11.94
C ARG K 234 30.82 32.59 -10.92
N PRO K 235 30.51 31.31 -11.02
CA PRO K 235 31.05 30.34 -10.07
C PRO K 235 32.46 29.92 -10.46
N ALA K 236 33.34 29.89 -9.46
CA ALA K 236 34.70 29.40 -9.71
C ALA K 236 34.73 27.89 -9.87
N GLY K 237 33.66 27.19 -9.50
CA GLY K 237 33.61 25.74 -9.55
C GLY K 237 34.06 25.04 -8.28
N ASP K 238 34.36 25.78 -7.22
CA ASP K 238 34.72 25.22 -5.92
C ASP K 238 33.89 25.78 -4.77
N ARG K 239 32.61 26.05 -5.01
CA ARG K 239 31.65 26.64 -4.08
C ARG K 239 31.94 28.11 -3.78
N THR K 240 32.89 28.73 -4.47
CA THR K 240 33.04 30.18 -4.41
C THR K 240 32.67 30.86 -5.72
N PHE K 241 32.67 32.19 -5.70
CA PHE K 241 32.21 32.99 -6.82
C PHE K 241 33.25 34.05 -7.17
N GLN K 242 33.14 34.57 -8.39
CA GLN K 242 34.01 35.60 -8.91
C GLN K 242 33.17 36.70 -9.57
N LYS K 243 33.75 37.90 -9.63
CA LYS K 243 33.12 39.04 -10.27
C LYS K 243 34.17 40.11 -10.50
N TRP K 244 34.03 40.88 -11.59
CA TRP K 244 34.87 42.03 -11.76
C TRP K 244 34.08 43.19 -12.35
N ALA K 245 34.59 44.41 -12.09
CA ALA K 245 34.07 45.64 -12.67
C ALA K 245 35.21 46.45 -13.28
N ALA K 246 34.93 47.12 -14.40
CA ALA K 246 35.98 47.81 -15.14
C ALA K 246 35.49 49.17 -15.58
N VAL K 247 36.43 50.13 -15.61
CA VAL K 247 36.19 51.47 -16.14
C VAL K 247 37.35 51.86 -17.03
N VAL K 248 37.06 52.59 -18.11
CA VAL K 248 38.09 53.19 -18.95
C VAL K 248 38.42 54.56 -18.39
N VAL K 249 39.68 54.79 -18.04
CA VAL K 249 40.08 56.01 -17.36
C VAL K 249 41.15 56.73 -18.17
N PRO K 250 41.23 58.05 -18.11
CA PRO K 250 42.34 58.76 -18.78
C PRO K 250 43.67 58.43 -18.12
N SER K 251 44.65 58.04 -18.94
CA SER K 251 46.00 57.83 -18.44
C SER K 251 46.52 59.12 -17.79
N GLY K 252 47.16 58.96 -16.64
CA GLY K 252 47.64 60.08 -15.85
C GLY K 252 46.83 60.43 -14.61
N GLU K 253 45.51 60.21 -14.68
CA GLU K 253 44.61 60.48 -13.57
C GLU K 253 43.90 59.21 -13.08
N GLU K 254 44.67 58.15 -12.88
CA GLU K 254 44.14 56.88 -12.41
C GLU K 254 44.05 56.88 -10.90
N GLN K 255 44.79 57.77 -10.24
CA GLN K 255 44.76 57.85 -8.78
C GLN K 255 43.48 58.35 -8.17
N ARG K 256 42.63 59.03 -8.94
CA ARG K 256 41.35 59.49 -8.47
C ARG K 256 40.23 58.45 -8.51
N TYR K 257 40.46 57.31 -9.15
CA TYR K 257 39.43 56.28 -9.30
C TYR K 257 39.50 55.41 -8.07
N THR K 258 38.34 54.99 -7.57
CA THR K 258 38.28 54.16 -6.37
C THR K 258 37.27 53.03 -6.59
N CYS K 259 37.62 51.83 -6.10
CA CYS K 259 36.77 50.65 -6.24
C CYS K 259 36.28 50.31 -4.84
N HIS K 260 34.95 50.21 -4.70
CA HIS K 260 34.29 49.94 -3.43
C HIS K 260 33.70 48.53 -3.49
N VAL K 261 34.14 47.66 -2.59
CA VAL K 261 33.69 46.27 -2.54
C VAL K 261 32.91 46.07 -1.25
N GLN K 262 31.66 45.66 -1.39
CA GLN K 262 30.80 45.32 -0.26
C GLN K 262 30.48 43.83 -0.31
N HIS K 263 30.66 43.15 0.80
CA HIS K 263 30.36 41.73 0.88
C HIS K 263 30.16 41.40 2.35
N GLU K 264 29.28 40.43 2.61
CA GLU K 264 28.90 40.12 3.99
C GLU K 264 30.07 39.58 4.81
N GLY K 265 30.99 38.86 4.19
CA GLY K 265 32.14 38.27 4.88
C GLY K 265 33.31 39.21 5.12
N LEU K 266 33.17 40.51 4.80
CA LEU K 266 34.20 41.51 4.99
C LEU K 266 33.92 42.26 6.27
N PRO K 267 34.93 42.45 7.11
CA PRO K 267 34.73 43.23 8.34
C PRO K 267 34.05 44.56 8.07
N LYS K 268 34.41 45.22 6.98
CA LYS K 268 33.77 46.47 6.52
C LYS K 268 34.12 46.67 5.02
N PRO K 269 33.35 47.50 4.32
CA PRO K 269 33.60 47.71 2.89
C PRO K 269 35.04 48.07 2.59
N LEU K 270 35.60 47.39 1.59
CA LEU K 270 36.95 47.63 1.13
C LEU K 270 36.98 48.78 0.13
N THR K 271 38.04 49.59 0.21
CA THR K 271 38.36 50.59 -0.80
C THR K 271 39.64 50.16 -1.49
N LEU K 272 39.60 50.05 -2.82
CA LEU K 272 40.69 49.46 -3.59
C LEU K 272 41.18 50.44 -4.66
N ARG K 273 42.49 50.43 -4.90
CA ARG K 273 43.08 51.26 -5.95
C ARG K 273 44.33 50.57 -6.48
N TRP K 274 44.66 50.87 -7.72
CA TRP K 274 45.92 50.43 -8.32
C TRP K 274 47.00 51.40 -7.87
N GLU K 275 48.12 50.89 -7.36
CA GLU K 275 48.50 49.49 -7.37
C GLU K 275 48.15 48.80 -6.04
N HIS L 1 14.34 19.44 1.73
CA HIS L 1 13.26 18.52 1.40
C HIS L 1 12.31 19.20 0.38
N PRO L 2 12.13 18.56 -0.79
CA PRO L 2 11.19 19.10 -1.78
C PRO L 2 9.75 19.05 -1.28
N ASN L 3 8.88 19.84 -1.91
CA ASN L 3 7.48 19.90 -1.48
C ASN L 3 6.74 18.72 -2.13
N GLY L 4 6.62 17.63 -1.38
CA GLY L 4 5.85 16.51 -1.87
C GLY L 4 4.36 16.78 -1.91
N TYR L 5 3.88 17.71 -1.07
CA TYR L 5 2.44 17.95 -0.96
C TYR L 5 1.83 18.35 -2.31
N LYS L 6 2.57 19.13 -3.11
CA LYS L 6 2.00 19.66 -4.33
C LYS L 6 2.33 18.80 -5.56
N SER L 7 2.96 17.63 -5.35
CA SER L 7 3.45 16.80 -6.46
C SER L 7 2.33 16.24 -7.35
N LEU L 8 1.07 16.38 -6.98
CA LEU L 8 -0.05 15.97 -7.86
C LEU L 8 -0.87 17.14 -8.38
N SER L 9 -0.52 18.39 -8.06
CA SER L 9 -1.36 19.54 -8.37
C SER L 9 -0.95 20.10 -9.74
N THR L 10 -1.83 19.90 -10.71
CA THR L 10 -1.63 20.30 -12.08
C THR L 10 -1.99 21.77 -12.29
N LEU L 11 -1.34 22.41 -13.26
CA LEU L 11 -1.68 23.80 -13.61
C LEU L 11 -2.93 23.92 -14.51
C1 EDO M . -37.49 -4.41 8.86
O1 EDO M . -38.65 -3.90 9.43
C2 EDO M . -37.06 -5.47 9.80
O2 EDO M . -36.17 -6.26 9.11
H11 EDO M . -37.69 -4.84 7.88
H12 EDO M . -36.72 -3.65 8.77
HO1 EDO M . -39.00 -3.19 8.87
H21 EDO M . -36.58 -5.03 10.68
H22 EDO M . -37.93 -6.06 10.12
HO2 EDO M . -35.85 -6.96 9.68
C1 PEG N . -29.00 11.88 26.11
O1 PEG N . -30.38 12.23 25.81
C2 PEG N . -28.58 10.55 25.51
O2 PEG N . -29.23 9.42 26.07
C3 PEG N . -30.12 8.90 25.12
C4 PEG N . -31.52 9.24 25.55
O4 PEG N . -32.46 9.07 24.53
H11 PEG N . -28.35 12.67 25.74
H12 PEG N . -28.87 11.84 27.20
HO1 PEG N . -30.59 13.09 26.22
H21 PEG N . -28.76 10.58 24.44
H22 PEG N . -27.49 10.44 25.64
H31 PEG N . -29.92 9.34 24.14
H32 PEG N . -29.99 7.82 25.05
H41 PEG N . -31.79 8.60 26.41
H42 PEG N . -31.55 10.27 25.90
HO4 PEG N . -33.35 9.30 24.87
C1 EDO O . 6.74 2.95 20.20
O1 EDO O . 5.47 2.51 20.56
C2 EDO O . 7.69 1.78 20.30
O2 EDO O . 9.02 2.23 20.15
H11 EDO O . 6.66 3.30 19.19
H12 EDO O . 7.06 3.77 20.85
HO1 EDO O . 5.02 3.22 21.03
H21 EDO O . 7.58 1.28 21.26
H22 EDO O . 7.46 1.06 19.51
HO2 EDO O . 9.63 1.47 20.23
C1 EDO P . -4.94 17.90 1.70
O1 EDO P . -6.16 18.43 1.27
C2 EDO P . -4.63 16.55 1.10
O2 EDO P . -4.07 16.68 -0.16
H11 EDO P . -4.14 18.59 1.44
H12 EDO P . -4.95 17.81 2.79
HO1 EDO P . -6.30 19.30 1.69
H21 EDO P . -3.93 16.02 1.75
H22 EDO P . -5.54 15.96 1.05
HO2 EDO P . -3.88 15.81 -0.52
C1 EDO Q . 26.17 -2.16 33.80
O1 EDO Q . 26.70 -3.43 34.10
C2 EDO Q . 26.48 -1.18 34.87
O2 EDO Q . 25.49 -0.21 34.87
H11 EDO Q . 26.58 -1.80 32.86
H12 EDO Q . 25.09 -2.23 33.68
HO1 EDO Q . 27.52 -3.56 33.61
H21 EDO Q . 26.51 -1.69 35.84
H22 EDO Q . 27.46 -0.73 34.70
HO2 EDO Q . 25.67 0.45 35.56
C1 EDO R . 28.56 -10.36 30.60
O1 EDO R . 28.49 -9.31 29.65
C2 EDO R . 29.87 -11.07 30.86
O2 EDO R . 31.01 -10.23 31.06
H11 EDO R . 28.15 -9.89 31.49
H12 EDO R . 27.90 -11.12 30.21
HO1 EDO R . 27.60 -8.95 29.65
H21 EDO R . 29.77 -11.73 31.72
H22 EDO R . 30.09 -11.72 30.00
HO2 EDO R . 31.81 -10.78 31.19
C1 EDO S . -9.17 -18.25 42.90
O1 EDO S . -9.08 -19.05 44.04
C2 EDO S . -10.17 -17.12 42.99
O2 EDO S . -9.67 -15.97 43.63
H11 EDO S . -8.18 -17.83 42.68
H12 EDO S . -9.43 -18.88 42.05
HO1 EDO S . -8.43 -19.75 43.90
H21 EDO S . -10.50 -16.85 42.00
H22 EDO S . -11.05 -17.47 43.55
HO2 EDO S . -10.36 -15.29 43.66
#